data_9MQ1
#
_entry.id   9MQ1
#
_cell.length_a   1.00
_cell.length_b   1.00
_cell.length_c   1.00
_cell.angle_alpha   90.00
_cell.angle_beta   90.00
_cell.angle_gamma   90.00
#
_symmetry.space_group_name_H-M   'P 1'
#
loop_
_entity.id
_entity.type
_entity.pdbx_description
1 polymer '20D10 Heavy Chain Fab'
2 polymer '20D10 Light Chain Fab'
3 polymer 'Hemagglutinin HA1'
4 polymer 'Hemagglutinin HA2'
5 non-polymer 2-acetamido-2-deoxy-beta-D-glucopyranose
#
loop_
_entity_poly.entity_id
_entity_poly.type
_entity_poly.pdbx_seq_one_letter_code
_entity_poly.pdbx_strand_id
1 'polypeptide(L)'
;VQLQESGPGLVKPSETLSLTCTVSGGSISSYYWSWIRQPPGKGLEWIGSIYYSGSTNYNPSLKSLSIISVDTSKNQFSLK
LNSVTAADTAVYYCARELASTGPLYYYYGMDVWGQGTTVTVS
;
H
2 'polypeptide(L)'
;DIVMTQSPLSLPVTPGEPASISCRSSQSLLHSIGYTYLDWYLQKPGQSPKLLIYLGTDRAPGVPDRFSGSGSGTDFTLKI
SRVEAEDVGVYYCMQALQTPYTFGQGTKLEIK
;
L
3 'polypeptide(L)'
;MENIVLLLAIVNLVKSDQICIGYHANNSTEQVDTIMEKNVTVTHAQDILEKTHNGKLCDLNGVKPLILKDCSVAGWLLGN
PMCDEFIRVPEWSYIVERDNPANDLCYPGSLNDYEELKHLLSRINHFEKILIIPKSSWPNHETSLGVSAACPYQGAPSFF
RNVVWLIKKDDAYPTIKISYNNTNREDLLILWGIHHSNNAEEQTNLYKNPTTYISVGTSTLNQRLVPKIATRSQVNGQRG
RMDFFWTILKPDDAIHFESNGNFIAPEYAYKIVKKGDSTIMKSGVEYGHCNTKCQTPVGAINSSMPFHNIHPLTIGECPK
YVKSNKLVLATGLRNSPPREKRRKR
;
B,A,C
4 'polypeptide(L)'
;GLFGAIAGFIEGGWQGMVDGWYGYHHSNEQGSGYAADKESTQKAIDGVTNKVNSIIDKMNTQFEAVGREFNNLERRIENL
NKKMEDGFLDVWTYNAELLVLMENERTLDFHDSNVKNLYDKVRLQLRDNAKELGNGCFEFYHKCDNECMESVRNGTYYYP
QYSEEARLKREEISGVGYIPEAPRDGQAYVRKDGEWVLLSTFLGSENLYFQGGSHHHHHH
;
b,a,c
#
loop_
_chem_comp.id
_chem_comp.type
_chem_comp.name
_chem_comp.formula
NAG D-saccharide, beta linking 2-acetamido-2-deoxy-beta-D-glucopyranose 'C8 H15 N O6'
#
# COMPACT_ATOMS: atom_id res chain seq x y z
N VAL A 1 37.72 20.75 -36.31
CA VAL A 1 38.81 21.03 -35.39
C VAL A 1 40.09 20.44 -35.95
N GLN A 2 41.12 21.27 -36.09
CA GLN A 2 42.42 20.83 -36.54
C GLN A 2 43.50 21.44 -35.65
N LEU A 3 44.63 20.74 -35.58
CA LEU A 3 45.77 21.10 -34.75
C LEU A 3 46.97 21.41 -35.64
N GLN A 4 47.64 22.54 -35.38
CA GLN A 4 48.81 23.01 -36.15
C GLN A 4 50.08 23.17 -35.31
N GLU A 5 51.03 22.22 -35.42
CA GLU A 5 52.27 22.31 -34.66
C GLU A 5 53.25 23.29 -35.32
N SER A 6 53.70 24.28 -34.56
CA SER A 6 54.71 25.24 -35.00
C SER A 6 56.00 24.87 -34.28
N GLY A 7 57.07 24.56 -35.02
CA GLY A 7 58.29 24.04 -34.44
C GLY A 7 59.54 24.85 -34.74
N PRO A 8 60.61 24.66 -33.95
CA PRO A 8 61.86 25.38 -34.26
C PRO A 8 62.55 24.83 -35.49
N GLY A 9 62.62 23.51 -35.61
CA GLY A 9 63.23 22.79 -36.71
C GLY A 9 64.64 22.29 -36.45
N LEU A 10 65.34 22.86 -35.47
CA LEU A 10 66.63 22.37 -35.05
C LEU A 10 67.00 23.03 -33.73
N VAL A 11 67.78 22.32 -32.92
CA VAL A 11 68.23 22.82 -31.61
C VAL A 11 69.55 22.14 -31.26
N LYS A 12 70.52 22.92 -30.80
CA LYS A 12 71.77 22.35 -30.31
C LYS A 12 71.50 21.74 -28.93
N PRO A 13 72.35 20.80 -28.45
CA PRO A 13 71.99 20.04 -27.24
C PRO A 13 71.69 20.86 -25.98
N SER A 14 72.42 21.94 -25.72
CA SER A 14 72.28 22.64 -24.43
C SER A 14 70.88 23.22 -24.21
N GLU A 15 70.27 23.83 -25.21
CA GLU A 15 69.04 24.58 -24.99
C GLU A 15 67.80 23.69 -25.01
N THR A 16 66.65 24.32 -24.74
CA THR A 16 65.33 23.69 -24.71
C THR A 16 64.53 23.98 -25.97
N LEU A 17 64.03 22.93 -26.63
CA LEU A 17 63.20 23.11 -27.80
C LEU A 17 61.97 23.94 -27.44
N SER A 18 61.35 24.57 -28.46
CA SER A 18 60.20 25.46 -28.30
C SER A 18 59.16 25.02 -29.33
N LEU A 19 58.47 23.92 -29.07
CA LEU A 19 57.53 23.34 -30.02
C LEU A 19 56.10 23.58 -29.54
N THR A 20 55.38 24.49 -30.21
CA THR A 20 54.00 24.83 -29.85
C THR A 20 53.04 24.08 -30.77
N CYS A 21 51.80 23.88 -30.29
CA CYS A 21 50.70 23.39 -31.11
C CYS A 21 49.46 24.23 -30.82
N THR A 22 48.87 24.78 -31.88
CA THR A 22 47.74 25.70 -31.80
C THR A 22 46.48 25.04 -32.34
N VAL A 23 45.41 25.14 -31.56
CA VAL A 23 44.10 24.62 -31.96
C VAL A 23 43.45 25.65 -32.87
N SER A 24 43.18 25.26 -34.12
CA SER A 24 42.48 26.10 -35.09
C SER A 24 41.22 25.38 -35.55
N GLY A 25 40.11 26.12 -35.61
CA GLY A 25 38.83 25.53 -35.94
C GLY A 25 38.12 24.84 -34.79
N GLY A 26 38.51 25.11 -33.55
CA GLY A 26 37.86 24.47 -32.43
C GLY A 26 38.21 25.16 -31.13
N SER A 27 37.84 24.51 -30.03
CA SER A 27 38.03 25.02 -28.69
C SER A 27 39.01 24.15 -27.91
N ILE A 28 39.68 24.77 -26.94
CA ILE A 28 40.65 24.07 -26.10
C ILE A 28 40.01 23.34 -24.93
N SER A 29 38.75 23.63 -24.60
CA SER A 29 38.16 23.17 -23.36
C SER A 29 37.76 21.70 -23.39
N SER A 30 37.83 21.08 -22.21
CA SER A 30 37.18 19.81 -21.89
C SER A 30 37.76 18.62 -22.66
N TYR A 31 39.03 18.66 -23.05
CA TYR A 31 39.68 17.55 -23.73
C TYR A 31 41.13 17.48 -23.32
N TYR A 32 41.67 16.27 -23.16
CA TYR A 32 43.07 16.12 -22.85
C TYR A 32 43.91 16.46 -24.07
N TRP A 33 45.03 17.14 -23.84
CA TRP A 33 45.93 17.60 -24.91
C TRP A 33 47.28 16.94 -24.66
N SER A 34 47.65 15.97 -25.50
CA SER A 34 48.82 15.14 -25.24
C SER A 34 49.82 15.13 -26.39
N TRP A 35 51.10 15.21 -26.02
CA TRP A 35 52.20 15.15 -26.96
C TRP A 35 52.65 13.71 -27.11
N ILE A 36 52.91 13.32 -28.35
CA ILE A 36 53.42 11.98 -28.67
C ILE A 36 54.63 12.10 -29.58
N ARG A 37 55.75 11.53 -29.15
CA ARG A 37 56.99 11.60 -29.91
C ARG A 37 57.07 10.41 -30.86
N GLN A 38 57.83 10.58 -31.94
CA GLN A 38 58.12 9.50 -32.88
C GLN A 38 59.61 9.59 -33.23
N PRO A 39 60.48 8.81 -32.61
CA PRO A 39 61.86 8.76 -33.08
C PRO A 39 61.94 8.01 -34.40
N PRO A 40 62.97 8.23 -35.23
CA PRO A 40 63.03 7.49 -36.51
C PRO A 40 63.20 5.98 -36.35
N GLY A 41 62.16 5.23 -36.69
CA GLY A 41 62.25 3.77 -36.69
C GLY A 41 62.29 3.12 -35.33
N LYS A 42 61.80 3.80 -34.28
CA LYS A 42 61.74 3.26 -32.92
C LYS A 42 60.33 3.34 -32.35
N GLY A 43 59.33 3.33 -33.22
CA GLY A 43 57.95 3.38 -32.79
C GLY A 43 57.50 4.76 -32.35
N LEU A 44 56.45 4.77 -31.53
CA LEU A 44 55.82 5.98 -31.03
C LEU A 44 55.94 6.01 -29.51
N GLU A 45 56.35 7.15 -28.96
CA GLU A 45 56.51 7.35 -27.52
C GLU A 45 55.66 8.50 -27.03
N TRP A 46 54.91 8.27 -25.95
CA TRP A 46 54.03 9.27 -25.35
C TRP A 46 54.84 10.16 -24.42
N ILE A 47 54.96 11.44 -24.76
CA ILE A 47 55.72 12.37 -23.91
C ILE A 47 54.93 12.72 -22.66
N GLY A 48 53.70 13.19 -22.84
CA GLY A 48 52.92 13.63 -21.69
C GLY A 48 51.50 13.97 -22.09
N SER A 49 50.75 14.47 -21.12
CA SER A 49 49.34 14.81 -21.32
C SER A 49 48.95 15.85 -20.29
N ILE A 50 48.34 16.94 -20.75
CA ILE A 50 47.91 18.05 -19.91
C ILE A 50 46.41 18.23 -20.08
N TYR A 51 45.68 18.15 -18.97
CA TYR A 51 44.30 18.58 -18.91
C TYR A 51 44.30 20.11 -18.87
N TYR A 52 43.27 20.73 -19.47
CA TYR A 52 43.26 22.18 -19.63
C TYR A 52 43.41 22.91 -18.30
N SER A 53 42.70 22.45 -17.26
CA SER A 53 42.80 23.08 -15.95
C SER A 53 44.21 22.90 -15.38
N GLY A 54 44.77 21.70 -15.49
CA GLY A 54 46.06 21.39 -14.90
C GLY A 54 46.37 19.90 -14.97
N SER A 55 46.96 19.35 -13.92
CA SER A 55 47.15 17.90 -13.81
C SER A 55 48.08 17.37 -14.91
N THR A 56 49.19 18.05 -15.12
CA THR A 56 50.19 17.60 -16.09
C THR A 56 50.71 16.22 -15.71
N ASN A 57 50.82 15.34 -16.70
CA ASN A 57 51.35 13.99 -16.54
C ASN A 57 52.48 13.78 -17.54
N TYR A 58 53.67 13.45 -17.03
CA TYR A 58 54.87 13.28 -17.85
C TYR A 58 55.05 11.79 -18.14
N ASN A 59 56.18 11.44 -18.75
CA ASN A 59 56.52 10.08 -19.10
C ASN A 59 57.61 9.61 -18.13
N PRO A 60 57.41 8.60 -17.29
CA PRO A 60 58.50 8.19 -16.39
C PRO A 60 59.73 7.65 -17.10
N SER A 61 59.55 7.00 -18.26
CA SER A 61 60.65 6.34 -18.96
C SER A 61 61.82 7.27 -19.24
N LEU A 62 61.54 8.53 -19.59
CA LEU A 62 62.56 9.55 -19.80
C LEU A 62 62.14 10.82 -19.09
N LYS A 63 63.10 11.45 -18.41
CA LYS A 63 62.91 12.76 -17.78
C LYS A 63 63.91 13.72 -18.41
N SER A 64 63.40 14.73 -19.12
CA SER A 64 64.21 15.72 -19.81
C SER A 64 63.68 17.13 -19.54
N LEU A 65 63.50 17.46 -18.26
CA LEU A 65 62.99 18.75 -17.80
C LEU A 65 61.71 19.12 -18.55
N SER A 66 60.83 18.13 -18.72
CA SER A 66 59.62 18.34 -19.49
C SER A 66 58.73 19.36 -18.79
N ILE A 67 58.31 20.38 -19.53
CA ILE A 67 57.36 21.37 -19.04
C ILE A 67 56.28 21.53 -20.10
N ILE A 68 55.35 20.58 -20.14
CA ILE A 68 54.15 20.76 -20.95
C ILE A 68 53.42 21.98 -20.44
N SER A 69 53.00 22.84 -21.37
CA SER A 69 52.42 24.14 -21.06
C SER A 69 51.07 24.25 -21.78
N VAL A 70 50.16 25.01 -21.19
CA VAL A 70 48.81 25.17 -21.72
C VAL A 70 48.36 26.61 -21.47
N ASP A 71 47.65 27.18 -22.44
CA ASP A 71 47.07 28.51 -22.31
C ASP A 71 45.81 28.54 -23.14
N THR A 72 44.71 28.95 -22.49
CA THR A 72 43.39 28.91 -23.10
C THR A 72 43.07 30.18 -23.88
N SER A 73 43.50 31.33 -23.37
CA SER A 73 43.21 32.62 -24.01
C SER A 73 43.65 32.65 -25.47
N LYS A 74 44.83 32.10 -25.75
CA LYS A 74 45.36 32.01 -27.10
C LYS A 74 45.03 30.70 -27.80
N ASN A 75 44.34 29.77 -27.12
CA ASN A 75 44.01 28.44 -27.64
C ASN A 75 45.30 27.74 -28.13
N GLN A 76 46.22 27.55 -27.19
CA GLN A 76 47.53 27.00 -27.53
C GLN A 76 48.05 26.15 -26.38
N PHE A 77 48.78 25.09 -26.72
CA PHE A 77 49.55 24.34 -25.74
C PHE A 77 50.93 24.09 -26.33
N SER A 78 51.94 24.03 -25.46
CA SER A 78 53.34 24.07 -25.89
C SER A 78 54.17 23.02 -25.17
N LEU A 79 55.28 22.65 -25.82
CA LEU A 79 56.24 21.69 -25.32
C LEU A 79 57.62 22.33 -25.26
N LYS A 80 58.35 21.98 -24.20
CA LYS A 80 59.75 22.36 -24.01
C LYS A 80 60.49 21.15 -23.46
N LEU A 81 61.66 20.83 -24.04
CA LEU A 81 62.47 19.67 -23.65
C LEU A 81 63.92 20.08 -23.37
N ASN A 82 64.15 20.75 -22.25
CA ASN A 82 65.52 21.13 -21.91
C ASN A 82 66.33 19.91 -21.53
N SER A 83 67.66 20.09 -21.54
CA SER A 83 68.64 19.03 -21.30
C SER A 83 68.62 18.00 -22.43
N VAL A 84 68.28 18.43 -23.64
CA VAL A 84 68.25 17.51 -24.78
C VAL A 84 69.68 17.05 -25.06
N THR A 85 69.81 15.80 -25.53
CA THR A 85 71.11 15.16 -25.69
C THR A 85 71.17 14.34 -26.98
N ALA A 86 70.46 14.78 -28.02
CA ALA A 86 70.48 14.22 -29.37
C ALA A 86 69.80 12.86 -29.46
N ALA A 87 69.17 12.38 -28.39
CA ALA A 87 68.35 11.17 -28.45
C ALA A 87 66.88 11.49 -28.69
N ASP A 88 66.50 12.78 -28.73
CA ASP A 88 65.12 13.20 -28.85
C ASP A 88 64.71 13.54 -30.27
N THR A 89 65.56 13.24 -31.27
CA THR A 89 65.22 13.48 -32.67
C THR A 89 63.91 12.79 -32.99
N ALA A 90 62.92 13.57 -33.38
CA ALA A 90 61.57 13.04 -33.49
C ALA A 90 60.73 13.84 -34.46
N VAL A 91 59.82 13.13 -35.13
CA VAL A 91 58.76 13.76 -35.91
C VAL A 91 57.58 13.97 -34.96
N TYR A 92 57.73 14.94 -34.04
CA TYR A 92 56.77 15.20 -32.97
C TYR A 92 55.34 15.33 -33.49
N TYR A 93 54.38 14.90 -32.65
CA TYR A 93 52.96 15.08 -32.90
C TYR A 93 52.29 15.66 -31.67
N CYS A 94 51.43 16.66 -31.87
CA CYS A 94 50.43 17.04 -30.88
C CYS A 94 49.14 16.33 -31.24
N ALA A 95 48.39 15.90 -30.22
CA ALA A 95 47.17 15.14 -30.45
C ALA A 95 46.14 15.50 -29.39
N ARG A 96 44.86 15.38 -29.77
CA ARG A 96 43.74 15.78 -28.92
C ARG A 96 43.13 14.49 -28.39
N GLU A 97 43.56 14.06 -27.20
CA GLU A 97 42.93 12.88 -26.62
C GLU A 97 41.51 13.27 -26.22
N LEU A 98 40.54 12.42 -26.55
CA LEU A 98 39.11 12.72 -26.40
C LEU A 98 38.54 12.00 -25.19
N ALA A 99 39.31 11.95 -24.11
CA ALA A 99 38.98 11.15 -22.93
C ALA A 99 38.97 12.00 -21.69
N SER A 100 38.17 11.57 -20.72
CA SER A 100 38.14 12.11 -19.37
C SER A 100 38.47 10.96 -18.42
N THR A 101 39.43 11.17 -17.52
CA THR A 101 39.88 10.15 -16.58
C THR A 101 39.43 10.48 -15.15
N GLY A 102 38.42 11.33 -14.99
CA GLY A 102 37.91 11.71 -13.70
C GLY A 102 36.57 11.03 -13.44
N PRO A 103 35.54 11.75 -12.95
CA PRO A 103 34.25 11.08 -12.76
C PRO A 103 33.65 10.58 -14.06
N LEU A 104 33.84 11.31 -15.16
CA LEU A 104 33.46 10.85 -16.50
C LEU A 104 34.61 10.04 -17.05
N TYR A 105 34.38 8.75 -17.31
CA TYR A 105 35.43 7.82 -17.71
C TYR A 105 35.35 7.48 -19.20
N TYR A 106 34.64 8.30 -19.98
CA TYR A 106 34.58 8.14 -21.42
C TYR A 106 35.98 8.25 -22.03
N TYR A 107 36.29 7.34 -22.96
CA TYR A 107 37.53 7.41 -23.72
C TYR A 107 37.21 7.15 -25.18
N TYR A 108 37.48 8.15 -26.03
CA TYR A 108 37.22 8.09 -27.46
C TYR A 108 38.48 8.24 -28.29
N GLY A 109 39.65 8.36 -27.68
CA GLY A 109 40.88 8.27 -28.43
C GLY A 109 41.36 9.60 -28.96
N MET A 110 42.55 9.53 -29.56
CA MET A 110 43.22 10.67 -30.15
C MET A 110 42.72 10.88 -31.59
N ASP A 111 41.52 11.43 -31.72
CA ASP A 111 40.90 11.60 -33.03
C ASP A 111 41.72 12.52 -33.93
N VAL A 112 42.07 13.71 -33.44
CA VAL A 112 42.73 14.72 -34.25
C VAL A 112 44.22 14.72 -33.96
N TRP A 113 45.00 14.66 -35.03
CA TRP A 113 46.46 14.63 -34.98
C TRP A 113 46.96 15.72 -35.91
N GLY A 114 48.00 16.42 -35.50
CA GLY A 114 48.50 17.52 -36.28
C GLY A 114 49.11 17.04 -37.57
N GLN A 115 49.36 18.00 -38.48
CA GLN A 115 50.05 17.68 -39.72
C GLN A 115 51.43 17.06 -39.46
N GLY A 116 52.09 17.48 -38.39
CA GLY A 116 53.41 17.02 -38.03
C GLY A 116 54.42 18.15 -38.02
N THR A 117 55.61 17.81 -37.52
CA THR A 117 56.76 18.68 -37.56
C THR A 117 58.00 17.82 -37.39
N THR A 118 59.15 18.37 -37.78
CA THR A 118 60.41 17.64 -37.78
C THR A 118 61.46 18.45 -37.01
N VAL A 119 62.31 17.73 -36.29
CA VAL A 119 63.43 18.32 -35.58
C VAL A 119 64.56 17.30 -35.58
N THR A 120 65.72 17.71 -36.13
CA THR A 120 66.94 16.90 -36.16
C THR A 120 67.95 17.58 -35.25
N VAL A 121 68.06 17.07 -34.02
CA VAL A 121 68.87 17.72 -33.01
C VAL A 121 70.34 17.50 -33.34
N SER A 122 71.10 18.60 -33.39
CA SER A 122 72.54 18.55 -33.67
C SER A 122 73.28 19.55 -32.80
N ASP B 1 57.40 -0.95 -17.13
CA ASP B 1 56.03 -0.44 -17.41
C ASP B 1 55.31 -1.48 -18.29
N ILE B 2 54.23 -1.08 -18.95
CA ILE B 2 53.46 -1.97 -19.81
C ILE B 2 54.11 -1.96 -21.20
N VAL B 3 54.64 -3.12 -21.60
CA VAL B 3 55.36 -3.29 -22.85
C VAL B 3 54.58 -4.28 -23.71
N MET B 4 54.20 -3.85 -24.91
CA MET B 4 53.43 -4.67 -25.85
C MET B 4 54.34 -5.27 -26.91
N THR B 5 53.83 -6.33 -27.55
CA THR B 5 54.57 -7.08 -28.55
C THR B 5 53.62 -7.44 -29.68
N GLN B 6 53.94 -6.99 -30.89
CA GLN B 6 53.22 -7.40 -32.09
C GLN B 6 53.55 -8.86 -32.40
N SER B 7 52.52 -9.71 -32.53
CA SER B 7 52.76 -11.09 -32.89
C SER B 7 53.00 -11.24 -34.41
N PRO B 8 52.26 -10.52 -35.29
CA PRO B 8 52.73 -10.34 -36.67
C PRO B 8 53.49 -9.04 -36.86
N LEU B 9 54.48 -9.03 -37.74
CA LEU B 9 55.28 -7.85 -38.04
C LEU B 9 55.00 -7.29 -39.43
N SER B 10 54.65 -8.14 -40.38
CA SER B 10 54.30 -7.70 -41.73
C SER B 10 53.38 -8.76 -42.32
N LEU B 11 52.28 -8.31 -42.92
CA LEU B 11 51.22 -9.19 -43.41
C LEU B 11 51.01 -8.96 -44.90
N PRO B 12 51.63 -9.75 -45.80
CA PRO B 12 51.23 -9.69 -47.21
C PRO B 12 49.89 -10.38 -47.42
N VAL B 13 48.85 -9.57 -47.65
CA VAL B 13 47.46 -10.02 -47.66
C VAL B 13 46.89 -9.79 -49.05
N THR B 14 46.30 -10.83 -49.63
CA THR B 14 45.57 -10.67 -50.87
C THR B 14 44.33 -9.80 -50.59
N PRO B 15 44.05 -8.77 -51.40
CA PRO B 15 42.84 -7.98 -51.15
C PRO B 15 41.58 -8.83 -51.32
N GLY B 16 40.59 -8.56 -50.48
CA GLY B 16 39.39 -9.38 -50.41
C GLY B 16 39.48 -10.58 -49.48
N GLU B 17 40.42 -10.59 -48.54
CA GLU B 17 40.61 -11.71 -47.60
C GLU B 17 40.91 -11.11 -46.22
N PRO B 18 40.26 -11.58 -45.14
CA PRO B 18 40.50 -10.94 -43.84
C PRO B 18 41.89 -11.23 -43.29
N ALA B 19 42.41 -10.27 -42.52
CA ALA B 19 43.72 -10.34 -41.90
C ALA B 19 43.56 -10.48 -40.39
N SER B 20 44.69 -10.58 -39.70
CA SER B 20 44.70 -10.78 -38.24
C SER B 20 45.95 -10.15 -37.66
N ILE B 21 45.77 -9.11 -36.84
CA ILE B 21 46.84 -8.44 -36.12
C ILE B 21 46.53 -8.55 -34.64
N SER B 22 47.54 -8.87 -33.83
CA SER B 22 47.33 -9.10 -32.41
C SER B 22 48.54 -8.63 -31.60
N CYS B 23 48.26 -8.11 -30.41
CA CYS B 23 49.29 -7.68 -29.47
C CYS B 23 48.75 -7.85 -28.06
N ARG B 24 49.66 -7.96 -27.09
CA ARG B 24 49.31 -8.22 -25.70
C ARG B 24 50.44 -7.69 -24.83
N SER B 25 50.16 -7.61 -23.53
CA SER B 25 51.19 -7.17 -22.57
C SER B 25 50.85 -7.71 -21.18
N SER B 26 51.52 -7.17 -20.16
CA SER B 26 51.50 -7.77 -18.82
C SER B 26 50.12 -7.73 -18.19
N GLN B 27 49.54 -6.54 -18.04
CA GLN B 27 48.33 -6.40 -17.23
C GLN B 27 47.11 -6.80 -18.05
N SER B 28 45.91 -6.60 -17.49
CA SER B 28 44.67 -7.05 -18.10
C SER B 28 43.98 -6.01 -18.97
N LEU B 29 44.51 -4.78 -19.06
CA LEU B 29 44.01 -3.72 -19.95
C LEU B 29 42.49 -3.58 -19.85
N LEU B 30 42.02 -3.46 -18.61
CA LEU B 30 40.62 -3.20 -18.31
C LEU B 30 40.56 -2.29 -17.09
N HIS B 31 40.08 -1.06 -17.30
CA HIS B 31 40.03 -0.04 -16.27
C HIS B 31 38.97 -0.43 -15.22
N SER B 32 38.78 0.43 -14.21
CA SER B 32 37.77 0.17 -13.19
C SER B 32 36.36 0.11 -13.79
N ILE B 33 36.07 0.99 -14.74
CA ILE B 33 34.77 0.98 -15.43
C ILE B 33 34.47 -0.40 -15.99
N GLY B 34 35.46 -1.01 -16.66
CA GLY B 34 35.34 -2.29 -17.31
C GLY B 34 35.29 -2.28 -18.83
N TYR B 35 35.43 -1.12 -19.47
CA TYR B 35 35.49 -1.03 -20.92
C TYR B 35 36.95 -1.16 -21.33
N THR B 36 37.32 -2.29 -21.93
CA THR B 36 38.69 -2.58 -22.38
C THR B 36 39.31 -1.37 -23.09
N TYR B 37 40.46 -0.90 -22.61
CA TYR B 37 41.12 0.28 -23.17
C TYR B 37 42.20 -0.14 -24.17
N LEU B 38 41.85 -0.14 -25.45
CA LEU B 38 42.82 -0.33 -26.51
C LEU B 38 42.41 0.51 -27.72
N ASP B 39 43.41 0.93 -28.49
CA ASP B 39 43.23 1.66 -29.74
C ASP B 39 44.20 1.10 -30.78
N TRP B 40 43.85 1.24 -32.05
CA TRP B 40 44.70 0.85 -33.16
C TRP B 40 44.84 2.05 -34.09
N TYR B 41 46.06 2.45 -34.43
CA TYR B 41 46.31 3.65 -35.22
C TYR B 41 46.97 3.32 -36.55
N LEU B 42 46.37 3.80 -37.64
CA LEU B 42 46.81 3.42 -38.98
C LEU B 42 48.16 4.02 -39.34
N GLN B 43 48.30 5.34 -39.20
CA GLN B 43 49.52 6.08 -39.53
C GLN B 43 50.00 5.75 -40.95
N LYS B 44 49.16 6.09 -41.93
CA LYS B 44 49.50 5.85 -43.32
C LYS B 44 50.78 6.61 -43.70
N PRO B 45 51.61 6.06 -44.60
CA PRO B 45 52.88 6.74 -44.94
C PRO B 45 52.63 8.12 -45.54
N GLY B 46 53.16 9.14 -44.87
CA GLY B 46 52.97 10.52 -45.23
C GLY B 46 51.89 11.22 -44.40
N GLN B 47 50.88 10.47 -43.98
CA GLN B 47 49.75 11.00 -43.23
C GLN B 47 50.11 10.96 -41.75
N SER B 48 49.11 11.06 -40.88
CA SER B 48 49.29 11.02 -39.43
C SER B 48 48.35 9.97 -38.86
N PRO B 49 48.47 9.66 -37.56
CA PRO B 49 47.62 8.61 -36.99
C PRO B 49 46.13 8.95 -36.99
N LYS B 50 45.31 7.92 -37.21
CA LYS B 50 43.85 8.01 -37.22
C LYS B 50 43.34 6.92 -36.29
N LEU B 51 42.23 7.21 -35.61
CA LEU B 51 41.75 6.35 -34.54
C LEU B 51 41.41 4.91 -34.96
N LEU B 52 40.77 4.70 -36.12
CA LEU B 52 40.30 3.35 -36.53
C LEU B 52 39.41 2.77 -35.42
N ILE B 53 39.66 1.53 -34.94
CA ILE B 53 38.91 0.93 -33.85
C ILE B 53 39.44 1.48 -32.53
N TYR B 54 38.53 1.78 -31.61
CA TYR B 54 38.85 2.38 -30.32
C TYR B 54 38.13 1.63 -29.21
N LEU B 55 38.58 1.89 -27.97
CA LEU B 55 38.05 1.29 -26.74
C LEU B 55 37.89 -0.23 -26.86
N GLY B 56 38.79 -0.88 -27.60
CA GLY B 56 38.81 -2.32 -27.74
C GLY B 56 38.30 -2.75 -29.10
N THR B 57 36.99 -2.59 -29.36
CA THR B 57 36.36 -3.16 -30.54
C THR B 57 35.33 -2.25 -31.20
N ASP B 58 35.37 -0.94 -30.96
CA ASP B 58 34.38 0.00 -31.46
C ASP B 58 35.00 0.96 -32.45
N ARG B 59 34.26 1.29 -33.50
CA ARG B 59 34.81 1.93 -34.69
C ARG B 59 34.65 3.45 -34.64
N ALA B 60 35.65 4.15 -35.19
CA ALA B 60 35.66 5.60 -35.23
C ALA B 60 34.64 6.13 -36.25
N PRO B 61 34.27 7.41 -36.16
CA PRO B 61 33.49 8.02 -37.25
C PRO B 61 34.26 8.04 -38.57
N GLY B 62 33.52 7.83 -39.66
CA GLY B 62 34.07 7.89 -41.00
C GLY B 62 34.77 6.63 -41.48
N VAL B 63 35.32 5.84 -40.57
CA VAL B 63 36.00 4.62 -40.98
C VAL B 63 34.94 3.60 -41.42
N PRO B 64 35.05 2.97 -42.60
CA PRO B 64 34.00 2.04 -43.02
C PRO B 64 34.00 0.78 -42.16
N ASP B 65 32.90 0.03 -42.28
CA ASP B 65 32.64 -1.12 -41.40
C ASP B 65 33.51 -2.33 -41.71
N ARG B 66 34.47 -2.24 -42.65
CA ARG B 66 35.36 -3.37 -42.89
C ARG B 66 36.32 -3.60 -41.73
N PHE B 67 36.60 -2.57 -40.92
CA PHE B 67 37.46 -2.73 -39.75
C PHE B 67 36.63 -3.23 -38.57
N SER B 68 37.21 -4.16 -37.83
CA SER B 68 36.60 -4.62 -36.59
C SER B 68 37.69 -5.18 -35.69
N GLY B 69 37.38 -5.25 -34.39
CA GLY B 69 38.32 -5.76 -33.41
C GLY B 69 37.59 -6.60 -32.38
N SER B 70 38.38 -7.39 -31.66
CA SER B 70 37.83 -8.24 -30.61
C SER B 70 38.94 -8.55 -29.60
N GLY B 71 38.53 -9.02 -28.43
CA GLY B 71 39.44 -9.44 -27.39
C GLY B 71 39.24 -8.70 -26.08
N SER B 72 39.55 -9.38 -24.97
CA SER B 72 39.55 -8.76 -23.66
C SER B 72 40.62 -9.44 -22.83
N GLY B 73 41.09 -8.74 -21.79
CA GLY B 73 42.24 -9.21 -21.05
C GLY B 73 43.52 -8.95 -21.84
N THR B 74 44.42 -9.93 -21.84
CA THR B 74 45.67 -9.76 -22.58
C THR B 74 45.47 -9.91 -24.09
N ASP B 75 44.68 -10.89 -24.52
CA ASP B 75 44.62 -11.24 -25.93
C ASP B 75 43.73 -10.27 -26.70
N PHE B 76 44.15 -9.95 -27.93
CA PHE B 76 43.41 -9.05 -28.80
C PHE B 76 43.54 -9.51 -30.25
N THR B 77 42.70 -8.94 -31.10
CA THR B 77 42.71 -9.28 -32.52
C THR B 77 42.07 -8.14 -33.29
N LEU B 78 42.82 -7.55 -34.23
CA LEU B 78 42.26 -6.70 -35.27
C LEU B 78 41.93 -7.58 -36.47
N LYS B 79 40.88 -7.20 -37.20
CA LYS B 79 40.49 -7.94 -38.38
C LYS B 79 39.84 -6.98 -39.37
N ILE B 80 40.33 -7.00 -40.61
CA ILE B 80 39.86 -6.12 -41.68
C ILE B 80 39.30 -7.05 -42.75
N SER B 81 38.00 -7.33 -42.69
CA SER B 81 37.37 -8.20 -43.66
C SER B 81 37.17 -7.45 -44.97
N ARG B 82 37.48 -8.13 -46.08
CA ARG B 82 37.48 -7.52 -47.41
C ARG B 82 38.40 -6.29 -47.45
N VAL B 83 39.69 -6.56 -47.24
CA VAL B 83 40.66 -5.47 -47.18
C VAL B 83 40.85 -4.89 -48.59
N GLU B 84 41.22 -3.61 -48.65
CA GLU B 84 41.32 -2.86 -49.87
C GLU B 84 42.64 -2.09 -49.88
N ALA B 85 43.06 -1.65 -51.06
CA ALA B 85 44.35 -0.98 -51.22
C ALA B 85 44.40 0.38 -50.54
N GLU B 86 43.27 0.92 -50.09
CA GLU B 86 43.29 2.11 -49.25
C GLU B 86 43.80 1.84 -47.83
N ASP B 87 43.80 0.58 -47.40
CA ASP B 87 44.01 0.23 -46.00
C ASP B 87 45.49 0.05 -45.63
N VAL B 88 46.40 0.68 -46.37
CA VAL B 88 47.83 0.52 -46.10
C VAL B 88 48.21 1.41 -44.93
N GLY B 89 49.25 1.01 -44.20
CA GLY B 89 49.67 1.71 -43.01
C GLY B 89 50.45 0.78 -42.11
N VAL B 90 50.45 1.11 -40.81
CA VAL B 90 51.28 0.40 -39.84
C VAL B 90 50.48 -0.18 -38.68
N TYR B 91 49.28 0.32 -38.37
CA TYR B 91 48.40 -0.22 -37.34
C TYR B 91 49.07 -0.34 -35.96
N TYR B 92 49.60 0.77 -35.46
CA TYR B 92 50.12 0.78 -34.09
C TYR B 92 48.98 0.53 -33.10
N CYS B 93 49.25 -0.30 -32.08
CA CYS B 93 48.28 -0.65 -31.05
C CYS B 93 48.72 -0.06 -29.72
N MET B 94 47.91 0.84 -29.16
CA MET B 94 48.27 1.63 -27.98
C MET B 94 47.47 1.14 -26.79
N GLN B 95 48.17 0.89 -25.68
CA GLN B 95 47.54 0.56 -24.40
C GLN B 95 47.21 1.86 -23.67
N ALA B 96 45.92 2.13 -23.50
CA ALA B 96 45.44 3.37 -22.91
C ALA B 96 45.02 3.21 -21.44
N LEU B 97 45.43 2.13 -20.77
CA LEU B 97 44.91 1.89 -19.41
C LEU B 97 45.49 2.87 -18.40
N GLN B 98 46.82 2.97 -18.30
CA GLN B 98 47.48 3.70 -17.22
C GLN B 98 48.10 4.97 -17.77
N THR B 99 48.78 5.72 -16.89
CA THR B 99 49.37 6.99 -17.31
C THR B 99 50.48 6.82 -18.36
N PRO B 100 51.45 5.86 -18.24
CA PRO B 100 52.57 5.92 -19.21
C PRO B 100 52.23 5.16 -20.49
N TYR B 101 51.38 5.77 -21.32
CA TYR B 101 50.90 5.13 -22.55
C TYR B 101 52.05 4.69 -23.43
N THR B 102 51.93 3.48 -23.98
CA THR B 102 52.95 2.87 -24.82
C THR B 102 52.30 2.36 -26.09
N PHE B 103 53.14 2.06 -27.08
CA PHE B 103 52.72 1.66 -28.42
C PHE B 103 53.35 0.33 -28.77
N GLY B 104 52.79 -0.30 -29.79
CA GLY B 104 53.34 -1.54 -30.31
C GLY B 104 54.45 -1.28 -31.31
N GLN B 105 54.96 -2.37 -31.88
CA GLN B 105 56.04 -2.29 -32.85
C GLN B 105 55.55 -1.95 -34.26
N GLY B 106 54.26 -2.06 -34.52
CA GLY B 106 53.72 -1.75 -35.84
C GLY B 106 53.72 -2.91 -36.81
N THR B 107 52.66 -3.01 -37.60
CA THR B 107 52.48 -4.04 -38.62
C THR B 107 52.35 -3.37 -39.98
N LYS B 108 53.46 -3.29 -40.71
CA LYS B 108 53.46 -2.65 -42.02
C LYS B 108 52.85 -3.61 -43.04
N LEU B 109 51.71 -3.22 -43.60
CA LEU B 109 50.94 -4.08 -44.49
C LEU B 109 51.36 -3.83 -45.93
N GLU B 110 51.77 -4.89 -46.62
CA GLU B 110 52.11 -4.85 -48.04
C GLU B 110 50.99 -5.48 -48.85
N ILE B 111 50.58 -4.80 -49.92
CA ILE B 111 49.56 -5.35 -50.80
C ILE B 111 50.18 -6.49 -51.60
N LYS B 112 49.52 -7.65 -51.58
CA LYS B 112 50.05 -8.82 -52.24
C LYS B 112 49.95 -8.64 -53.76
N ILE C 19 -27.86 -3.11 59.41
CA ILE C 19 -27.30 -3.62 58.16
C ILE C 19 -26.57 -2.47 57.48
N CYS C 20 -25.63 -2.80 56.58
CA CYS C 20 -24.92 -1.80 55.79
C CYS C 20 -24.71 -2.35 54.39
N ILE C 21 -24.29 -1.47 53.48
CA ILE C 21 -24.03 -1.79 52.09
C ILE C 21 -22.69 -1.15 51.74
N GLY C 22 -22.03 -1.69 50.71
CA GLY C 22 -20.72 -1.22 50.35
C GLY C 22 -20.04 -2.18 49.40
N TYR C 23 -18.74 -1.96 49.21
CA TYR C 23 -17.94 -2.69 48.23
C TYR C 23 -16.62 -3.16 48.85
N HIS C 24 -15.97 -4.05 48.10
CA HIS C 24 -14.70 -4.66 48.48
C HIS C 24 -13.50 -3.72 48.22
N ALA C 25 -12.43 -3.99 48.96
CA ALA C 25 -11.10 -3.42 48.72
C ALA C 25 -10.11 -4.56 48.90
N ASN C 26 -9.01 -4.53 48.11
CA ASN C 26 -8.10 -5.66 48.04
C ASN C 26 -6.62 -5.27 48.14
N ASN C 27 -6.31 -4.09 48.70
CA ASN C 27 -4.92 -3.68 48.99
C ASN C 27 -4.00 -3.82 47.77
N SER C 28 -4.50 -3.43 46.60
CA SER C 28 -3.78 -3.57 45.34
C SER C 28 -3.51 -2.21 44.71
N THR C 29 -2.48 -2.20 43.85
CA THR C 29 -1.94 -0.98 43.25
C THR C 29 -2.14 -0.93 41.74
N GLU C 30 -2.54 -2.04 41.11
CA GLU C 30 -2.73 -2.11 39.66
C GLU C 30 -3.70 -1.02 39.17
N GLN C 31 -3.51 -0.62 37.91
CA GLN C 31 -4.21 0.53 37.34
C GLN C 31 -4.87 0.15 36.02
N VAL C 32 -5.93 0.88 35.68
CA VAL C 32 -6.64 0.73 34.41
C VAL C 32 -6.84 2.11 33.79
N ASP C 33 -7.21 2.11 32.51
CA ASP C 33 -7.39 3.32 31.72
C ASP C 33 -8.85 3.50 31.35
N THR C 34 -9.36 4.72 31.50
CA THR C 34 -10.68 5.12 31.06
C THR C 34 -10.56 6.38 30.21
N ILE C 35 -11.63 6.71 29.48
CA ILE C 35 -11.60 7.90 28.62
C ILE C 35 -11.48 9.14 29.49
N MET C 36 -12.28 9.21 30.55
CA MET C 36 -12.38 10.39 31.38
C MET C 36 -11.35 10.44 32.51
N GLU C 37 -10.62 9.36 32.76
CA GLU C 37 -9.51 9.39 33.71
C GLU C 37 -8.50 8.35 33.29
N LYS C 38 -7.23 8.60 33.56
CA LYS C 38 -6.13 7.78 33.04
C LYS C 38 -5.65 6.72 34.03
N ASN C 39 -5.26 7.13 35.23
CA ASN C 39 -4.84 6.19 36.28
C ASN C 39 -5.95 6.08 37.32
N VAL C 40 -6.60 4.92 37.37
CA VAL C 40 -7.60 4.58 38.37
C VAL C 40 -7.11 3.32 39.05
N THR C 41 -7.08 3.32 40.38
CA THR C 41 -6.74 2.11 41.11
C THR C 41 -7.89 1.12 40.91
N VAL C 42 -7.54 -0.15 40.72
CA VAL C 42 -8.51 -1.17 40.33
C VAL C 42 -8.36 -2.38 41.25
N THR C 43 -9.46 -3.12 41.38
CA THR C 43 -9.52 -4.36 42.13
C THR C 43 -9.80 -5.48 41.14
N HIS C 44 -8.96 -6.52 41.14
CA HIS C 44 -9.10 -7.69 40.26
C HIS C 44 -9.23 -7.28 38.79
N ALA C 45 -8.15 -6.72 38.26
CA ALA C 45 -8.03 -6.45 36.83
C ALA C 45 -7.29 -7.60 36.15
N GLN C 46 -7.81 -8.04 35.01
CA GLN C 46 -7.22 -9.11 34.21
C GLN C 46 -6.48 -8.50 33.02
N ASP C 47 -5.18 -8.73 32.96
CA ASP C 47 -4.36 -8.22 31.87
C ASP C 47 -4.56 -9.08 30.63
N ILE C 48 -4.75 -8.42 29.49
CA ILE C 48 -4.92 -9.07 28.20
C ILE C 48 -3.71 -8.93 27.28
N LEU C 49 -2.72 -8.12 27.65
CA LEU C 49 -1.58 -7.83 26.80
C LEU C 49 -0.37 -8.63 27.26
N GLU C 50 0.15 -9.49 26.38
CA GLU C 50 1.36 -10.27 26.65
C GLU C 50 2.57 -9.44 26.23
N LYS C 51 3.19 -8.76 27.20
CA LYS C 51 4.36 -7.96 26.92
C LYS C 51 5.63 -8.81 26.77
N THR C 52 5.73 -9.90 27.52
CA THR C 52 6.96 -10.67 27.62
C THR C 52 7.03 -11.78 26.59
N HIS C 53 8.24 -12.31 26.43
CA HIS C 53 8.52 -13.44 25.55
C HIS C 53 9.80 -14.10 26.02
N ASN C 54 10.03 -15.33 25.55
CA ASN C 54 11.26 -16.02 25.97
C ASN C 54 12.49 -15.44 25.27
N GLY C 55 12.32 -14.87 24.08
CA GLY C 55 13.41 -14.21 23.39
C GLY C 55 14.25 -15.08 22.49
N LYS C 56 13.77 -16.25 22.09
CA LYS C 56 14.52 -17.12 21.20
C LYS C 56 13.57 -17.93 20.34
N LEU C 57 14.09 -18.39 19.20
CA LEU C 57 13.33 -19.17 18.23
C LEU C 57 13.36 -20.64 18.61
N CYS C 58 12.21 -21.30 18.52
CA CYS C 58 12.16 -22.74 18.77
C CYS C 58 10.96 -23.34 18.03
N ASP C 59 10.61 -24.57 18.38
CA ASP C 59 9.76 -25.42 17.57
C ASP C 59 8.30 -25.01 17.64
N LEU C 60 7.53 -25.49 16.66
CA LEU C 60 6.07 -25.42 16.67
C LEU C 60 5.54 -26.85 16.60
N ASN C 61 4.97 -27.33 17.71
CA ASN C 61 4.34 -28.65 17.77
C ASN C 61 5.30 -29.76 17.41
N GLY C 62 6.57 -29.60 17.79
CA GLY C 62 7.57 -30.63 17.60
C GLY C 62 8.34 -30.58 16.29
N VAL C 63 7.93 -29.75 15.34
CA VAL C 63 8.57 -29.65 14.04
C VAL C 63 9.72 -28.65 14.16
N LYS C 64 10.94 -29.08 13.83
CA LYS C 64 12.08 -28.20 13.96
C LYS C 64 12.00 -27.17 12.82
N PRO C 65 12.06 -25.87 13.10
CA PRO C 65 11.93 -24.91 11.99
C PRO C 65 13.19 -24.87 11.14
N LEU C 66 13.03 -24.32 9.93
CA LEU C 66 14.15 -24.14 9.00
C LEU C 66 14.81 -22.79 9.29
N ILE C 67 15.70 -22.81 10.28
CA ILE C 67 16.43 -21.60 10.70
C ILE C 67 17.75 -21.63 9.95
N LEU C 68 17.74 -21.06 8.75
CA LEU C 68 18.96 -20.88 7.97
C LEU C 68 19.65 -19.60 8.40
N LYS C 69 20.96 -19.70 8.63
CA LYS C 69 21.75 -18.64 9.26
C LYS C 69 22.73 -18.06 8.25
N ASP C 70 22.81 -16.73 8.22
CA ASP C 70 23.67 -16.00 7.30
C ASP C 70 23.42 -16.40 5.86
N CYS C 71 22.15 -16.68 5.53
CA CYS C 71 21.74 -17.17 4.23
C CYS C 71 20.38 -16.58 3.91
N SER C 72 19.86 -16.88 2.71
CA SER C 72 18.54 -16.40 2.30
C SER C 72 17.79 -17.53 1.59
N VAL C 73 16.58 -17.20 1.11
CA VAL C 73 15.80 -18.16 0.34
C VAL C 73 16.49 -18.45 -0.99
N ALA C 74 16.99 -17.41 -1.66
CA ALA C 74 17.72 -17.64 -2.90
C ALA C 74 19.07 -18.30 -2.66
N GLY C 75 19.65 -18.14 -1.46
CA GLY C 75 20.86 -18.87 -1.14
C GLY C 75 20.63 -20.33 -0.80
N TRP C 76 19.40 -20.68 -0.44
CA TRP C 76 19.03 -22.05 -0.08
C TRP C 76 18.50 -22.82 -1.29
N LEU C 77 17.53 -22.24 -1.99
CA LEU C 77 16.90 -22.95 -3.09
C LEU C 77 17.89 -23.17 -4.22
N LEU C 78 18.60 -22.11 -4.60
CA LEU C 78 19.83 -22.22 -5.37
C LEU C 78 20.96 -22.37 -4.36
N GLY C 79 21.52 -23.57 -4.27
CA GLY C 79 22.31 -23.93 -3.11
C GLY C 79 23.64 -23.23 -3.02
N ASN C 80 23.75 -22.27 -2.11
CA ASN C 80 24.96 -21.46 -2.04
C ASN C 80 26.10 -22.32 -1.51
N PRO C 81 27.33 -22.19 -2.03
CA PRO C 81 28.45 -22.92 -1.40
C PRO C 81 28.73 -22.50 0.03
N MET C 82 28.30 -21.31 0.45
CA MET C 82 28.40 -20.89 1.84
C MET C 82 27.22 -21.34 2.70
N CYS C 83 26.19 -21.94 2.11
CA CYS C 83 25.07 -22.55 2.84
C CYS C 83 25.07 -24.04 2.50
N ASP C 84 25.87 -24.80 3.25
CA ASP C 84 26.02 -26.24 3.04
C ASP C 84 25.28 -27.08 4.06
N GLU C 85 24.73 -26.48 5.13
CA GLU C 85 24.13 -27.25 6.19
C GLU C 85 22.75 -27.79 5.85
N PHE C 86 22.14 -27.34 4.75
CA PHE C 86 20.76 -27.60 4.41
C PHE C 86 20.62 -28.32 3.08
N ILE C 87 21.47 -29.33 2.87
CA ILE C 87 21.43 -30.11 1.64
C ILE C 87 20.32 -31.16 1.67
N ARG C 88 19.80 -31.49 2.85
CA ARG C 88 18.61 -32.34 2.97
C ARG C 88 17.83 -31.80 4.16
N VAL C 89 16.78 -31.04 3.88
CA VAL C 89 16.06 -30.30 4.90
C VAL C 89 14.89 -31.17 5.39
N PRO C 90 14.75 -31.45 6.72
CA PRO C 90 13.57 -32.18 7.17
C PRO C 90 12.31 -31.32 7.16
N GLU C 91 11.21 -31.83 7.71
CA GLU C 91 9.99 -31.04 7.79
C GLU C 91 10.20 -29.81 8.65
N TRP C 92 9.69 -28.68 8.17
CA TRP C 92 9.80 -27.39 8.85
C TRP C 92 8.43 -26.78 8.98
N SER C 93 8.25 -25.95 10.00
CA SER C 93 7.04 -25.19 10.23
C SER C 93 7.13 -23.75 9.77
N TYR C 94 8.33 -23.15 9.76
CA TYR C 94 8.54 -21.84 9.19
C TYR C 94 10.00 -21.71 8.80
N ILE C 95 10.29 -20.69 7.98
CA ILE C 95 11.63 -20.43 7.45
C ILE C 95 12.07 -19.10 8.03
N VAL C 96 13.30 -19.06 8.58
CA VAL C 96 13.88 -17.85 9.18
C VAL C 96 15.14 -17.49 8.40
N GLU C 97 15.19 -16.25 7.94
CA GLU C 97 16.35 -15.68 7.26
C GLU C 97 16.78 -14.44 8.04
N ARG C 98 18.07 -14.19 8.13
CA ARG C 98 18.51 -12.99 8.83
C ARG C 98 18.19 -11.74 8.01
N ASP C 99 18.15 -10.60 8.70
CA ASP C 99 17.59 -9.38 8.12
C ASP C 99 18.42 -8.88 6.94
N ASN C 100 19.74 -8.94 7.07
CA ASN C 100 20.68 -8.58 6.01
C ASN C 100 21.66 -9.75 5.85
N PRO C 101 21.29 -10.79 5.12
CA PRO C 101 22.21 -11.93 4.96
C PRO C 101 23.33 -11.61 3.99
N ALA C 102 24.47 -12.25 4.21
CA ALA C 102 25.64 -12.08 3.35
C ALA C 102 25.77 -13.17 2.30
N ASN C 103 25.35 -14.40 2.61
CA ASN C 103 25.47 -15.52 1.66
C ASN C 103 24.16 -15.56 0.88
N ASP C 104 24.13 -14.84 -0.23
CA ASP C 104 22.96 -14.82 -1.10
C ASP C 104 23.42 -14.28 -2.44
N LEU C 105 23.09 -15.00 -3.51
CA LEU C 105 23.42 -14.64 -4.88
C LEU C 105 24.89 -14.21 -4.97
N CYS C 106 25.76 -15.16 -4.58
CA CYS C 106 27.20 -14.90 -4.54
C CYS C 106 27.70 -14.46 -5.91
N TYR C 107 27.33 -15.19 -6.95
CA TYR C 107 27.52 -14.67 -8.29
C TYR C 107 26.49 -13.54 -8.46
N PRO C 108 26.90 -12.32 -8.87
CA PRO C 108 25.92 -11.23 -8.97
C PRO C 108 24.74 -11.62 -9.85
N GLY C 109 23.54 -11.25 -9.44
CA GLY C 109 22.38 -11.67 -10.17
C GLY C 109 21.10 -11.10 -9.62
N SER C 110 20.02 -11.80 -9.98
CA SER C 110 18.67 -11.51 -9.54
C SER C 110 17.86 -12.78 -9.75
N LEU C 111 16.59 -12.74 -9.39
CA LEU C 111 15.69 -13.85 -9.68
C LEU C 111 14.30 -13.30 -9.91
N ASN C 112 13.73 -13.58 -11.08
CA ASN C 112 12.44 -13.03 -11.44
C ASN C 112 11.34 -13.73 -10.66
N ASP C 113 10.38 -12.94 -10.19
CA ASP C 113 9.34 -13.42 -9.27
C ASP C 113 9.98 -14.07 -8.04
N TYR C 114 11.06 -13.47 -7.55
CA TYR C 114 11.67 -13.91 -6.31
C TYR C 114 10.75 -13.64 -5.13
N GLU C 115 10.06 -12.49 -5.16
CA GLU C 115 9.08 -12.18 -4.12
C GLU C 115 7.88 -13.11 -4.21
N GLU C 116 7.42 -13.40 -5.42
CA GLU C 116 6.36 -14.38 -5.58
C GLU C 116 6.83 -15.78 -5.20
N LEU C 117 8.11 -16.08 -5.40
CA LEU C 117 8.61 -17.38 -4.99
C LEU C 117 8.61 -17.49 -3.47
N LYS C 118 8.96 -16.41 -2.77
CA LYS C 118 8.84 -16.40 -1.32
C LYS C 118 7.38 -16.50 -0.90
N HIS C 119 6.47 -15.88 -1.66
CA HIS C 119 5.06 -15.94 -1.32
C HIS C 119 4.51 -17.36 -1.44
N LEU C 120 4.89 -18.07 -2.51
CA LEU C 120 4.44 -19.45 -2.67
C LEU C 120 5.20 -20.40 -1.75
N LEU C 121 6.41 -20.05 -1.32
CA LEU C 121 7.11 -20.83 -0.33
C LEU C 121 6.53 -20.65 1.07
N SER C 122 5.84 -19.53 1.32
CA SER C 122 5.18 -19.34 2.61
C SER C 122 4.01 -20.29 2.84
N ARG C 123 3.54 -20.99 1.82
CA ARG C 123 2.48 -22.01 1.96
C ARG C 123 3.02 -23.43 1.79
N ILE C 124 4.34 -23.63 1.87
CA ILE C 124 4.98 -24.94 1.72
C ILE C 124 5.71 -25.23 3.03
N ASN C 125 5.46 -26.43 3.59
CA ASN C 125 6.09 -26.85 4.84
C ASN C 125 7.17 -27.91 4.65
N HIS C 126 7.27 -28.54 3.49
CA HIS C 126 8.26 -29.59 3.27
C HIS C 126 8.61 -29.68 1.80
N PHE C 127 9.90 -29.82 1.54
CA PHE C 127 10.44 -30.17 0.23
C PHE C 127 11.08 -31.54 0.30
N GLU C 128 10.96 -32.28 -0.80
CA GLU C 128 11.73 -33.50 -1.03
C GLU C 128 12.67 -33.19 -2.19
N LYS C 129 13.94 -33.03 -1.88
CA LYS C 129 14.94 -32.68 -2.87
C LYS C 129 15.17 -33.89 -3.77
N ILE C 130 14.76 -33.80 -5.02
CA ILE C 130 14.95 -34.86 -6.00
C ILE C 130 15.93 -34.39 -7.06
N LEU C 131 16.57 -35.37 -7.70
CA LEU C 131 17.54 -35.12 -8.76
C LEU C 131 16.82 -35.40 -10.08
N ILE C 132 16.33 -34.33 -10.71
CA ILE C 132 15.56 -34.49 -11.94
C ILE C 132 16.47 -34.65 -13.15
N ILE C 133 17.63 -33.99 -13.14
CA ILE C 133 18.56 -33.99 -14.27
C ILE C 133 19.91 -34.42 -13.72
N PRO C 134 20.51 -35.53 -14.16
CA PRO C 134 21.82 -35.90 -13.67
C PRO C 134 22.95 -35.26 -14.48
N LYS C 135 24.16 -35.33 -13.91
CA LYS C 135 25.33 -34.86 -14.62
C LYS C 135 25.71 -35.80 -15.76
N SER C 136 25.22 -37.03 -15.75
CA SER C 136 25.42 -37.94 -16.88
C SER C 136 24.54 -37.62 -18.07
N SER C 137 23.58 -36.71 -17.93
CA SER C 137 22.72 -36.27 -19.02
C SER C 137 23.28 -35.05 -19.75
N TRP C 138 24.59 -34.79 -19.63
CA TRP C 138 25.28 -33.74 -20.37
C TRP C 138 26.44 -34.40 -21.11
N PRO C 139 26.20 -34.95 -22.32
CA PRO C 139 27.33 -35.54 -23.05
C PRO C 139 28.31 -34.52 -23.57
N ASN C 140 27.78 -33.46 -24.19
CA ASN C 140 28.57 -32.49 -24.94
C ASN C 140 28.74 -31.16 -24.21
N HIS C 141 28.64 -31.15 -22.88
CA HIS C 141 28.74 -29.93 -22.08
C HIS C 141 29.55 -30.18 -20.83
N GLU C 142 30.36 -29.20 -20.46
CA GLU C 142 31.16 -29.29 -19.23
C GLU C 142 30.30 -28.98 -18.02
N THR C 143 30.49 -29.79 -16.97
CA THR C 143 29.83 -29.62 -15.68
C THR C 143 30.77 -29.31 -14.53
N SER C 144 32.08 -29.55 -14.68
CA SER C 144 33.05 -29.32 -13.61
C SER C 144 33.77 -27.99 -13.72
N LEU C 145 33.84 -27.39 -14.91
CA LEU C 145 34.48 -26.10 -15.09
C LEU C 145 33.59 -24.92 -14.72
N GLY C 146 32.32 -25.16 -14.40
CA GLY C 146 31.44 -24.09 -14.00
C GLY C 146 31.66 -23.71 -12.57
N VAL C 147 32.75 -22.98 -12.30
CA VAL C 147 33.10 -22.50 -10.98
C VAL C 147 33.28 -21.00 -11.03
N SER C 148 33.18 -20.37 -9.86
CA SER C 148 33.34 -18.93 -9.72
C SER C 148 34.15 -18.62 -8.48
N ALA C 149 34.94 -17.55 -8.56
CA ALA C 149 35.72 -17.08 -7.42
C ALA C 149 34.91 -16.24 -6.45
N ALA C 150 33.73 -15.76 -6.86
CA ALA C 150 32.86 -14.99 -5.98
C ALA C 150 31.98 -15.85 -5.09
N CYS C 151 32.05 -17.18 -5.23
CA CYS C 151 31.28 -18.13 -4.42
C CYS C 151 32.27 -19.09 -3.80
N PRO C 152 32.91 -18.74 -2.69
CA PRO C 152 33.98 -19.59 -2.16
C PRO C 152 33.44 -20.80 -1.43
N TYR C 153 34.24 -21.87 -1.45
CA TYR C 153 33.95 -23.10 -0.73
C TYR C 153 35.28 -23.59 -0.16
N GLN C 154 35.49 -23.37 1.14
CA GLN C 154 36.75 -23.67 1.81
C GLN C 154 37.92 -22.96 1.12
N GLY C 155 37.67 -21.73 0.66
CA GLY C 155 38.65 -20.92 -0.03
C GLY C 155 38.68 -21.11 -1.54
N ALA C 156 38.43 -22.33 -2.02
CA ALA C 156 38.52 -22.61 -3.44
C ALA C 156 37.32 -22.03 -4.19
N PRO C 157 37.45 -21.77 -5.50
CA PRO C 157 36.27 -21.36 -6.27
C PRO C 157 35.22 -22.45 -6.31
N SER C 158 33.96 -22.03 -6.35
CA SER C 158 32.86 -22.98 -6.49
C SER C 158 31.65 -22.27 -7.07
N PHE C 159 30.57 -23.03 -7.24
CA PHE C 159 29.34 -22.54 -7.86
C PHE C 159 28.18 -23.25 -7.16
N PHE C 160 26.96 -22.78 -7.41
CA PHE C 160 25.75 -23.34 -6.81
C PHE C 160 25.63 -24.83 -7.14
N ARG C 161 25.25 -25.62 -6.14
CA ARG C 161 25.12 -27.05 -6.31
C ARG C 161 23.94 -27.40 -7.21
N ASN C 162 22.78 -26.78 -6.97
CA ASN C 162 21.54 -27.19 -7.61
C ASN C 162 21.59 -27.03 -9.12
N VAL C 163 22.15 -25.92 -9.60
CA VAL C 163 22.20 -25.59 -11.01
C VAL C 163 23.65 -25.63 -11.49
N VAL C 164 23.83 -26.04 -12.74
CA VAL C 164 25.15 -26.17 -13.36
C VAL C 164 25.24 -25.15 -14.48
N TRP C 165 26.27 -24.29 -14.41
CA TRP C 165 26.48 -23.23 -15.40
C TRP C 165 27.26 -23.84 -16.56
N LEU C 166 26.52 -24.52 -17.43
CA LEU C 166 27.10 -25.23 -18.56
C LEU C 166 27.84 -24.30 -19.49
N ILE C 167 29.15 -24.51 -19.61
CA ILE C 167 29.96 -23.85 -20.61
C ILE C 167 30.18 -24.84 -21.75
N LYS C 168 30.81 -24.38 -22.82
CA LYS C 168 31.02 -25.24 -23.97
C LYS C 168 31.95 -26.39 -23.61
N LYS C 169 31.83 -27.47 -24.37
CA LYS C 169 32.76 -28.59 -24.32
C LYS C 169 33.21 -28.87 -25.74
N ASP C 170 34.49 -29.18 -25.92
CA ASP C 170 35.05 -29.57 -27.22
C ASP C 170 34.94 -28.44 -28.25
N ASP C 171 34.86 -27.19 -27.80
CA ASP C 171 34.93 -25.96 -28.61
C ASP C 171 33.56 -25.60 -29.20
N ALA C 172 32.47 -26.21 -28.75
CA ALA C 172 31.15 -25.81 -29.22
C ALA C 172 30.09 -26.21 -28.21
N TYR C 173 28.90 -25.61 -28.38
CA TYR C 173 27.78 -25.70 -27.46
C TYR C 173 26.55 -26.29 -28.17
N PRO C 174 26.48 -27.61 -28.35
CA PRO C 174 25.31 -28.21 -29.02
C PRO C 174 24.00 -27.87 -28.32
N THR C 175 22.95 -27.67 -29.12
CA THR C 175 21.66 -27.22 -28.63
C THR C 175 21.11 -28.18 -27.58
N ILE C 176 20.58 -27.64 -26.48
CA ILE C 176 20.13 -28.41 -25.33
C ILE C 176 18.62 -28.61 -25.38
N LYS C 177 18.15 -29.62 -26.11
CA LYS C 177 16.72 -29.91 -26.25
C LYS C 177 16.37 -31.02 -25.28
N ILE C 178 15.98 -30.65 -24.06
CA ILE C 178 15.66 -31.59 -22.99
C ILE C 178 14.25 -31.32 -22.51
N SER C 179 13.40 -32.33 -22.59
CA SER C 179 12.03 -32.30 -22.07
C SER C 179 11.92 -33.26 -20.90
N TYR C 180 11.51 -32.74 -19.75
CA TYR C 180 11.31 -33.53 -18.54
C TYR C 180 9.82 -33.63 -18.24
N ASN C 181 9.34 -34.87 -18.08
CA ASN C 181 7.95 -35.16 -17.81
C ASN C 181 7.77 -35.43 -16.32
N ASN C 182 6.77 -34.78 -15.73
CA ASN C 182 6.47 -34.94 -14.30
C ASN C 182 5.61 -36.19 -14.13
N THR C 183 6.27 -37.32 -13.84
CA THR C 183 5.57 -38.56 -13.54
C THR C 183 5.11 -38.65 -12.09
N ASN C 184 5.58 -37.75 -11.22
CA ASN C 184 5.19 -37.76 -9.82
C ASN C 184 3.78 -37.19 -9.65
N ARG C 185 3.21 -37.41 -8.47
CA ARG C 185 1.87 -36.97 -8.10
C ARG C 185 1.89 -35.65 -7.32
N GLU C 186 2.98 -34.90 -7.38
CA GLU C 186 3.14 -33.67 -6.63
C GLU C 186 3.69 -32.57 -7.53
N ASP C 187 3.44 -31.33 -7.14
CA ASP C 187 3.96 -30.19 -7.88
C ASP C 187 5.47 -30.09 -7.69
N LEU C 188 6.19 -29.84 -8.78
CA LEU C 188 7.65 -29.75 -8.77
C LEU C 188 8.08 -28.30 -8.97
N LEU C 189 8.92 -27.79 -8.07
CA LEU C 189 9.52 -26.47 -8.21
C LEU C 189 10.84 -26.63 -8.94
N ILE C 190 10.91 -26.09 -10.16
CA ILE C 190 12.06 -26.28 -11.06
C ILE C 190 12.71 -24.92 -11.27
N LEU C 191 14.03 -24.87 -11.10
CA LEU C 191 14.81 -23.64 -11.14
C LEU C 191 15.82 -23.70 -12.27
N TRP C 192 16.04 -22.58 -12.95
CA TRP C 192 17.12 -22.46 -13.92
C TRP C 192 17.52 -21.00 -13.99
N GLY C 193 18.34 -20.65 -14.98
CA GLY C 193 18.73 -19.25 -15.12
C GLY C 193 19.38 -18.99 -16.46
N ILE C 194 19.73 -17.71 -16.66
CA ILE C 194 20.41 -17.24 -17.85
C ILE C 194 21.57 -16.36 -17.41
N HIS C 195 22.68 -16.44 -18.14
CA HIS C 195 23.90 -15.70 -17.82
C HIS C 195 23.98 -14.49 -18.74
N HIS C 196 23.57 -13.32 -18.24
CA HIS C 196 23.83 -12.07 -18.93
C HIS C 196 25.31 -11.77 -18.74
N SER C 197 26.10 -12.00 -19.79
CA SER C 197 27.53 -11.78 -19.70
C SER C 197 27.83 -10.28 -19.79
N ASN C 198 29.09 -9.93 -19.58
CA ASN C 198 29.50 -8.51 -19.57
C ASN C 198 30.05 -8.02 -20.90
N ASN C 199 30.57 -8.90 -21.76
CA ASN C 199 30.95 -8.52 -23.10
C ASN C 199 30.89 -9.73 -24.01
N ALA C 200 31.03 -9.48 -25.32
CA ALA C 200 30.92 -10.56 -26.30
C ALA C 200 32.13 -11.47 -26.33
N GLU C 201 33.27 -11.03 -25.79
CA GLU C 201 34.43 -11.91 -25.76
C GLU C 201 34.22 -13.06 -24.78
N GLU C 202 33.47 -12.82 -23.71
CA GLU C 202 33.12 -13.91 -22.80
C GLU C 202 32.09 -14.86 -23.39
N GLN C 203 31.26 -14.40 -24.33
CA GLN C 203 30.42 -15.32 -25.07
C GLN C 203 31.24 -16.10 -26.09
N THR C 204 32.30 -15.51 -26.61
CA THR C 204 33.19 -16.25 -27.49
C THR C 204 33.98 -17.30 -26.72
N ASN C 205 34.33 -17.02 -25.46
CA ASN C 205 35.16 -17.90 -24.67
C ASN C 205 34.34 -18.90 -23.85
N LEU C 206 33.30 -18.43 -23.16
CA LEU C 206 32.53 -19.35 -22.32
C LEU C 206 31.67 -20.28 -23.17
N TYR C 207 31.02 -19.73 -24.19
CA TYR C 207 30.24 -20.46 -25.18
C TYR C 207 30.86 -20.24 -26.56
N LYS C 208 30.15 -20.68 -27.60
CA LYS C 208 30.59 -20.57 -28.98
C LYS C 208 29.72 -19.63 -29.80
N ASN C 209 28.40 -19.78 -29.72
CA ASN C 209 27.52 -18.96 -30.53
C ASN C 209 27.42 -17.55 -29.94
N PRO C 210 27.54 -16.47 -30.76
CA PRO C 210 27.39 -15.12 -30.19
C PRO C 210 25.97 -14.81 -29.76
N THR C 211 25.00 -15.05 -30.65
CA THR C 211 23.60 -14.74 -30.41
C THR C 211 22.91 -16.00 -29.92
N THR C 212 22.59 -16.03 -28.63
CA THR C 212 22.05 -17.21 -27.95
C THR C 212 20.64 -16.90 -27.44
N TYR C 213 19.89 -17.97 -27.19
CA TYR C 213 18.54 -17.87 -26.65
C TYR C 213 18.30 -19.02 -25.68
N ILE C 214 17.34 -18.81 -24.79
CA ILE C 214 16.83 -19.87 -23.92
C ILE C 214 15.31 -19.86 -24.09
N SER C 215 14.78 -20.92 -24.69
CA SER C 215 13.36 -21.13 -24.86
C SER C 215 12.88 -22.12 -23.80
N VAL C 216 11.93 -21.69 -22.98
CA VAL C 216 11.34 -22.53 -21.95
C VAL C 216 9.84 -22.63 -22.24
N GLY C 217 9.36 -23.86 -22.39
CA GLY C 217 7.97 -24.16 -22.69
C GLY C 217 7.31 -25.03 -21.63
N THR C 218 6.11 -24.63 -21.21
CA THR C 218 5.29 -25.39 -20.29
C THR C 218 3.86 -25.27 -20.81
N SER C 219 2.94 -26.03 -20.21
CA SER C 219 1.53 -25.85 -20.53
C SER C 219 1.05 -24.43 -20.21
N THR C 220 1.61 -23.81 -19.16
CA THR C 220 1.20 -22.48 -18.69
C THR C 220 2.37 -21.50 -18.60
N LEU C 221 3.43 -21.69 -19.38
CA LEU C 221 4.56 -20.77 -19.34
C LEU C 221 5.28 -20.76 -20.67
N ASN C 222 5.64 -19.55 -21.12
CA ASN C 222 6.43 -19.33 -22.33
C ASN C 222 7.51 -18.32 -22.00
N GLN C 223 8.77 -18.66 -22.29
CA GLN C 223 9.87 -17.73 -22.07
C GLN C 223 10.88 -17.85 -23.21
N ARG C 224 11.40 -16.71 -23.65
CA ARG C 224 12.35 -16.59 -24.75
C ARG C 224 13.52 -15.71 -24.34
N LEU C 225 14.15 -16.07 -23.22
CA LEU C 225 15.20 -15.24 -22.62
C LEU C 225 16.39 -15.08 -23.55
N VAL C 226 16.94 -13.87 -23.60
CA VAL C 226 18.10 -13.52 -24.42
C VAL C 226 19.13 -12.85 -23.51
N PRO C 227 20.44 -13.11 -23.64
CA PRO C 227 21.40 -12.40 -22.78
C PRO C 227 21.59 -10.95 -23.17
N LYS C 228 21.69 -10.09 -22.16
CA LYS C 228 22.07 -8.69 -22.32
C LYS C 228 23.59 -8.61 -22.13
N ILE C 229 24.30 -8.30 -23.22
CA ILE C 229 25.74 -8.57 -23.34
C ILE C 229 26.60 -7.33 -23.06
N ALA C 230 26.04 -6.26 -22.50
CA ALA C 230 26.82 -5.05 -22.34
C ALA C 230 27.56 -4.98 -21.00
N THR C 231 28.39 -3.95 -20.89
CA THR C 231 29.25 -3.74 -19.74
C THR C 231 28.44 -3.39 -18.50
N ARG C 232 28.84 -3.96 -17.36
CA ARG C 232 28.31 -3.59 -16.06
C ARG C 232 29.45 -3.44 -15.06
N SER C 233 29.14 -2.81 -13.93
CA SER C 233 30.14 -2.52 -12.92
C SER C 233 30.44 -3.77 -12.10
N GLN C 234 31.37 -3.65 -11.15
CA GLN C 234 31.80 -4.78 -10.33
C GLN C 234 30.87 -4.95 -9.15
N VAL C 235 30.28 -6.13 -9.05
CA VAL C 235 29.61 -6.60 -7.83
C VAL C 235 30.30 -7.90 -7.44
N ASN C 236 30.75 -7.98 -6.19
CA ASN C 236 31.41 -9.17 -5.65
C ASN C 236 32.64 -9.58 -6.47
N GLY C 237 33.30 -8.61 -7.09
CA GLY C 237 34.52 -8.86 -7.83
C GLY C 237 34.34 -9.21 -9.29
N GLN C 238 33.10 -9.42 -9.76
CA GLN C 238 32.82 -9.78 -11.14
C GLN C 238 31.71 -8.89 -11.68
N ARG C 239 31.53 -8.95 -13.01
CA ARG C 239 30.61 -8.08 -13.75
C ARG C 239 29.46 -8.80 -14.41
N GLY C 240 29.55 -10.11 -14.63
CA GLY C 240 28.43 -10.82 -15.22
C GLY C 240 27.30 -11.00 -14.24
N ARG C 241 26.08 -11.10 -14.78
CA ARG C 241 24.86 -11.21 -13.97
C ARG C 241 24.11 -12.45 -14.39
N MET C 242 23.92 -13.39 -13.46
CA MET C 242 23.07 -14.55 -13.69
C MET C 242 21.67 -14.25 -13.16
N ASP C 243 20.72 -14.13 -14.06
CA ASP C 243 19.32 -13.88 -13.72
C ASP C 243 18.59 -15.21 -13.74
N PHE C 244 18.02 -15.58 -12.60
CA PHE C 244 17.43 -16.89 -12.40
C PHE C 244 15.91 -16.82 -12.52
N PHE C 245 15.32 -17.96 -12.88
CA PHE C 245 13.89 -18.08 -13.09
C PHE C 245 13.43 -19.42 -12.52
N TRP C 246 12.13 -19.52 -12.29
CA TRP C 246 11.55 -20.70 -11.68
C TRP C 246 10.19 -20.99 -12.32
N THR C 247 9.73 -22.22 -12.13
CA THR C 247 8.37 -22.60 -12.49
C THR C 247 7.88 -23.68 -11.54
N ILE C 248 6.57 -23.85 -11.51
CA ILE C 248 5.90 -24.93 -10.77
C ILE C 248 5.21 -25.81 -11.80
N LEU C 249 5.59 -27.08 -11.82
CA LEU C 249 5.16 -28.05 -12.81
C LEU C 249 4.13 -28.99 -12.18
N LYS C 250 2.96 -29.09 -12.80
CA LYS C 250 1.86 -29.91 -12.33
C LYS C 250 2.12 -31.39 -12.59
N PRO C 251 1.39 -32.29 -11.93
CA PRO C 251 1.51 -33.71 -12.27
C PRO C 251 1.06 -33.99 -13.69
N ASP C 252 1.78 -34.90 -14.36
CA ASP C 252 1.63 -35.21 -15.79
C ASP C 252 1.83 -33.99 -16.69
N ASP C 253 2.48 -32.94 -16.20
CA ASP C 253 2.90 -31.80 -17.00
C ASP C 253 4.38 -31.94 -17.32
N ALA C 254 4.77 -31.37 -18.45
CA ALA C 254 6.12 -31.50 -18.98
C ALA C 254 6.74 -30.12 -19.13
N ILE C 255 7.95 -29.98 -18.59
CA ILE C 255 8.77 -28.78 -18.76
C ILE C 255 9.73 -29.05 -19.91
N HIS C 256 9.90 -28.06 -20.78
CA HIS C 256 10.72 -28.20 -21.98
C HIS C 256 11.75 -27.10 -21.99
N PHE C 257 13.03 -27.47 -22.06
CA PHE C 257 14.15 -26.55 -22.16
C PHE C 257 14.81 -26.71 -23.51
N GLU C 258 14.96 -25.59 -24.22
CA GLU C 258 15.70 -25.52 -25.47
C GLU C 258 16.67 -24.37 -25.32
N SER C 259 17.94 -24.59 -25.66
CA SER C 259 18.92 -23.52 -25.50
C SER C 259 20.08 -23.78 -26.45
N ASN C 260 20.83 -22.72 -26.73
CA ASN C 260 22.10 -22.81 -27.44
C ASN C 260 23.18 -21.95 -26.79
N GLY C 261 22.98 -21.52 -25.54
CA GLY C 261 23.98 -20.76 -24.83
C GLY C 261 23.44 -20.14 -23.55
N ASN C 262 24.35 -19.76 -22.66
CA ASN C 262 24.04 -19.03 -21.43
C ASN C 262 23.08 -19.79 -20.52
N PHE C 263 23.00 -21.11 -20.63
CA PHE C 263 21.99 -21.89 -19.91
C PHE C 263 22.53 -22.30 -18.55
N ILE C 264 21.91 -21.79 -17.49
CA ILE C 264 22.19 -22.24 -16.12
C ILE C 264 21.25 -23.41 -15.89
N ALA C 265 21.69 -24.60 -16.31
CA ALA C 265 20.77 -25.72 -16.42
C ALA C 265 20.45 -26.31 -15.04
N PRO C 266 19.24 -26.85 -14.84
CA PRO C 266 18.95 -27.47 -13.53
C PRO C 266 19.64 -28.81 -13.38
N GLU C 267 19.93 -29.16 -12.14
CA GLU C 267 20.43 -30.49 -11.79
C GLU C 267 19.63 -31.06 -10.61
N TYR C 268 19.06 -30.20 -9.77
CA TYR C 268 18.20 -30.60 -8.65
C TYR C 268 16.91 -29.80 -8.71
N ALA C 269 15.83 -30.43 -8.27
CA ALA C 269 14.52 -29.79 -8.18
C ALA C 269 13.89 -30.19 -6.86
N TYR C 270 12.84 -29.46 -6.49
CA TYR C 270 12.17 -29.63 -5.20
C TYR C 270 10.73 -30.08 -5.44
N LYS C 271 10.33 -31.12 -4.72
CA LYS C 271 8.99 -31.69 -4.82
C LYS C 271 8.18 -31.27 -3.60
N ILE C 272 6.99 -30.74 -3.83
CA ILE C 272 6.13 -30.24 -2.75
C ILE C 272 5.34 -31.42 -2.21
N VAL C 273 5.75 -31.93 -1.05
CA VAL C 273 5.07 -33.06 -0.42
C VAL C 273 4.01 -32.58 0.57
N LYS C 274 4.37 -31.65 1.43
CA LYS C 274 3.46 -31.06 2.41
C LYS C 274 3.22 -29.61 2.02
N LYS C 275 1.95 -29.23 1.91
CA LYS C 275 1.54 -27.88 1.48
C LYS C 275 0.57 -27.36 2.53
N GLY C 276 1.08 -26.52 3.44
CA GLY C 276 0.29 -25.99 4.53
C GLY C 276 0.54 -24.51 4.79
N ASP C 277 0.86 -24.17 6.03
CA ASP C 277 1.02 -22.78 6.48
C ASP C 277 2.42 -22.57 7.02
N SER C 278 3.09 -21.55 6.53
CA SER C 278 4.42 -21.16 7.01
C SER C 278 4.60 -19.68 6.72
N THR C 279 5.83 -19.18 6.89
CA THR C 279 6.13 -17.80 6.55
C THR C 279 7.63 -17.67 6.32
N ILE C 280 8.01 -16.60 5.61
CA ILE C 280 9.41 -16.25 5.40
C ILE C 280 9.70 -15.15 6.42
N MET C 281 10.15 -15.56 7.60
CA MET C 281 10.38 -14.68 8.73
C MET C 281 11.77 -14.06 8.62
N LYS C 282 11.88 -12.80 9.01
CA LYS C 282 13.15 -12.06 8.99
C LYS C 282 13.58 -11.71 10.41
N SER C 283 14.58 -12.44 10.91
CA SER C 283 15.11 -12.19 12.25
C SER C 283 16.48 -12.82 12.37
N GLY C 284 17.28 -12.28 13.30
CA GLY C 284 18.63 -12.73 13.54
C GLY C 284 18.83 -13.34 14.91
N VAL C 285 17.75 -13.76 15.57
CA VAL C 285 17.83 -14.33 16.90
C VAL C 285 18.28 -15.79 16.79
N GLU C 286 19.16 -16.20 17.70
CA GLU C 286 19.72 -17.53 17.65
C GLU C 286 18.67 -18.59 17.98
N TYR C 287 19.00 -19.84 17.66
CA TYR C 287 18.08 -20.95 17.85
C TYR C 287 18.12 -21.41 19.30
N GLY C 288 16.94 -21.48 19.93
CA GLY C 288 16.81 -21.97 21.28
C GLY C 288 15.97 -23.26 21.30
N HIS C 289 15.96 -23.90 22.47
CA HIS C 289 15.29 -25.19 22.66
C HIS C 289 14.09 -24.98 23.58
N CYS C 290 12.91 -24.97 22.98
CA CYS C 290 11.65 -24.89 23.69
C CYS C 290 10.57 -25.45 22.78
N ASN C 291 9.33 -25.47 23.28
CA ASN C 291 8.17 -25.88 22.51
C ASN C 291 7.04 -24.90 22.77
N THR C 292 6.31 -24.55 21.71
CA THR C 292 5.28 -23.52 21.77
C THR C 292 4.32 -23.72 20.61
N LYS C 293 3.27 -22.90 20.59
CA LYS C 293 2.27 -22.89 19.54
C LYS C 293 2.41 -21.71 18.59
N CYS C 294 2.96 -20.59 19.06
CA CYS C 294 3.16 -19.39 18.26
C CYS C 294 4.63 -18.98 18.24
N GLN C 295 5.05 -18.40 17.11
CA GLN C 295 6.39 -17.86 16.97
C GLN C 295 6.29 -16.42 16.47
N THR C 296 7.01 -15.53 17.14
CA THR C 296 7.18 -14.13 16.80
C THR C 296 8.68 -13.82 16.63
N PRO C 297 9.09 -12.99 15.64
CA PRO C 297 10.51 -13.02 15.20
C PRO C 297 11.53 -12.65 16.26
N VAL C 298 11.19 -11.81 17.24
CA VAL C 298 12.14 -11.42 18.28
C VAL C 298 12.09 -12.34 19.49
N GLY C 299 11.05 -13.16 19.62
CA GLY C 299 10.95 -14.09 20.73
C GLY C 299 9.65 -14.86 20.70
N ALA C 300 9.70 -16.14 21.02
CA ALA C 300 8.51 -16.97 20.94
C ALA C 300 7.57 -16.67 22.09
N ILE C 301 6.28 -16.50 21.78
CA ILE C 301 5.25 -16.26 22.78
C ILE C 301 4.70 -17.62 23.21
N ASN C 302 4.73 -17.87 24.52
CA ASN C 302 4.09 -19.04 25.12
C ASN C 302 3.11 -18.51 26.15
N SER C 303 1.94 -18.10 25.68
CA SER C 303 0.90 -17.58 26.56
C SER C 303 -0.42 -17.59 25.81
N SER C 304 -1.51 -17.45 26.55
CA SER C 304 -2.87 -17.48 26.02
C SER C 304 -3.58 -16.13 26.13
N MET C 305 -2.84 -15.04 26.26
CA MET C 305 -3.49 -13.73 26.33
C MET C 305 -4.05 -13.32 24.97
N PRO C 306 -5.14 -12.53 24.94
CA PRO C 306 -5.70 -12.15 23.63
C PRO C 306 -4.85 -11.18 22.80
N PHE C 307 -3.89 -10.45 23.39
CA PHE C 307 -3.15 -9.41 22.67
C PHE C 307 -1.67 -9.42 23.00
N HIS C 308 -0.86 -9.12 21.98
CA HIS C 308 0.60 -9.11 22.05
C HIS C 308 1.13 -7.86 21.36
N ASN C 309 2.20 -7.26 21.92
CA ASN C 309 2.91 -6.14 21.29
C ASN C 309 4.22 -6.56 20.64
N ILE C 310 4.53 -7.85 20.64
CA ILE C 310 5.89 -8.31 20.33
C ILE C 310 6.30 -7.96 18.90
N HIS C 311 5.48 -8.33 17.90
CA HIS C 311 5.81 -7.96 16.52
C HIS C 311 4.59 -8.21 15.64
N PRO C 312 4.42 -7.52 14.49
CA PRO C 312 3.18 -7.76 13.71
C PRO C 312 3.06 -9.16 13.13
N LEU C 313 4.15 -9.71 12.61
CA LEU C 313 4.12 -10.99 11.93
C LEU C 313 4.29 -12.13 12.93
N THR C 314 3.29 -13.00 13.05
CA THR C 314 3.33 -14.10 14.01
C THR C 314 2.73 -15.35 13.35
N ILE C 315 3.47 -16.46 13.40
CA ILE C 315 3.09 -17.70 12.74
C ILE C 315 2.64 -18.67 13.84
N GLY C 316 1.38 -19.09 13.76
CA GLY C 316 0.78 -20.09 14.62
C GLY C 316 -0.51 -19.55 15.22
N GLU C 317 -1.03 -20.29 16.20
CA GLU C 317 -2.17 -19.81 16.99
C GLU C 317 -1.60 -18.80 17.97
N CYS C 318 -1.82 -17.52 17.70
CA CYS C 318 -1.17 -16.42 18.40
C CYS C 318 -2.18 -15.38 18.84
N PRO C 319 -1.77 -14.47 19.72
CA PRO C 319 -2.64 -13.34 20.04
C PRO C 319 -2.66 -12.38 18.85
N LYS C 320 -3.70 -11.55 18.79
CA LYS C 320 -3.76 -10.53 17.75
C LYS C 320 -2.82 -9.39 18.12
N TYR C 321 -2.17 -8.81 17.11
CA TYR C 321 -1.22 -7.75 17.35
C TYR C 321 -1.94 -6.42 17.54
N VAL C 322 -1.61 -5.73 18.62
CA VAL C 322 -2.10 -4.37 18.87
C VAL C 322 -0.90 -3.55 19.34
N LYS C 323 -0.62 -2.46 18.65
CA LYS C 323 0.52 -1.59 18.95
C LYS C 323 0.10 -0.65 20.07
N SER C 324 0.23 -1.13 21.32
CA SER C 324 -0.20 -0.36 22.47
C SER C 324 0.60 -0.79 23.69
N ASN C 325 0.45 -0.03 24.76
CA ASN C 325 0.95 -0.39 26.08
C ASN C 325 -0.15 -0.18 27.11
N LYS C 326 -0.14 -1.03 28.14
CA LYS C 326 -1.11 -0.98 29.23
C LYS C 326 -2.54 -1.13 28.71
N LEU C 327 -2.80 -2.30 28.14
CA LEU C 327 -4.11 -2.70 27.62
C LEU C 327 -4.69 -3.70 28.63
N VAL C 328 -5.40 -3.19 29.63
CA VAL C 328 -5.91 -4.00 30.73
C VAL C 328 -7.38 -3.66 30.97
N LEU C 329 -8.23 -4.69 30.98
CA LEU C 329 -9.65 -4.50 31.24
C LEU C 329 -9.89 -4.60 32.73
N ALA C 330 -10.88 -3.86 33.20
CA ALA C 330 -11.21 -3.82 34.62
C ALA C 330 -12.34 -4.84 34.76
N THR C 331 -11.99 -6.07 35.18
CA THR C 331 -12.99 -7.09 35.46
C THR C 331 -13.40 -7.10 36.92
N GLY C 332 -13.31 -5.95 37.58
CA GLY C 332 -13.58 -5.82 39.00
C GLY C 332 -13.91 -4.37 39.26
N LEU C 333 -14.24 -4.08 40.51
CA LEU C 333 -14.72 -2.77 40.89
C LEU C 333 -13.55 -1.87 41.32
N ARG C 334 -13.82 -0.56 41.31
CA ARG C 334 -12.90 0.51 41.73
C ARG C 334 -11.87 0.71 40.63
N LEU D 2 -20.64 7.77 37.62
CA LEU D 2 -21.94 8.08 37.05
C LEU D 2 -23.04 7.88 38.09
N PHE D 3 -23.20 6.64 38.53
CA PHE D 3 -24.29 6.31 39.43
C PHE D 3 -24.04 6.82 40.85
N GLY D 4 -22.79 7.05 41.22
CA GLY D 4 -22.49 7.72 42.46
C GLY D 4 -22.75 6.94 43.73
N ALA D 5 -22.22 5.70 43.80
CA ALA D 5 -22.05 5.00 45.07
C ALA D 5 -20.59 4.68 45.34
N ILE D 6 -19.75 4.59 44.32
CA ILE D 6 -18.30 4.53 44.49
C ILE D 6 -17.81 5.95 44.75
N ALA D 7 -17.35 6.19 45.97
CA ALA D 7 -17.07 7.54 46.48
C ALA D 7 -18.29 8.47 46.37
N GLY D 8 -19.49 7.89 46.46
CA GLY D 8 -20.75 8.62 46.44
C GLY D 8 -21.49 8.46 47.75
N PHE D 9 -22.46 7.53 47.75
CA PHE D 9 -23.09 7.10 48.99
C PHE D 9 -22.04 6.54 49.94
N ILE D 10 -21.08 5.78 49.42
CA ILE D 10 -20.07 5.09 50.20
C ILE D 10 -18.79 5.91 50.12
N GLU D 11 -18.23 6.26 51.28
CA GLU D 11 -16.95 6.98 51.29
C GLU D 11 -15.83 6.06 50.82
N GLY D 12 -15.80 4.84 51.35
CA GLY D 12 -14.80 3.87 50.95
C GLY D 12 -15.27 2.47 51.26
N GLY D 13 -14.89 1.53 50.40
CA GLY D 13 -15.27 0.14 50.63
C GLY D 13 -14.46 -0.46 51.76
N TRP D 14 -15.13 -1.23 52.61
CA TRP D 14 -14.46 -1.81 53.76
C TRP D 14 -13.55 -2.96 53.35
N GLN D 15 -12.48 -3.14 54.12
CA GLN D 15 -11.43 -4.11 53.85
C GLN D 15 -11.59 -5.30 54.78
N GLY D 16 -11.50 -6.50 54.22
CA GLY D 16 -11.66 -7.76 54.95
C GLY D 16 -12.85 -8.60 54.54
N MET D 17 -13.65 -8.16 53.56
CA MET D 17 -14.81 -8.90 53.08
C MET D 17 -14.41 -9.65 51.81
N VAL D 18 -13.65 -10.73 52.01
CA VAL D 18 -13.11 -11.50 50.86
C VAL D 18 -14.15 -12.56 50.52
N ASP D 19 -15.21 -12.11 49.83
CA ASP D 19 -16.17 -13.00 49.19
C ASP D 19 -16.74 -12.22 47.99
N GLY D 20 -16.12 -12.42 46.84
CA GLY D 20 -16.60 -11.71 45.66
C GLY D 20 -16.27 -10.23 45.74
N TRP D 21 -17.19 -9.40 45.22
CA TRP D 21 -17.03 -7.95 45.15
C TRP D 21 -18.01 -7.17 46.01
N TYR D 22 -19.24 -7.66 46.17
CA TYR D 22 -20.32 -6.93 46.83
C TYR D 22 -20.71 -7.69 48.10
N GLY D 23 -21.22 -6.94 49.08
CA GLY D 23 -21.62 -7.58 50.32
C GLY D 23 -22.21 -6.58 51.29
N TYR D 24 -22.65 -7.12 52.43
CA TYR D 24 -23.32 -6.38 53.49
C TYR D 24 -22.44 -6.34 54.72
N HIS D 25 -22.90 -5.59 55.72
CA HIS D 25 -22.24 -5.52 57.02
C HIS D 25 -23.26 -5.07 58.04
N HIS D 26 -23.30 -5.78 59.18
CA HIS D 26 -24.28 -5.54 60.23
C HIS D 26 -23.60 -5.63 61.58
N SER D 27 -24.01 -4.77 62.51
CA SER D 27 -23.50 -4.76 63.88
C SER D 27 -24.58 -5.23 64.85
N ASN D 28 -25.29 -6.29 64.49
CA ASN D 28 -26.29 -6.87 65.36
C ASN D 28 -25.61 -7.56 66.54
N GLU D 29 -26.39 -7.79 67.61
CA GLU D 29 -25.85 -8.40 68.81
C GLU D 29 -25.30 -9.80 68.53
N GLN D 30 -26.01 -10.59 67.71
CA GLN D 30 -25.60 -11.96 67.40
C GLN D 30 -24.56 -11.95 66.29
N GLY D 31 -23.40 -11.39 66.60
CA GLY D 31 -22.28 -11.33 65.67
C GLY D 31 -22.26 -10.04 64.87
N SER D 32 -21.05 -9.61 64.52
CA SER D 32 -20.83 -8.39 63.73
C SER D 32 -19.66 -8.64 62.76
N GLY D 33 -19.95 -9.33 61.66
CA GLY D 33 -18.93 -9.72 60.71
C GLY D 33 -19.40 -9.53 59.28
N TYR D 34 -18.43 -9.32 58.40
CA TYR D 34 -18.71 -9.18 56.99
C TYR D 34 -19.21 -10.49 56.39
N ALA D 35 -19.93 -10.37 55.28
CA ALA D 35 -20.49 -11.50 54.54
C ALA D 35 -20.55 -11.10 53.07
N ALA D 36 -21.44 -11.73 52.30
CA ALA D 36 -21.59 -11.32 50.91
C ALA D 36 -22.92 -11.78 50.34
N ASP D 37 -23.41 -11.01 49.37
CA ASP D 37 -24.66 -11.27 48.65
C ASP D 37 -24.29 -12.01 47.37
N LYS D 38 -24.26 -13.34 47.47
CA LYS D 38 -23.81 -14.17 46.35
C LYS D 38 -24.69 -14.01 45.11
N GLU D 39 -26.02 -13.91 45.27
CA GLU D 39 -26.89 -13.87 44.10
C GLU D 39 -26.58 -12.67 43.18
N SER D 40 -26.41 -11.49 43.76
CA SER D 40 -26.13 -10.29 42.98
C SER D 40 -24.69 -10.28 42.50
N THR D 41 -23.76 -10.65 43.37
CA THR D 41 -22.36 -10.70 42.99
C THR D 41 -22.16 -11.72 41.88
N GLN D 42 -22.86 -12.85 41.97
CA GLN D 42 -22.76 -13.89 40.95
C GLN D 42 -23.33 -13.38 39.63
N LYS D 43 -24.42 -12.60 39.68
CA LYS D 43 -24.96 -12.02 38.45
C LYS D 43 -23.93 -11.08 37.83
N ALA D 44 -23.28 -10.25 38.65
CA ALA D 44 -22.25 -9.35 38.14
C ALA D 44 -21.05 -10.12 37.62
N ILE D 45 -20.68 -11.21 38.29
CA ILE D 45 -19.50 -11.98 37.92
C ILE D 45 -19.75 -12.66 36.58
N ASP D 46 -20.85 -13.42 36.49
CA ASP D 46 -21.21 -14.07 35.24
C ASP D 46 -21.34 -13.05 34.11
N GLY D 47 -21.83 -11.84 34.40
CA GLY D 47 -21.89 -10.81 33.39
C GLY D 47 -20.51 -10.36 32.93
N VAL D 48 -19.57 -10.20 33.86
CA VAL D 48 -18.21 -9.81 33.49
C VAL D 48 -17.52 -10.94 32.72
N THR D 49 -17.75 -12.19 33.14
CA THR D 49 -17.18 -13.34 32.45
C THR D 49 -17.68 -13.38 31.01
N ASN D 50 -18.99 -13.24 30.82
CA ASN D 50 -19.56 -13.20 29.50
C ASN D 50 -19.03 -12.02 28.71
N LYS D 51 -18.83 -10.87 29.37
CA LYS D 51 -18.25 -9.71 28.70
C LYS D 51 -16.88 -10.04 28.14
N VAL D 52 -16.02 -10.64 28.98
CA VAL D 52 -14.66 -10.99 28.56
C VAL D 52 -14.71 -11.99 27.42
N ASN D 53 -15.61 -12.97 27.52
CA ASN D 53 -15.77 -13.95 26.45
C ASN D 53 -16.18 -13.25 25.17
N SER D 54 -17.06 -12.25 25.28
CA SER D 54 -17.47 -11.49 24.10
C SER D 54 -16.28 -10.77 23.48
N ILE D 55 -15.44 -10.12 24.31
CA ILE D 55 -14.32 -9.37 23.74
C ILE D 55 -13.37 -10.30 23.00
N ILE D 56 -13.03 -11.44 23.61
CA ILE D 56 -12.15 -12.38 22.90
C ILE D 56 -12.86 -12.94 21.67
N ASP D 57 -14.19 -13.12 21.73
CA ASP D 57 -14.92 -13.66 20.59
C ASP D 57 -14.85 -12.72 19.39
N LYS D 58 -15.04 -11.41 19.62
CA LYS D 58 -14.99 -10.47 18.50
C LYS D 58 -13.61 -10.41 17.86
N MET D 59 -12.54 -10.50 18.66
CA MET D 59 -11.19 -10.40 18.13
C MET D 59 -10.82 -11.49 17.13
N ASN D 60 -11.59 -12.56 17.01
CA ASN D 60 -11.25 -13.57 16.03
C ASN D 60 -11.38 -13.01 14.62
N THR D 61 -10.63 -13.62 13.69
CA THR D 61 -10.63 -13.25 12.27
C THR D 61 -10.40 -11.75 12.04
N GLN D 62 -9.44 -11.19 12.76
CA GLN D 62 -8.95 -9.85 12.47
C GLN D 62 -7.91 -9.91 11.35
N PHE D 63 -7.21 -8.80 11.12
CA PHE D 63 -6.16 -8.73 10.10
C PHE D 63 -4.92 -9.43 10.63
N GLU D 64 -4.57 -10.55 9.99
CA GLU D 64 -3.34 -11.27 10.28
C GLU D 64 -2.31 -10.84 9.24
N ALA D 65 -1.33 -10.05 9.67
CA ALA D 65 -0.41 -9.38 8.75
C ALA D 65 0.64 -10.39 8.28
N VAL D 66 0.45 -10.91 7.06
CA VAL D 66 1.47 -11.75 6.45
C VAL D 66 2.59 -10.87 5.89
N GLY D 67 3.75 -11.49 5.70
CA GLY D 67 4.91 -10.77 5.18
C GLY D 67 5.00 -10.85 3.68
N ARG D 68 4.62 -9.76 3.01
CA ARG D 68 4.76 -9.61 1.56
C ARG D 68 5.95 -8.70 1.29
N GLU D 69 6.94 -9.22 0.57
CA GLU D 69 8.11 -8.45 0.18
C GLU D 69 7.92 -7.89 -1.22
N PHE D 70 8.61 -6.79 -1.51
CA PHE D 70 8.59 -6.14 -2.81
C PHE D 70 9.99 -5.70 -3.17
N ASN D 71 10.28 -5.66 -4.47
CA ASN D 71 11.61 -5.35 -4.95
C ASN D 71 11.79 -3.82 -5.01
N ASN D 72 12.86 -3.37 -5.67
CA ASN D 72 13.20 -1.95 -5.65
C ASN D 72 12.23 -1.11 -6.48
N LEU D 73 11.66 -1.69 -7.53
CA LEU D 73 10.85 -0.97 -8.50
C LEU D 73 9.34 -1.09 -8.23
N GLU D 74 8.95 -1.56 -7.03
CA GLU D 74 7.57 -1.65 -6.61
C GLU D 74 7.34 -0.84 -5.34
N ARG D 75 8.06 0.28 -5.20
CA ARG D 75 7.93 1.12 -4.02
C ARG D 75 6.51 1.65 -3.85
N ARG D 76 5.80 1.92 -4.94
CA ARG D 76 4.39 2.29 -4.82
C ARG D 76 3.59 1.16 -4.20
N ILE D 77 3.83 -0.07 -4.64
CA ILE D 77 3.08 -1.20 -4.11
C ILE D 77 3.44 -1.44 -2.65
N GLU D 78 4.71 -1.31 -2.29
CA GLU D 78 5.07 -1.47 -0.88
C GLU D 78 4.53 -0.34 -0.02
N ASN D 79 4.50 0.89 -0.55
CA ASN D 79 3.90 1.98 0.22
C ASN D 79 2.39 1.84 0.30
N LEU D 80 1.76 1.13 -0.64
CA LEU D 80 0.38 0.73 -0.48
C LEU D 80 0.26 -0.32 0.61
N ASN D 81 1.10 -1.35 0.57
CA ASN D 81 0.92 -2.51 1.44
C ASN D 81 1.27 -2.18 2.88
N LYS D 82 2.39 -1.50 3.10
CA LYS D 82 2.77 -1.11 4.46
C LYS D 82 1.83 -0.07 5.04
N LYS D 83 1.12 0.67 4.19
CA LYS D 83 0.14 1.63 4.70
C LYS D 83 -1.20 0.96 4.92
N MET D 84 -1.52 -0.08 4.15
CA MET D 84 -2.70 -0.87 4.42
C MET D 84 -2.52 -1.56 5.76
N GLU D 85 -1.37 -2.20 5.96
CA GLU D 85 -1.11 -2.90 7.22
C GLU D 85 -1.06 -1.93 8.39
N ASP D 86 -0.37 -0.79 8.23
CA ASP D 86 -0.34 0.20 9.29
C ASP D 86 -1.73 0.76 9.56
N GLY D 87 -2.51 1.02 8.52
CA GLY D 87 -3.86 1.53 8.72
C GLY D 87 -4.75 0.53 9.42
N PHE D 88 -4.69 -0.74 9.01
CA PHE D 88 -5.51 -1.76 9.64
C PHE D 88 -5.08 -1.97 11.08
N LEU D 89 -3.77 -1.88 11.33
CA LEU D 89 -3.28 -1.97 12.69
C LEU D 89 -3.76 -0.78 13.52
N ASP D 90 -3.68 0.44 12.97
CA ASP D 90 -4.16 1.60 13.70
C ASP D 90 -5.66 1.50 13.96
N VAL D 91 -6.41 0.89 13.04
CA VAL D 91 -7.83 0.66 13.26
C VAL D 91 -8.02 -0.37 14.37
N TRP D 92 -7.30 -1.49 14.32
CA TRP D 92 -7.57 -2.57 15.26
C TRP D 92 -7.02 -2.25 16.63
N THR D 93 -5.86 -1.58 16.70
CA THR D 93 -5.38 -0.98 17.94
C THR D 93 -6.38 0.02 18.49
N TYR D 94 -6.95 0.87 17.64
CA TYR D 94 -7.97 1.80 18.10
C TYR D 94 -9.20 1.07 18.62
N ASN D 95 -9.64 0.04 17.91
CA ASN D 95 -10.78 -0.78 18.30
C ASN D 95 -10.47 -1.71 19.47
N ALA D 96 -9.20 -1.89 19.83
CA ALA D 96 -8.83 -2.43 21.13
C ALA D 96 -8.92 -1.35 22.20
N GLU D 97 -8.19 -0.25 22.00
CA GLU D 97 -7.96 0.70 23.07
C GLU D 97 -9.24 1.43 23.43
N LEU D 98 -9.94 1.99 22.44
CA LEU D 98 -11.23 2.61 22.69
C LEU D 98 -12.22 1.59 23.26
N LEU D 99 -12.17 0.36 22.79
CA LEU D 99 -13.11 -0.65 23.29
C LEU D 99 -12.91 -0.90 24.77
N VAL D 100 -11.66 -1.08 25.21
CA VAL D 100 -11.44 -1.34 26.64
C VAL D 100 -11.37 -0.06 27.46
N LEU D 101 -11.27 1.10 26.83
CA LEU D 101 -11.50 2.36 27.53
C LEU D 101 -12.98 2.51 27.84
N MET D 102 -13.83 2.28 26.85
CA MET D 102 -15.25 2.48 27.05
C MET D 102 -15.79 1.39 27.95
N GLU D 103 -15.34 0.16 27.74
CA GLU D 103 -15.80 -0.96 28.56
C GLU D 103 -15.31 -0.83 29.99
N ASN D 104 -14.11 -0.29 30.23
CA ASN D 104 -13.73 0.02 31.61
C ASN D 104 -14.63 1.10 32.20
N GLU D 105 -14.93 2.14 31.42
CA GLU D 105 -15.86 3.17 31.91
C GLU D 105 -17.25 2.61 32.15
N ARG D 106 -17.67 1.61 31.37
CA ARG D 106 -18.93 0.91 31.64
C ARG D 106 -18.82 0.00 32.84
N THR D 107 -17.70 -0.70 33.02
CA THR D 107 -17.64 -1.72 34.07
C THR D 107 -17.48 -1.07 35.43
N LEU D 108 -16.70 0.01 35.52
CA LEU D 108 -16.58 0.76 36.76
C LEU D 108 -17.82 1.60 37.07
N ASP D 109 -18.76 1.71 36.14
CA ASP D 109 -20.07 2.31 36.37
C ASP D 109 -21.18 1.29 36.51
N PHE D 110 -21.02 0.12 35.89
CA PHE D 110 -21.92 -1.01 36.08
C PHE D 110 -21.73 -1.65 37.45
N HIS D 111 -20.52 -1.66 37.97
CA HIS D 111 -20.31 -2.11 39.33
C HIS D 111 -20.84 -1.06 40.31
N ASP D 112 -20.71 0.21 39.96
CA ASP D 112 -21.40 1.27 40.70
C ASP D 112 -22.91 1.10 40.63
N SER D 113 -23.41 0.67 39.47
CA SER D 113 -24.83 0.39 39.30
C SER D 113 -25.24 -0.76 40.19
N ASN D 114 -24.40 -1.79 40.29
CA ASN D 114 -24.75 -2.92 41.14
C ASN D 114 -24.74 -2.53 42.60
N VAL D 115 -23.80 -1.70 43.03
CA VAL D 115 -23.78 -1.26 44.42
C VAL D 115 -25.01 -0.42 44.71
N LYS D 116 -25.37 0.48 43.80
CA LYS D 116 -26.58 1.26 44.01
C LYS D 116 -27.82 0.37 43.89
N ASN D 117 -27.75 -0.71 43.12
CA ASN D 117 -28.89 -1.61 43.00
C ASN D 117 -29.12 -2.36 44.30
N LEU D 118 -28.04 -2.84 44.93
CA LEU D 118 -28.18 -3.44 46.26
C LEU D 118 -28.68 -2.40 47.26
N TYR D 119 -28.19 -1.17 47.16
CA TYR D 119 -28.59 -0.14 48.12
C TYR D 119 -30.08 0.19 47.99
N ASP D 120 -30.53 0.50 46.78
CA ASP D 120 -31.92 0.88 46.63
C ASP D 120 -32.86 -0.32 46.65
N LYS D 121 -32.34 -1.54 46.48
CA LYS D 121 -33.16 -2.73 46.65
C LYS D 121 -33.39 -2.99 48.14
N VAL D 122 -32.38 -2.76 48.96
CA VAL D 122 -32.61 -2.80 50.40
C VAL D 122 -33.54 -1.66 50.81
N ARG D 123 -33.54 -0.55 50.07
CA ARG D 123 -34.43 0.56 50.41
C ARG D 123 -35.86 0.30 49.94
N LEU D 124 -36.05 -0.50 48.87
CA LEU D 124 -37.40 -0.86 48.44
C LEU D 124 -38.12 -1.59 49.56
N GLN D 125 -37.42 -2.51 50.21
CA GLN D 125 -37.87 -3.11 51.44
C GLN D 125 -37.53 -2.14 52.57
N LEU D 126 -38.12 -2.37 53.74
CA LEU D 126 -37.75 -1.60 54.93
C LEU D 126 -38.06 -0.12 54.74
N ARG D 127 -39.22 0.16 54.16
CA ARG D 127 -39.57 1.51 53.71
C ARG D 127 -39.55 2.52 54.86
N ASP D 128 -40.23 2.19 55.95
CA ASP D 128 -40.36 3.07 57.11
C ASP D 128 -39.59 2.53 58.31
N ASN D 129 -39.49 1.21 58.45
CA ASN D 129 -38.79 0.62 59.59
C ASN D 129 -37.32 1.02 59.63
N ALA D 130 -36.66 1.04 58.47
CA ALA D 130 -35.22 1.27 58.39
C ALA D 130 -34.92 2.70 57.97
N LYS D 131 -34.49 3.51 58.92
CA LYS D 131 -33.97 4.83 58.58
C LYS D 131 -32.74 4.62 57.71
N GLU D 132 -32.57 5.51 56.75
CA GLU D 132 -31.50 5.45 55.75
C GLU D 132 -30.39 6.42 56.14
N LEU D 133 -29.31 5.91 56.72
CA LEU D 133 -28.19 6.79 57.03
C LEU D 133 -27.48 7.23 55.75
N GLY D 134 -26.77 8.35 55.84
CA GLY D 134 -26.16 8.95 54.68
C GLY D 134 -25.09 8.06 54.04
N ASN D 135 -24.24 7.46 54.87
CA ASN D 135 -23.09 6.69 54.38
C ASN D 135 -23.50 5.24 54.12
N GLY D 136 -24.46 5.09 53.20
CA GLY D 136 -24.95 3.80 52.71
C GLY D 136 -25.21 2.75 53.76
N CYS D 137 -26.01 3.09 54.77
CA CYS D 137 -26.25 2.25 55.93
C CYS D 137 -27.72 2.37 56.30
N PHE D 138 -28.13 1.55 57.25
CA PHE D 138 -29.52 1.56 57.70
C PHE D 138 -29.59 1.21 59.18
N GLU D 139 -30.54 1.85 59.87
CA GLU D 139 -30.85 1.54 61.27
C GLU D 139 -32.35 1.29 61.41
N PHE D 140 -32.70 0.13 61.93
CA PHE D 140 -34.11 -0.25 62.04
C PHE D 140 -34.72 0.35 63.30
N TYR D 141 -35.99 0.72 63.21
CA TYR D 141 -36.69 1.19 64.41
C TYR D 141 -36.87 0.06 65.41
N HIS D 142 -37.17 -1.14 64.91
CA HIS D 142 -37.35 -2.33 65.73
C HIS D 142 -36.05 -3.11 65.83
N LYS D 143 -35.94 -3.90 66.89
CA LYS D 143 -34.79 -4.79 67.05
C LYS D 143 -34.95 -5.94 66.07
N CYS D 144 -34.11 -5.96 65.03
CA CYS D 144 -34.25 -6.89 63.92
C CYS D 144 -33.11 -7.91 64.03
N ASP D 145 -33.47 -9.18 64.17
CA ASP D 145 -32.52 -10.19 64.59
C ASP D 145 -31.68 -10.64 63.40
N ASN D 146 -30.95 -11.75 63.55
CA ASN D 146 -30.15 -12.27 62.45
C ASN D 146 -31.02 -12.92 61.38
N GLU D 147 -32.21 -13.40 61.75
CA GLU D 147 -33.08 -14.05 60.77
C GLU D 147 -33.58 -13.06 59.73
N CYS D 148 -33.92 -11.84 60.14
CA CYS D 148 -34.37 -10.85 59.18
C CYS D 148 -33.23 -10.38 58.28
N MET D 149 -32.01 -10.36 58.81
CA MET D 149 -30.87 -10.01 57.96
C MET D 149 -30.58 -11.12 56.95
N GLU D 150 -30.75 -12.38 57.37
CA GLU D 150 -30.64 -13.47 56.40
C GLU D 150 -31.76 -13.40 55.38
N SER D 151 -32.95 -12.94 55.78
CA SER D 151 -34.05 -12.82 54.82
C SER D 151 -33.77 -11.73 53.79
N VAL D 152 -33.22 -10.59 54.21
CA VAL D 152 -32.95 -9.53 53.22
C VAL D 152 -31.70 -9.84 52.41
N ARG D 153 -30.84 -10.73 52.89
CA ARG D 153 -29.86 -11.34 52.00
C ARG D 153 -30.53 -12.23 50.97
N ASN D 154 -31.51 -13.02 51.40
CA ASN D 154 -32.23 -13.93 50.50
C ASN D 154 -33.25 -13.21 49.63
N GLY D 155 -33.68 -12.01 50.02
CA GLY D 155 -34.68 -11.28 49.27
C GLY D 155 -36.11 -11.65 49.58
N THR D 156 -36.34 -12.46 50.61
CA THR D 156 -37.67 -12.95 50.99
C THR D 156 -38.20 -12.23 52.23
N TYR D 157 -37.91 -10.94 52.35
CA TYR D 157 -38.38 -10.16 53.48
C TYR D 157 -39.86 -9.85 53.34
N TYR D 158 -40.55 -9.80 54.48
CA TYR D 158 -41.97 -9.46 54.56
C TYR D 158 -42.14 -8.33 55.56
N TYR D 159 -42.58 -7.17 55.09
CA TYR D 159 -42.81 -6.02 55.95
C TYR D 159 -44.00 -6.20 56.90
N PRO D 160 -45.10 -6.86 56.51
CA PRO D 160 -46.21 -7.01 57.48
C PRO D 160 -45.84 -7.78 58.74
N GLN D 161 -44.79 -8.60 58.71
CA GLN D 161 -44.37 -9.28 59.93
C GLN D 161 -43.72 -8.30 60.90
N TYR D 162 -42.82 -7.45 60.40
CA TYR D 162 -42.11 -6.46 61.20
C TYR D 162 -42.79 -5.09 61.11
N SER D 163 -44.03 -5.03 61.58
CA SER D 163 -44.76 -3.77 61.72
C SER D 163 -44.64 -3.24 63.14
N GLU D 164 -43.40 -2.95 63.53
CA GLU D 164 -43.02 -2.59 64.89
C GLU D 164 -42.27 -1.25 64.89
N GLU D 165 -42.85 -0.24 64.25
CA GLU D 165 -42.20 1.06 64.18
C GLU D 165 -42.08 1.71 65.55
N ALA D 166 -43.12 1.57 66.37
CA ALA D 166 -43.18 2.16 67.70
C ALA D 166 -42.95 3.67 67.67
N ILE E 19 -32.70 27.33 49.31
CA ILE E 19 -31.77 26.34 48.80
C ILE E 19 -32.40 25.64 47.59
N CYS E 20 -31.58 25.34 46.58
CA CYS E 20 -32.05 24.73 45.35
C CYS E 20 -30.89 23.99 44.70
N ILE E 21 -31.25 23.07 43.82
CA ILE E 21 -30.30 22.33 42.99
C ILE E 21 -30.66 22.58 41.54
N GLY E 22 -29.69 23.00 40.75
CA GLY E 22 -29.96 23.26 39.35
C GLY E 22 -28.74 23.58 38.52
N TYR E 23 -28.96 24.32 37.43
CA TYR E 23 -27.92 24.61 36.46
C TYR E 23 -28.32 25.85 35.66
N HIS E 24 -27.49 26.19 34.67
CA HIS E 24 -27.62 27.41 33.87
C HIS E 24 -27.72 27.08 32.39
N ALA E 25 -28.11 28.10 31.64
CA ALA E 25 -28.05 28.10 30.18
C ALA E 25 -27.29 29.36 29.76
N ASN E 26 -27.25 29.66 28.46
CA ASN E 26 -26.50 30.81 27.99
C ASN E 26 -27.12 31.29 26.68
N ASN E 27 -26.51 32.32 26.10
CA ASN E 27 -26.96 32.89 24.82
C ASN E 27 -26.23 32.16 23.69
N SER E 28 -26.56 30.88 23.55
CA SER E 28 -25.90 29.97 22.62
C SER E 28 -26.92 29.38 21.66
N THR E 29 -26.53 29.31 20.39
CA THR E 29 -27.33 28.70 19.33
C THR E 29 -26.64 27.50 18.68
N GLU E 30 -25.43 27.15 19.09
CA GLU E 30 -24.74 26.02 18.48
C GLU E 30 -25.37 24.71 18.93
N GLN E 31 -25.30 23.72 18.05
CA GLN E 31 -26.06 22.48 18.17
C GLN E 31 -25.15 21.28 17.97
N VAL E 32 -25.48 20.20 18.67
CA VAL E 32 -24.80 18.91 18.53
C VAL E 32 -25.84 17.86 18.17
N ASP E 33 -25.33 16.69 17.79
CA ASP E 33 -26.14 15.54 17.44
C ASP E 33 -25.72 14.35 18.29
N THR E 34 -26.69 13.53 18.68
CA THR E 34 -26.47 12.26 19.35
C THR E 34 -27.10 11.16 18.50
N ILE E 35 -26.98 9.92 18.98
CA ILE E 35 -27.62 8.80 18.28
C ILE E 35 -29.14 8.92 18.41
N MET E 36 -29.63 9.18 19.62
CA MET E 36 -31.05 9.17 19.89
C MET E 36 -31.74 10.50 19.61
N GLU E 37 -31.00 11.59 19.46
CA GLU E 37 -31.59 12.90 19.21
C GLU E 37 -30.59 13.77 18.49
N LYS E 38 -31.05 14.45 17.44
CA LYS E 38 -30.25 15.38 16.66
C LYS E 38 -30.70 16.81 16.91
N ASN E 39 -29.82 17.76 16.59
CA ASN E 39 -30.05 19.19 16.79
C ASN E 39 -30.37 19.48 18.25
N VAL E 40 -29.40 19.21 19.12
CA VAL E 40 -29.50 19.44 20.56
C VAL E 40 -28.63 20.65 20.89
N THR E 41 -29.22 21.63 21.57
CA THR E 41 -28.47 22.80 21.98
C THR E 41 -27.47 22.44 23.07
N VAL E 42 -26.33 23.14 23.08
CA VAL E 42 -25.25 22.92 24.02
C VAL E 42 -24.77 24.25 24.57
N THR E 43 -24.09 24.19 25.73
CA THR E 43 -23.55 25.36 26.42
C THR E 43 -22.02 25.28 26.41
N HIS E 44 -21.39 26.23 25.72
CA HIS E 44 -19.93 26.33 25.67
C HIS E 44 -19.30 25.04 25.12
N ALA E 45 -19.75 24.65 23.93
CA ALA E 45 -19.21 23.47 23.29
C ALA E 45 -17.96 23.83 22.49
N GLN E 46 -17.21 22.80 22.11
CA GLN E 46 -15.98 22.94 21.34
C GLN E 46 -16.18 22.26 20.00
N ASP E 47 -15.99 23.02 18.92
CA ASP E 47 -16.11 22.49 17.57
C ASP E 47 -14.74 22.03 17.10
N ILE E 48 -14.61 20.71 16.82
CA ILE E 48 -13.33 20.13 16.46
C ILE E 48 -13.09 20.09 14.95
N LEU E 49 -14.07 20.51 14.15
CA LEU E 49 -13.99 20.41 12.69
C LEU E 49 -13.74 21.80 12.12
N GLU E 50 -12.60 21.96 11.44
CA GLU E 50 -12.24 23.22 10.79
C GLU E 50 -12.73 23.19 9.35
N LYS E 51 -13.80 23.93 9.07
CA LYS E 51 -14.37 24.04 7.74
C LYS E 51 -13.90 25.28 6.98
N THR E 52 -12.91 26.01 7.51
CA THR E 52 -12.42 27.24 6.93
C THR E 52 -10.98 27.08 6.44
N HIS E 53 -10.70 27.62 5.27
CA HIS E 53 -9.35 27.68 4.71
C HIS E 53 -9.16 29.01 4.01
N ASN E 54 -7.90 29.43 3.91
CA ASN E 54 -7.61 30.73 3.30
C ASN E 54 -7.77 30.69 1.78
N GLY E 55 -7.74 29.50 1.17
CA GLY E 55 -7.91 29.39 -0.26
C GLY E 55 -6.70 29.74 -1.09
N LYS E 56 -5.52 29.83 -0.48
CA LYS E 56 -4.29 30.19 -1.16
C LYS E 56 -3.18 29.22 -0.77
N LEU E 57 -2.15 29.15 -1.61
CA LEU E 57 -0.95 28.39 -1.32
C LEU E 57 0.11 29.32 -0.72
N CYS E 58 0.68 28.89 0.40
CA CYS E 58 1.69 29.60 1.16
C CYS E 58 2.83 28.66 1.51
N ASP E 59 3.83 29.18 2.22
CA ASP E 59 5.00 28.42 2.60
C ASP E 59 4.66 27.41 3.70
N LEU E 60 5.51 26.38 3.82
CA LEU E 60 5.43 25.38 4.87
C LEU E 60 6.65 25.54 5.77
N ASN E 61 6.43 26.08 6.97
CA ASN E 61 7.50 26.33 7.94
C ASN E 61 8.60 27.21 7.35
N GLY E 62 8.19 28.23 6.58
CA GLY E 62 9.14 29.18 6.04
C GLY E 62 9.93 28.70 4.84
N VAL E 63 9.52 27.61 4.20
CA VAL E 63 10.18 27.06 3.02
C VAL E 63 9.24 27.28 1.84
N LYS E 64 9.73 27.95 0.82
CA LYS E 64 8.89 28.26 -0.34
C LYS E 64 8.71 26.98 -1.18
N PRO E 65 7.49 26.52 -1.45
CA PRO E 65 7.34 25.27 -2.21
C PRO E 65 7.66 25.47 -3.68
N LEU E 66 7.92 24.34 -4.34
CA LEU E 66 8.14 24.34 -5.78
C LEU E 66 6.77 24.24 -6.44
N ILE E 67 6.30 25.37 -6.99
CA ILE E 67 5.06 25.40 -7.76
C ILE E 67 5.38 25.17 -9.22
N LEU E 68 4.45 24.54 -9.92
CA LEU E 68 4.56 24.25 -11.35
C LEU E 68 3.33 24.82 -12.04
N LYS E 69 3.55 25.86 -12.84
CA LYS E 69 2.49 26.53 -13.59
C LYS E 69 2.50 25.98 -15.01
N ASP E 70 1.47 25.21 -15.34
CA ASP E 70 1.37 24.51 -16.63
C ASP E 70 2.64 23.70 -16.92
N CYS E 71 3.08 22.94 -15.91
CA CYS E 71 4.29 22.13 -16.01
C CYS E 71 4.05 20.84 -15.23
N SER E 72 4.93 19.86 -15.45
CA SER E 72 4.83 18.55 -14.82
C SER E 72 6.19 18.11 -14.30
N VAL E 73 6.18 16.99 -13.57
CA VAL E 73 7.43 16.40 -13.11
C VAL E 73 8.25 15.91 -14.30
N ALA E 74 7.60 15.31 -15.30
CA ALA E 74 8.31 14.97 -16.52
C ALA E 74 8.68 16.23 -17.30
N GLY E 75 7.91 17.30 -17.15
CA GLY E 75 8.28 18.57 -17.77
C GLY E 75 9.37 19.32 -17.06
N TRP E 76 9.56 19.07 -15.75
CA TRP E 76 10.54 19.78 -14.94
C TRP E 76 11.86 19.03 -14.87
N LEU E 77 11.80 17.73 -14.59
CA LEU E 77 13.03 16.95 -14.46
C LEU E 77 13.72 16.83 -15.81
N LEU E 78 12.98 16.46 -16.85
CA LEU E 78 13.40 16.64 -18.23
C LEU E 78 12.92 18.03 -18.62
N GLY E 79 13.80 19.01 -18.47
CA GLY E 79 13.42 20.41 -18.45
C GLY E 79 12.75 20.91 -19.72
N ASN E 80 11.45 21.15 -19.65
CA ASN E 80 10.71 21.60 -20.82
C ASN E 80 11.17 23.01 -21.20
N PRO E 81 11.30 23.33 -22.49
CA PRO E 81 11.62 24.73 -22.83
C PRO E 81 10.56 25.72 -22.38
N MET E 82 9.31 25.28 -22.27
CA MET E 82 8.24 26.10 -21.71
C MET E 82 8.15 25.99 -20.19
N CYS E 83 9.06 25.25 -19.54
CA CYS E 83 9.14 25.12 -18.09
C CYS E 83 10.48 25.66 -17.59
N ASP E 84 10.95 26.74 -18.21
CA ASP E 84 12.26 27.31 -17.90
C ASP E 84 12.23 28.22 -16.68
N GLU E 85 11.13 28.25 -15.93
CA GLU E 85 11.11 28.97 -14.66
C GLU E 85 11.86 28.24 -13.55
N PHE E 86 12.18 26.96 -13.75
CA PHE E 86 12.73 26.08 -12.72
C PHE E 86 14.12 25.60 -13.12
N ILE E 87 14.94 26.51 -13.65
CA ILE E 87 16.30 26.15 -14.01
C ILE E 87 17.15 25.93 -12.75
N ARG E 88 17.09 26.89 -11.82
CA ARG E 88 17.78 26.83 -10.54
C ARG E 88 16.70 26.84 -9.45
N VAL E 89 16.42 25.68 -8.89
CA VAL E 89 15.32 25.51 -7.94
C VAL E 89 15.92 25.52 -6.53
N PRO E 90 15.44 26.39 -5.60
CA PRO E 90 15.94 26.31 -4.23
C PRO E 90 15.28 25.19 -3.43
N GLU E 91 15.55 25.12 -2.13
CA GLU E 91 14.98 24.07 -1.31
C GLU E 91 13.49 24.30 -1.13
N TRP E 92 12.70 23.26 -1.38
CA TRP E 92 11.25 23.28 -1.25
C TRP E 92 10.84 22.28 -0.17
N SER E 93 9.52 22.12 -0.02
CA SER E 93 8.93 21.16 0.91
C SER E 93 7.82 20.32 0.29
N TYR E 94 7.18 20.77 -0.79
CA TYR E 94 6.24 19.96 -1.54
C TYR E 94 6.15 20.52 -2.95
N ILE E 95 5.80 19.66 -3.90
CA ILE E 95 5.71 20.01 -5.31
C ILE E 95 4.24 20.18 -5.65
N VAL E 96 3.89 21.33 -6.23
CA VAL E 96 2.53 21.62 -6.67
C VAL E 96 2.50 21.55 -8.18
N GLU E 97 1.60 20.74 -8.70
CA GLU E 97 1.36 20.59 -10.12
C GLU E 97 -0.10 20.93 -10.38
N ARG E 98 -0.42 21.33 -11.61
CA ARG E 98 -1.81 21.53 -11.98
C ARG E 98 -2.45 20.20 -12.38
N ASP E 99 -3.77 20.20 -12.51
CA ASP E 99 -4.50 18.96 -12.73
C ASP E 99 -4.21 18.39 -14.12
N ASN E 100 -4.30 19.24 -15.15
CA ASN E 100 -3.92 18.89 -16.52
C ASN E 100 -2.91 19.91 -17.02
N PRO E 101 -1.61 19.71 -16.74
CA PRO E 101 -0.61 20.66 -17.28
C PRO E 101 -0.40 20.44 -18.77
N ALA E 102 -0.38 21.54 -19.52
CA ALA E 102 -0.27 21.46 -20.98
C ALA E 102 1.13 21.09 -21.43
N ASN E 103 2.16 21.60 -20.75
CA ASN E 103 3.56 21.39 -21.16
C ASN E 103 4.10 20.21 -20.36
N ASP E 104 3.81 19.00 -20.86
CA ASP E 104 4.18 17.77 -20.18
C ASP E 104 4.48 16.75 -21.27
N LEU E 105 5.76 16.46 -21.48
CA LEU E 105 6.22 15.61 -22.57
C LEU E 105 5.70 16.15 -23.90
N CYS E 106 6.20 17.34 -24.23
CA CYS E 106 5.78 18.01 -25.46
C CYS E 106 6.11 17.18 -26.69
N TYR E 107 7.29 16.57 -26.72
CA TYR E 107 7.50 15.48 -27.66
C TYR E 107 6.79 14.24 -27.12
N PRO E 108 6.01 13.51 -27.92
CA PRO E 108 5.22 12.40 -27.36
C PRO E 108 6.12 11.28 -26.84
N GLY E 109 5.49 10.38 -26.10
CA GLY E 109 6.14 9.24 -25.49
C GLY E 109 5.62 9.04 -24.09
N SER E 110 6.37 8.25 -23.32
CA SER E 110 6.02 7.99 -21.93
C SER E 110 7.30 7.66 -21.18
N LEU E 111 7.57 8.41 -20.12
CA LEU E 111 8.69 8.10 -19.24
C LEU E 111 8.35 6.83 -18.45
N ASN E 112 9.20 5.82 -18.56
CA ASN E 112 8.93 4.55 -17.90
C ASN E 112 9.16 4.68 -16.40
N ASP E 113 8.26 4.07 -15.62
CA ASP E 113 8.22 4.25 -14.18
C ASP E 113 8.18 5.73 -13.81
N TYR E 114 7.32 6.47 -14.52
CA TYR E 114 7.03 7.84 -14.16
C TYR E 114 6.36 7.93 -12.80
N GLU E 115 5.46 6.98 -12.50
CA GLU E 115 4.76 7.00 -11.22
C GLU E 115 5.70 6.61 -10.09
N GLU E 116 6.60 5.65 -10.34
CA GLU E 116 7.61 5.33 -9.33
C GLU E 116 8.58 6.49 -9.11
N LEU E 117 8.86 7.25 -10.17
CA LEU E 117 9.73 8.41 -9.99
C LEU E 117 9.02 9.50 -9.20
N LYS E 118 7.71 9.66 -9.41
CA LYS E 118 6.97 10.62 -8.60
C LYS E 118 6.82 10.13 -7.17
N HIS E 119 6.85 8.81 -6.95
CA HIS E 119 6.96 8.28 -5.59
C HIS E 119 8.30 8.66 -4.97
N LEU E 120 9.39 8.53 -5.72
CA LEU E 120 10.71 8.81 -5.16
C LEU E 120 10.97 10.30 -4.98
N LEU E 121 10.19 11.17 -5.64
CA LEU E 121 10.22 12.59 -5.37
C LEU E 121 9.26 13.02 -4.26
N SER E 122 8.58 12.08 -3.60
CA SER E 122 7.79 12.38 -2.41
C SER E 122 8.60 12.29 -1.12
N ARG E 123 9.91 12.00 -1.20
CA ARG E 123 10.80 11.99 -0.03
C ARG E 123 12.01 12.89 -0.23
N ILE E 124 12.03 13.73 -1.26
CA ILE E 124 13.17 14.59 -1.59
C ILE E 124 12.70 16.04 -1.48
N ASN E 125 13.44 16.84 -0.70
CA ASN E 125 13.13 18.25 -0.51
C ASN E 125 14.02 19.19 -1.31
N HIS E 126 15.15 18.72 -1.86
CA HIS E 126 16.02 19.60 -2.61
C HIS E 126 16.85 18.78 -3.59
N PHE E 127 16.99 19.32 -4.80
CA PHE E 127 17.89 18.80 -5.83
C PHE E 127 19.00 19.81 -6.05
N GLU E 128 20.18 19.29 -6.40
CA GLU E 128 21.25 20.11 -6.99
C GLU E 128 21.44 19.62 -8.42
N LYS E 129 21.09 20.45 -9.38
CA LYS E 129 21.23 20.09 -10.79
C LYS E 129 22.67 20.28 -11.18
N ILE E 130 23.40 19.17 -11.35
CA ILE E 130 24.82 19.18 -11.68
C ILE E 130 25.00 18.68 -13.11
N LEU E 131 26.07 19.17 -13.74
CA LEU E 131 26.37 18.86 -15.14
C LEU E 131 27.31 17.66 -15.15
N ILE E 132 26.74 16.45 -15.13
CA ILE E 132 27.58 15.26 -15.13
C ILE E 132 28.16 14.98 -16.51
N ILE E 133 27.44 15.33 -17.57
CA ILE E 133 27.84 15.10 -18.96
C ILE E 133 27.70 16.45 -19.67
N PRO E 134 28.78 17.18 -19.96
CA PRO E 134 28.61 18.45 -20.69
C PRO E 134 28.38 18.21 -22.16
N LYS E 135 27.97 19.28 -22.86
CA LYS E 135 27.79 19.20 -24.30
C LYS E 135 29.11 19.05 -25.02
N SER E 136 30.23 19.48 -24.40
CA SER E 136 31.54 19.29 -24.99
C SER E 136 32.02 17.84 -24.94
N SER E 137 31.35 16.98 -24.18
CA SER E 137 31.72 15.57 -24.05
C SER E 137 31.02 14.68 -25.08
N TRP E 138 30.60 15.23 -26.22
CA TRP E 138 30.11 14.46 -27.36
C TRP E 138 30.93 14.90 -28.57
N PRO E 139 32.14 14.33 -28.75
CA PRO E 139 32.98 14.82 -29.85
C PRO E 139 32.50 14.35 -31.21
N ASN E 140 31.82 13.22 -31.27
CA ASN E 140 31.50 12.54 -32.53
C ASN E 140 30.01 12.54 -32.83
N HIS E 141 29.24 13.40 -32.17
CA HIS E 141 27.79 13.45 -32.33
C HIS E 141 27.36 14.90 -32.38
N GLU E 142 26.16 15.12 -32.91
CA GLU E 142 25.61 16.46 -33.12
C GLU E 142 24.67 16.78 -31.98
N THR E 143 24.99 17.83 -31.23
CA THR E 143 24.25 18.23 -30.04
C THR E 143 23.44 19.51 -30.21
N SER E 144 23.49 20.13 -31.39
CA SER E 144 22.82 21.40 -31.64
C SER E 144 21.52 21.26 -32.43
N LEU E 145 21.45 20.32 -33.37
CA LEU E 145 20.28 20.15 -34.22
C LEU E 145 19.21 19.27 -33.59
N GLY E 146 19.43 18.72 -32.40
CA GLY E 146 18.44 17.88 -31.76
C GLY E 146 17.30 18.69 -31.18
N VAL E 147 16.49 19.29 -32.06
CA VAL E 147 15.36 20.13 -31.68
C VAL E 147 14.13 19.61 -32.41
N SER E 148 12.96 20.13 -32.02
CA SER E 148 11.72 19.73 -32.67
C SER E 148 10.73 20.88 -32.62
N ALA E 149 9.77 20.84 -33.55
CA ALA E 149 8.70 21.82 -33.58
C ALA E 149 7.56 21.46 -32.64
N ALA E 150 7.52 20.24 -32.11
CA ALA E 150 6.53 19.86 -31.12
C ALA E 150 6.86 20.38 -29.73
N CYS E 151 8.09 20.89 -29.53
CA CYS E 151 8.55 21.43 -28.25
C CYS E 151 9.08 22.83 -28.52
N PRO E 152 8.19 23.80 -28.71
CA PRO E 152 8.63 25.12 -29.16
C PRO E 152 9.16 25.96 -28.00
N TYR E 153 9.90 27.01 -28.36
CA TYR E 153 10.41 27.97 -27.39
C TYR E 153 10.55 29.31 -28.10
N GLN E 154 9.75 30.28 -27.68
CA GLN E 154 9.75 31.62 -28.26
C GLN E 154 9.45 31.58 -29.75
N GLY E 155 8.56 30.67 -30.14
CA GLY E 155 8.21 30.55 -31.54
C GLY E 155 9.26 29.92 -32.43
N ALA E 156 10.16 29.11 -31.86
CA ALA E 156 11.24 28.45 -32.58
C ALA E 156 11.29 26.98 -32.18
N PRO E 157 11.83 26.10 -33.03
CA PRO E 157 12.00 24.70 -32.61
C PRO E 157 12.98 24.58 -31.45
N SER E 158 12.64 23.68 -30.52
CA SER E 158 13.51 23.41 -29.38
C SER E 158 13.21 22.02 -28.83
N PHE E 159 14.01 21.61 -27.85
CA PHE E 159 13.92 20.30 -27.21
C PHE E 159 14.30 20.50 -25.74
N PHE E 160 14.08 19.47 -24.91
CA PHE E 160 14.36 19.52 -23.48
C PHE E 160 15.81 19.89 -23.23
N ARG E 161 16.03 20.64 -22.14
CA ARG E 161 17.34 21.18 -21.79
C ARG E 161 18.14 20.32 -20.81
N ASN E 162 17.60 19.20 -20.34
CA ASN E 162 18.30 18.32 -19.41
C ASN E 162 18.69 16.99 -20.05
N VAL E 163 18.64 16.89 -21.37
CA VAL E 163 18.99 15.69 -22.13
C VAL E 163 19.22 16.14 -23.57
N VAL E 164 20.22 15.54 -24.21
CA VAL E 164 20.58 15.89 -25.59
C VAL E 164 20.06 14.79 -26.51
N TRP E 165 19.31 15.19 -27.53
CA TRP E 165 18.94 14.29 -28.61
C TRP E 165 20.12 14.24 -29.56
N LEU E 166 20.75 13.08 -29.67
CA LEU E 166 22.00 12.94 -30.41
C LEU E 166 21.68 12.50 -31.83
N ILE E 167 21.72 13.44 -32.76
CA ILE E 167 21.70 13.11 -34.18
C ILE E 167 23.13 12.79 -34.62
N LYS E 168 23.27 12.06 -35.72
CA LYS E 168 24.58 11.70 -36.21
C LYS E 168 25.36 12.94 -36.64
N LYS E 169 26.68 12.85 -36.58
CA LYS E 169 27.59 13.90 -37.00
C LYS E 169 28.53 13.35 -38.07
N ASP E 170 28.71 14.11 -39.14
CA ASP E 170 29.48 13.68 -40.31
C ASP E 170 28.93 12.36 -40.88
N ASP E 171 27.61 12.23 -40.86
CA ASP E 171 26.92 11.07 -41.43
C ASP E 171 27.40 9.76 -40.79
N ALA E 172 27.60 9.79 -39.48
CA ALA E 172 28.08 8.61 -38.76
C ALA E 172 27.67 8.72 -37.30
N TYR E 173 27.27 7.57 -36.74
CA TYR E 173 26.87 7.45 -35.34
C TYR E 173 27.60 6.25 -34.75
N PRO E 174 28.76 6.43 -34.12
CA PRO E 174 29.45 5.29 -33.52
C PRO E 174 28.77 4.86 -32.22
N THR E 175 29.18 3.70 -31.73
CA THR E 175 28.77 3.29 -30.40
C THR E 175 29.39 4.22 -29.38
N ILE E 176 28.60 4.58 -28.36
CA ILE E 176 28.94 5.68 -27.48
C ILE E 176 29.83 5.18 -26.33
N LYS E 177 29.34 4.21 -25.58
CA LYS E 177 30.11 3.58 -24.49
C LYS E 177 30.59 4.60 -23.46
N ILE E 178 29.72 5.53 -23.12
CA ILE E 178 30.03 6.55 -22.12
C ILE E 178 29.79 5.94 -20.74
N SER E 179 30.62 6.34 -19.78
CA SER E 179 30.49 5.90 -18.40
C SER E 179 30.65 7.10 -17.49
N TYR E 180 30.01 7.04 -16.33
CA TYR E 180 30.14 8.07 -15.31
C TYR E 180 30.21 7.39 -13.95
N ASN E 181 31.33 7.59 -13.25
CA ASN E 181 31.51 7.11 -11.89
C ASN E 181 31.03 8.20 -10.94
N ASN E 182 30.16 7.82 -10.00
CA ASN E 182 29.62 8.77 -9.04
C ASN E 182 30.60 8.89 -7.87
N THR E 183 31.56 9.81 -8.01
CA THR E 183 32.49 10.11 -6.93
C THR E 183 31.90 11.04 -5.89
N ASN E 184 30.74 11.64 -6.16
CA ASN E 184 30.06 12.43 -5.15
C ASN E 184 29.49 11.51 -4.08
N ARG E 185 29.34 12.04 -2.87
CA ARG E 185 28.92 11.26 -1.72
C ARG E 185 27.40 11.18 -1.56
N GLU E 186 26.63 11.71 -2.51
CA GLU E 186 25.19 11.66 -2.51
C GLU E 186 24.70 10.83 -3.70
N ASP E 187 23.45 10.40 -3.62
CA ASP E 187 22.85 9.68 -4.73
C ASP E 187 22.60 10.65 -5.88
N LEU E 188 22.63 10.12 -7.11
CA LEU E 188 22.36 10.91 -8.31
C LEU E 188 21.17 10.31 -9.04
N LEU E 189 20.27 11.17 -9.51
CA LEU E 189 19.15 10.78 -10.36
C LEU E 189 19.54 11.05 -11.81
N ILE E 190 19.73 9.98 -12.58
CA ILE E 190 20.22 10.07 -13.95
C ILE E 190 19.07 9.72 -14.88
N LEU E 191 18.86 10.57 -15.88
CA LEU E 191 17.74 10.49 -16.81
C LEU E 191 18.25 10.30 -18.24
N TRP E 192 17.63 9.41 -18.99
CA TRP E 192 17.94 9.24 -20.41
C TRP E 192 16.67 8.79 -21.10
N GLY E 193 16.80 8.36 -22.36
CA GLY E 193 15.64 7.89 -23.09
C GLY E 193 16.04 7.25 -24.40
N ILE E 194 15.04 6.63 -25.04
CA ILE E 194 15.18 6.02 -26.35
C ILE E 194 14.13 6.64 -27.27
N HIS E 195 14.53 6.90 -28.51
CA HIS E 195 13.67 7.52 -29.51
C HIS E 195 13.07 6.43 -30.39
N HIS E 196 11.78 6.19 -30.24
CA HIS E 196 11.02 5.28 -31.08
C HIS E 196 10.55 6.08 -32.30
N SER E 197 11.19 5.85 -33.45
CA SER E 197 10.87 6.54 -34.68
C SER E 197 9.68 5.85 -35.36
N ASN E 198 9.30 6.34 -36.54
CA ASN E 198 8.15 5.83 -37.28
C ASN E 198 8.51 4.79 -38.34
N ASN E 199 9.61 4.96 -39.05
CA ASN E 199 9.99 4.05 -40.12
C ASN E 199 11.51 3.96 -40.19
N ALA E 200 12.00 3.09 -41.07
CA ALA E 200 13.44 2.95 -41.26
C ALA E 200 14.04 4.13 -42.01
N GLU E 201 13.24 4.85 -42.79
CA GLU E 201 13.76 6.02 -43.49
C GLU E 201 14.10 7.13 -42.51
N GLU E 202 13.28 7.31 -41.48
CA GLU E 202 13.61 8.31 -40.46
C GLU E 202 14.85 7.92 -39.68
N GLN E 203 15.01 6.61 -39.41
CA GLN E 203 16.23 6.14 -38.78
C GLN E 203 17.45 6.45 -39.63
N THR E 204 17.42 6.07 -40.91
CA THR E 204 18.57 6.30 -41.77
C THR E 204 18.83 7.80 -41.97
N ASN E 205 17.78 8.63 -41.92
CA ASN E 205 17.97 10.07 -41.98
C ASN E 205 18.67 10.60 -40.73
N LEU E 206 18.32 10.06 -39.55
CA LEU E 206 18.87 10.57 -38.29
C LEU E 206 20.10 9.79 -37.83
N TYR E 207 20.02 8.46 -37.86
CA TYR E 207 21.00 7.56 -37.27
C TYR E 207 21.53 6.64 -38.36
N LYS E 208 22.85 6.62 -38.53
CA LYS E 208 23.41 5.91 -39.68
C LYS E 208 23.22 4.40 -39.56
N ASN E 209 23.33 3.86 -38.36
CA ASN E 209 23.12 2.43 -38.14
C ASN E 209 21.62 2.12 -38.15
N PRO E 210 21.14 1.16 -38.98
CA PRO E 210 19.69 0.84 -38.93
C PRO E 210 19.29 0.11 -37.65
N THR E 211 20.00 -0.95 -37.31
CA THR E 211 19.67 -1.78 -36.15
C THR E 211 20.40 -1.21 -34.93
N THR E 212 19.63 -0.57 -34.04
CA THR E 212 20.17 0.20 -32.92
C THR E 212 19.73 -0.40 -31.60
N TYR E 213 20.44 -0.03 -30.54
CA TYR E 213 20.10 -0.45 -29.19
C TYR E 213 20.63 0.58 -28.20
N ILE E 214 20.10 0.53 -26.98
CA ILE E 214 20.68 1.22 -25.83
C ILE E 214 20.85 0.18 -24.73
N SER E 215 22.07 0.07 -24.21
CA SER E 215 22.40 -0.87 -23.14
C SER E 215 22.90 -0.08 -21.94
N VAL E 216 22.08 -0.06 -20.88
CA VAL E 216 22.42 0.60 -19.63
C VAL E 216 22.83 -0.45 -18.61
N GLY E 217 24.01 -0.26 -18.02
CA GLY E 217 24.55 -1.16 -17.03
C GLY E 217 25.07 -0.46 -15.78
N THR E 218 24.73 -1.00 -14.62
CA THR E 218 25.30 -0.54 -13.36
C THR E 218 25.34 -1.74 -12.42
N SER E 219 25.51 -1.47 -11.12
CA SER E 219 25.63 -2.57 -10.16
C SER E 219 24.34 -3.37 -10.06
N THR E 220 23.19 -2.69 -10.07
CA THR E 220 21.89 -3.32 -9.93
C THR E 220 21.09 -3.32 -11.23
N LEU E 221 20.89 -2.15 -11.83
CA LEU E 221 20.02 -2.04 -12.99
C LEU E 221 20.70 -2.55 -14.25
N ASN E 222 20.01 -3.43 -14.95
CA ASN E 222 20.43 -3.98 -16.24
C ASN E 222 19.31 -3.67 -17.23
N GLN E 223 19.65 -3.11 -18.39
CA GLN E 223 18.61 -2.71 -19.33
C GLN E 223 19.13 -2.76 -20.76
N ARG E 224 18.30 -3.31 -21.65
CA ARG E 224 18.52 -3.27 -23.10
C ARG E 224 17.24 -2.79 -23.77
N LEU E 225 17.40 -1.80 -24.65
CA LEU E 225 16.29 -1.08 -25.29
C LEU E 225 16.49 -1.12 -26.80
N VAL E 226 15.76 -2.01 -27.47
CA VAL E 226 15.70 -2.05 -28.93
C VAL E 226 14.52 -1.18 -29.35
N PRO E 227 14.66 -0.23 -30.28
CA PRO E 227 13.53 0.64 -30.60
C PRO E 227 12.41 -0.11 -31.31
N LYS E 228 11.18 0.38 -31.10
CA LYS E 228 9.96 -0.18 -31.66
C LYS E 228 9.52 0.72 -32.82
N ILE E 229 10.12 0.50 -33.98
CA ILE E 229 9.84 1.32 -35.16
C ILE E 229 8.49 0.85 -35.71
N ALA E 230 7.47 1.72 -35.61
CA ALA E 230 6.13 1.37 -36.01
C ALA E 230 5.40 2.62 -36.47
N THR E 231 4.38 2.42 -37.30
CA THR E 231 3.53 3.51 -37.76
C THR E 231 2.55 3.89 -36.65
N ARG E 232 2.54 5.18 -36.30
CA ARG E 232 1.75 5.69 -35.19
C ARG E 232 0.99 6.93 -35.62
N SER E 233 -0.05 7.27 -34.85
CA SER E 233 -0.87 8.45 -35.13
C SER E 233 -0.10 9.70 -34.72
N GLN E 234 -0.78 10.85 -34.76
CA GLN E 234 -0.16 12.15 -34.50
C GLN E 234 -0.58 12.64 -33.12
N VAL E 235 0.41 12.81 -32.24
CA VAL E 235 0.24 13.49 -30.96
C VAL E 235 1.22 14.64 -30.95
N ASN E 236 0.72 15.84 -30.66
CA ASN E 236 1.52 17.06 -30.61
C ASN E 236 2.20 17.39 -31.95
N GLY E 237 1.72 16.84 -33.07
CA GLY E 237 2.13 17.23 -34.39
C GLY E 237 3.11 16.31 -35.09
N GLN E 238 3.79 15.41 -34.36
CA GLN E 238 4.77 14.50 -34.94
C GLN E 238 4.48 13.05 -34.57
N ARG E 239 4.69 12.16 -35.55
CA ARG E 239 4.45 10.72 -35.38
C ARG E 239 5.74 10.06 -34.89
N GLY E 240 6.11 10.40 -33.66
CA GLY E 240 7.29 9.83 -33.05
C GLY E 240 7.12 9.82 -31.54
N ARG E 241 7.93 9.00 -30.87
CA ARG E 241 7.84 8.85 -29.42
C ARG E 241 9.24 8.78 -28.85
N MET E 242 9.40 9.29 -27.63
CA MET E 242 10.66 9.19 -26.89
C MET E 242 10.34 8.63 -25.50
N ASP E 243 10.53 7.33 -25.33
CA ASP E 243 10.30 6.70 -24.04
C ASP E 243 11.51 6.96 -23.16
N PHE E 244 11.30 7.66 -22.05
CA PHE E 244 12.38 8.05 -21.15
C PHE E 244 12.48 7.07 -19.99
N PHE E 245 13.67 6.98 -19.43
CA PHE E 245 14.00 6.07 -18.35
C PHE E 245 14.88 6.81 -17.36
N TRP E 246 14.95 6.27 -16.14
CA TRP E 246 15.68 6.91 -15.05
C TRP E 246 16.32 5.84 -14.19
N THR E 247 17.33 6.27 -13.42
CA THR E 247 17.90 5.42 -12.39
C THR E 247 18.43 6.30 -11.25
N ILE E 248 18.70 5.65 -10.13
CA ILE E 248 19.40 6.26 -9.00
C ILE E 248 20.76 5.57 -8.89
N LEU E 249 21.82 6.36 -9.05
CA LEU E 249 23.19 5.88 -8.96
C LEU E 249 23.72 6.17 -7.56
N LYS E 250 24.16 5.12 -6.87
CA LYS E 250 24.67 5.22 -5.51
C LYS E 250 26.09 5.78 -5.51
N PRO E 251 26.59 6.24 -4.36
CA PRO E 251 28.01 6.62 -4.29
C PRO E 251 28.93 5.44 -4.51
N ASP E 252 30.08 5.73 -5.12
CA ASP E 252 31.04 4.70 -5.55
C ASP E 252 30.36 3.64 -6.43
N ASP E 253 29.48 4.11 -7.30
CA ASP E 253 28.81 3.26 -8.28
C ASP E 253 28.83 3.99 -9.61
N ALA E 254 29.03 3.23 -10.69
CA ALA E 254 29.24 3.78 -12.02
C ALA E 254 28.12 3.36 -12.96
N ILE E 255 27.53 4.33 -13.64
CA ILE E 255 26.55 4.08 -14.70
C ILE E 255 27.30 3.95 -16.01
N HIS E 256 26.85 3.04 -16.87
CA HIS E 256 27.50 2.73 -18.15
C HIS E 256 26.44 2.72 -19.23
N PHE E 257 26.39 3.78 -20.04
CA PHE E 257 25.48 3.87 -21.17
C PHE E 257 26.25 3.45 -22.42
N GLU E 258 25.64 2.60 -23.24
CA GLU E 258 26.26 2.16 -24.49
C GLU E 258 25.19 2.13 -25.57
N SER E 259 25.40 2.86 -26.65
CA SER E 259 24.38 2.93 -27.69
C SER E 259 25.02 3.34 -29.00
N ASN E 260 24.60 2.68 -30.08
CA ASN E 260 24.91 3.08 -31.45
C ASN E 260 23.69 3.63 -32.17
N GLY E 261 22.72 4.17 -31.42
CA GLY E 261 21.58 4.82 -32.03
C GLY E 261 20.41 5.06 -31.11
N ASN E 262 19.56 6.00 -31.51
CA ASN E 262 18.29 6.33 -30.85
C ASN E 262 18.50 6.75 -29.38
N PHE E 263 19.66 7.27 -29.03
CA PHE E 263 19.99 7.60 -27.65
C PHE E 263 19.64 9.05 -27.37
N ILE E 264 18.79 9.26 -26.36
CA ILE E 264 18.53 10.59 -25.80
C ILE E 264 19.42 10.66 -24.56
N ALA E 265 20.63 11.17 -24.75
CA ALA E 265 21.67 11.01 -23.74
C ALA E 265 21.50 12.03 -22.61
N PRO E 266 21.96 11.71 -21.39
CA PRO E 266 21.85 12.68 -20.31
C PRO E 266 22.79 13.86 -20.50
N GLU E 267 22.38 14.99 -19.97
CA GLU E 267 23.17 16.22 -19.94
C GLU E 267 23.30 16.77 -18.53
N TYR E 268 22.25 16.67 -17.72
CA TYR E 268 22.23 17.09 -16.34
C TYR E 268 21.72 15.94 -15.49
N ALA E 269 22.20 15.88 -14.24
CA ALA E 269 21.70 14.97 -13.23
C ALA E 269 21.28 15.77 -12.02
N TYR E 270 20.51 15.13 -11.14
CA TYR E 270 19.92 15.78 -9.98
C TYR E 270 20.46 15.10 -8.73
N LYS E 271 21.51 15.66 -8.16
CA LYS E 271 22.07 15.15 -6.92
C LYS E 271 21.11 15.40 -5.76
N ILE E 272 20.88 14.37 -4.97
CA ILE E 272 19.92 14.39 -3.87
C ILE E 272 20.70 14.75 -2.61
N VAL E 273 20.58 16.00 -2.17
CA VAL E 273 21.32 16.49 -1.01
C VAL E 273 20.46 16.60 0.24
N LYS E 274 19.13 16.71 0.09
CA LYS E 274 18.20 16.81 1.22
C LYS E 274 17.11 15.79 0.98
N LYS E 275 17.18 14.67 1.71
CA LYS E 275 16.23 13.57 1.60
C LYS E 275 15.35 13.59 2.85
N GLY E 276 14.10 14.04 2.68
CA GLY E 276 13.16 14.17 3.78
C GLY E 276 11.76 13.72 3.41
N ASP E 277 10.77 14.58 3.60
CA ASP E 277 9.37 14.28 3.34
C ASP E 277 8.76 15.40 2.50
N SER E 278 8.00 15.01 1.48
CA SER E 278 7.32 15.93 0.60
C SER E 278 6.13 15.20 -0.03
N THR E 279 5.47 15.85 -0.98
CA THR E 279 4.35 15.23 -1.68
C THR E 279 4.18 15.92 -3.03
N ILE E 280 3.29 15.35 -3.84
CA ILE E 280 2.83 15.95 -5.09
C ILE E 280 1.33 16.16 -4.95
N MET E 281 0.89 17.39 -5.13
CA MET E 281 -0.45 17.82 -4.74
C MET E 281 -1.46 17.83 -5.88
N LYS E 282 -1.03 18.16 -7.10
CA LYS E 282 -1.90 18.25 -8.27
C LYS E 282 -3.04 19.26 -8.01
N SER E 283 -2.64 20.52 -7.85
CA SER E 283 -3.55 21.61 -7.54
C SER E 283 -3.27 22.83 -8.40
N GLY E 284 -4.34 23.54 -8.78
CA GLY E 284 -4.27 24.71 -9.63
C GLY E 284 -4.55 25.99 -8.88
N VAL E 285 -3.98 26.12 -7.68
CA VAL E 285 -4.24 27.27 -6.79
C VAL E 285 -3.11 28.27 -6.96
N GLU E 286 -3.48 29.54 -7.09
CA GLU E 286 -2.47 30.60 -7.19
C GLU E 286 -1.71 30.72 -5.88
N TYR E 287 -0.42 31.03 -5.99
CA TYR E 287 0.46 31.07 -4.83
C TYR E 287 0.22 32.37 -4.06
N GLY E 288 -0.27 32.24 -2.83
CA GLY E 288 -0.33 33.36 -1.92
C GLY E 288 0.98 33.55 -1.21
N HIS E 289 1.02 34.58 -0.34
CA HIS E 289 2.21 34.97 0.39
C HIS E 289 1.87 35.04 1.88
N CYS E 290 1.96 33.90 2.56
CA CYS E 290 1.83 33.84 4.00
C CYS E 290 2.69 32.68 4.51
N ASN E 291 2.50 32.30 5.77
CA ASN E 291 3.27 31.22 6.38
C ASN E 291 2.40 30.43 7.35
N THR E 292 2.49 29.11 7.26
CA THR E 292 1.75 28.22 8.15
C THR E 292 2.43 26.85 8.10
N LYS E 293 1.89 25.92 8.89
CA LYS E 293 2.47 24.59 9.04
C LYS E 293 1.81 23.55 8.13
N CYS E 294 0.50 23.58 8.00
CA CYS E 294 -0.26 22.57 7.27
C CYS E 294 -0.73 23.13 5.94
N GLN E 295 -0.47 22.41 4.85
CA GLN E 295 -0.92 22.80 3.52
C GLN E 295 -1.77 21.69 2.90
N THR E 296 -2.89 22.09 2.31
CA THR E 296 -3.86 21.26 1.62
C THR E 296 -3.95 21.67 0.14
N PRO E 297 -4.27 20.75 -0.79
CA PRO E 297 -4.31 21.18 -2.21
C PRO E 297 -5.24 22.34 -2.51
N VAL E 298 -6.43 22.38 -1.90
CA VAL E 298 -7.36 23.49 -2.15
C VAL E 298 -6.80 24.81 -1.60
N GLY E 299 -6.20 24.78 -0.41
CA GLY E 299 -5.75 26.00 0.24
C GLY E 299 -4.87 25.70 1.43
N ALA E 300 -4.88 26.54 2.46
CA ALA E 300 -4.09 26.31 3.66
C ALA E 300 -4.96 26.31 4.91
N ILE E 301 -4.44 25.62 5.93
CA ILE E 301 -5.04 25.57 7.25
C ILE E 301 -4.04 26.18 8.23
N ASN E 302 -4.48 27.15 9.01
CA ASN E 302 -3.73 27.66 10.15
C ASN E 302 -4.65 27.47 11.36
N SER E 303 -4.67 26.26 11.88
CA SER E 303 -5.53 25.95 13.01
C SER E 303 -5.02 24.68 13.69
N SER E 304 -5.22 24.61 15.00
CA SER E 304 -4.83 23.46 15.81
C SER E 304 -6.02 22.55 16.12
N MET E 305 -7.02 22.51 15.24
CA MET E 305 -8.17 21.65 15.47
C MET E 305 -7.79 20.17 15.28
N PRO E 306 -8.47 19.25 15.98
CA PRO E 306 -8.13 17.83 15.78
C PRO E 306 -8.50 17.26 14.41
N PHE E 307 -9.60 17.70 13.79
CA PHE E 307 -10.10 17.11 12.55
C PHE E 307 -10.44 18.17 11.50
N HIS E 308 -9.97 17.94 10.27
CA HIS E 308 -10.20 18.83 9.13
C HIS E 308 -10.96 18.03 8.07
N ASN E 309 -12.01 18.61 7.49
CA ASN E 309 -12.77 17.97 6.41
C ASN E 309 -12.34 18.46 5.03
N ILE E 310 -11.30 19.29 4.97
CA ILE E 310 -10.97 20.03 3.75
C ILE E 310 -10.57 19.12 2.59
N HIS E 311 -9.64 18.19 2.79
CA HIS E 311 -9.21 17.32 1.70
C HIS E 311 -8.45 16.13 2.29
N PRO E 312 -8.36 14.98 1.57
CA PRO E 312 -7.56 13.88 2.13
C PRO E 312 -6.06 14.14 2.25
N LEU E 313 -5.45 14.78 1.26
CA LEU E 313 -4.00 14.94 1.22
C LEU E 313 -3.59 16.23 1.93
N THR E 314 -2.74 16.10 2.97
CA THR E 314 -2.30 17.26 3.74
C THR E 314 -0.85 17.01 4.18
N ILE E 315 0.10 17.60 3.46
CA ILE E 315 1.50 17.52 3.86
C ILE E 315 1.68 18.26 5.19
N GLY E 316 2.64 17.80 6.00
CA GLY E 316 2.97 18.48 7.23
C GLY E 316 2.15 17.97 8.39
N GLU E 317 2.39 18.55 9.56
CA GLU E 317 1.65 18.18 10.76
C GLU E 317 0.29 18.86 10.68
N CYS E 318 -0.75 18.06 10.48
CA CYS E 318 -2.10 18.52 10.17
C CYS E 318 -3.19 17.81 10.95
N PRO E 319 -4.42 18.31 10.94
CA PRO E 319 -5.50 17.54 11.55
C PRO E 319 -5.81 16.32 10.72
N LYS E 320 -6.62 15.43 11.29
CA LYS E 320 -6.95 14.16 10.66
C LYS E 320 -8.18 14.33 9.78
N TYR E 321 -8.13 13.73 8.58
CA TYR E 321 -9.26 13.87 7.66
C TYR E 321 -10.46 13.05 8.10
N VAL E 322 -11.59 13.72 8.28
CA VAL E 322 -12.89 13.07 8.45
C VAL E 322 -13.84 13.67 7.42
N LYS E 323 -14.52 12.79 6.67
CA LYS E 323 -15.39 13.22 5.58
C LYS E 323 -16.63 13.97 6.08
N SER E 324 -16.99 13.83 7.35
CA SER E 324 -18.19 14.45 7.88
C SER E 324 -18.09 15.97 7.83
N ASN E 325 -19.27 16.61 7.85
CA ASN E 325 -19.39 18.05 7.71
C ASN E 325 -19.68 18.78 9.02
N LYS E 326 -19.98 18.06 10.10
CA LYS E 326 -20.32 18.70 11.38
C LYS E 326 -19.94 17.74 12.50
N LEU E 327 -18.82 18.04 13.18
CA LEU E 327 -18.34 17.27 14.32
C LEU E 327 -18.15 18.27 15.47
N VAL E 328 -19.13 18.35 16.35
CA VAL E 328 -19.07 19.20 17.54
C VAL E 328 -19.15 18.27 18.75
N LEU E 329 -18.00 18.02 19.40
CA LEU E 329 -18.03 17.29 20.65
C LEU E 329 -18.75 18.13 21.69
N ALA E 330 -19.77 17.56 22.30
CA ALA E 330 -20.52 18.29 23.32
C ALA E 330 -19.71 18.27 24.60
N THR E 331 -19.15 19.42 24.96
CA THR E 331 -18.51 19.65 26.24
C THR E 331 -19.41 20.46 27.16
N GLY E 332 -20.71 20.49 26.86
CA GLY E 332 -21.65 21.37 27.53
C GLY E 332 -22.85 20.61 28.03
N LEU E 333 -23.56 21.26 28.95
CA LEU E 333 -24.68 20.62 29.63
C LEU E 333 -25.84 20.35 28.68
N ARG E 334 -26.22 21.34 27.87
CA ARG E 334 -27.36 21.29 26.95
C ARG E 334 -27.65 22.74 26.56
N LEU F 2 -30.30 10.49 30.05
CA LEU F 2 -30.65 9.17 30.54
C LEU F 2 -31.14 9.22 31.99
N PHE F 3 -30.32 9.79 32.87
CA PHE F 3 -30.63 9.75 34.28
C PHE F 3 -31.81 10.65 34.65
N GLY F 4 -32.16 11.61 33.79
CA GLY F 4 -33.42 12.30 33.90
C GLY F 4 -33.41 13.51 34.81
N ALA F 5 -32.51 14.44 34.53
CA ALA F 5 -32.40 15.73 35.21
C ALA F 5 -32.60 16.88 34.24
N ILE F 6 -31.93 16.85 33.10
CA ILE F 6 -32.17 17.82 32.04
C ILE F 6 -33.56 17.55 31.47
N ALA F 7 -34.46 18.53 31.59
CA ALA F 7 -35.88 18.34 31.32
C ALA F 7 -36.44 17.15 32.10
N GLY F 8 -35.94 16.97 33.34
CA GLY F 8 -36.37 15.91 34.22
C GLY F 8 -36.93 16.46 35.51
N PHE F 9 -36.22 16.25 36.62
CA PHE F 9 -36.62 16.83 37.90
C PHE F 9 -36.10 18.26 38.08
N ILE F 10 -35.37 18.80 37.11
CA ILE F 10 -35.11 20.23 37.00
C ILE F 10 -35.95 20.74 35.85
N GLU F 11 -36.72 21.81 36.08
CA GLU F 11 -37.61 22.30 35.04
C GLU F 11 -36.83 23.02 33.94
N GLY F 12 -35.77 23.73 34.30
CA GLY F 12 -34.96 24.41 33.30
C GLY F 12 -33.74 25.04 33.92
N GLY F 13 -32.77 25.33 33.06
CA GLY F 13 -31.56 25.99 33.51
C GLY F 13 -31.79 27.47 33.79
N TRP F 14 -31.00 28.00 34.70
CA TRP F 14 -31.09 29.41 35.07
C TRP F 14 -30.35 30.28 34.06
N GLN F 15 -30.47 31.59 34.24
CA GLN F 15 -29.80 32.59 33.40
C GLN F 15 -29.19 33.67 34.28
N GLY F 16 -28.48 33.25 35.33
CA GLY F 16 -27.80 34.18 36.21
C GLY F 16 -26.45 33.74 36.75
N MET F 17 -25.99 32.54 36.37
CA MET F 17 -24.77 31.94 36.91
C MET F 17 -23.82 31.66 35.75
N VAL F 18 -22.81 32.52 35.60
CA VAL F 18 -21.74 32.29 34.64
C VAL F 18 -20.64 31.42 35.25
N ASP F 19 -20.27 31.67 36.50
CA ASP F 19 -19.21 30.93 37.17
C ASP F 19 -19.74 29.56 37.59
N GLY F 20 -19.15 28.50 37.06
CA GLY F 20 -19.56 27.15 37.36
C GLY F 20 -20.61 26.64 36.39
N TRP F 21 -20.87 25.34 36.48
CA TRP F 21 -21.89 24.66 35.67
C TRP F 21 -23.01 24.04 36.49
N TYR F 22 -22.77 23.71 37.75
CA TYR F 22 -23.76 23.20 38.68
C TYR F 22 -23.90 24.21 39.80
N GLY F 23 -25.09 24.81 39.95
CA GLY F 23 -25.28 25.89 40.89
C GLY F 23 -26.41 25.66 41.88
N TYR F 24 -26.30 26.37 43.00
CA TYR F 24 -27.28 26.33 44.07
C TYR F 24 -27.96 27.70 44.16
N HIS F 25 -29.27 27.73 44.00
CA HIS F 25 -30.07 28.95 44.16
C HIS F 25 -30.69 28.92 45.55
N HIS F 26 -30.27 29.83 46.43
CA HIS F 26 -30.73 29.83 47.81
C HIS F 26 -31.40 31.15 48.15
N SER F 27 -32.56 31.05 48.80
CA SER F 27 -33.31 32.21 49.31
C SER F 27 -33.10 32.24 50.82
N ASN F 28 -32.35 33.24 51.29
CA ASN F 28 -31.99 33.34 52.70
C ASN F 28 -32.16 34.77 53.17
N GLU F 29 -32.26 34.94 54.49
CA GLU F 29 -32.36 36.28 55.06
C GLU F 29 -31.12 37.09 54.75
N GLN F 30 -29.94 36.45 54.77
CA GLN F 30 -28.70 37.14 54.44
C GLN F 30 -28.72 37.66 53.01
N GLY F 31 -29.30 36.88 52.11
CA GLY F 31 -29.39 37.25 50.71
C GLY F 31 -29.45 36.01 49.85
N SER F 32 -29.59 36.24 48.54
CA SER F 32 -29.69 35.19 47.54
C SER F 32 -28.66 35.36 46.44
N GLY F 33 -28.00 34.27 46.07
CA GLY F 33 -27.01 34.27 45.02
C GLY F 33 -26.90 32.88 44.46
N TYR F 34 -26.32 32.78 43.26
CA TYR F 34 -26.10 31.50 42.60
C TYR F 34 -24.68 31.03 42.88
N ALA F 35 -24.55 29.92 43.61
CA ALA F 35 -23.25 29.37 43.93
C ALA F 35 -22.64 28.70 42.70
N ALA F 36 -21.31 28.62 42.66
CA ALA F 36 -20.63 27.95 41.56
C ALA F 36 -20.38 26.45 41.81
N ASP F 37 -20.36 26.00 43.06
CA ASP F 37 -20.11 24.59 43.43
C ASP F 37 -18.88 24.03 42.70
N LYS F 38 -17.75 24.68 42.93
CA LYS F 38 -16.51 24.35 42.21
C LYS F 38 -16.02 22.92 42.42
N GLU F 39 -16.53 22.18 43.39
CA GLU F 39 -16.11 20.79 43.58
C GLU F 39 -16.60 19.90 42.42
N SER F 40 -17.92 19.81 42.24
CA SER F 40 -18.46 18.97 41.18
C SER F 40 -18.07 19.52 39.81
N THR F 41 -18.08 20.85 39.66
CA THR F 41 -17.76 21.43 38.37
C THR F 41 -16.29 21.21 38.04
N GLN F 42 -15.41 21.21 39.05
CA GLN F 42 -14.00 21.00 38.77
C GLN F 42 -13.78 19.55 38.37
N LYS F 43 -14.48 18.62 39.03
CA LYS F 43 -14.27 17.21 38.70
C LYS F 43 -14.87 16.88 37.34
N ALA F 44 -15.98 17.55 36.98
CA ALA F 44 -16.61 17.31 35.70
C ALA F 44 -15.80 17.93 34.57
N ILE F 45 -15.26 19.14 34.80
CA ILE F 45 -14.44 19.78 33.79
C ILE F 45 -13.15 18.99 33.59
N ASP F 46 -12.59 18.44 34.65
CA ASP F 46 -11.40 17.60 34.50
C ASP F 46 -11.72 16.32 33.74
N GLY F 47 -12.91 15.76 33.97
CA GLY F 47 -13.32 14.60 33.21
C GLY F 47 -13.52 14.91 31.74
N VAL F 48 -14.12 16.06 31.44
CA VAL F 48 -14.32 16.46 30.04
C VAL F 48 -12.98 16.76 29.39
N THR F 49 -12.05 17.36 30.14
CA THR F 49 -10.72 17.65 29.59
C THR F 49 -9.98 16.35 29.28
N ASN F 50 -10.06 15.36 30.18
CA ASN F 50 -9.46 14.07 29.88
C ASN F 50 -10.17 13.37 28.74
N LYS F 51 -11.47 13.62 28.57
CA LYS F 51 -12.19 13.06 27.42
C LYS F 51 -11.65 13.63 26.12
N VAL F 52 -11.50 14.95 26.05
CA VAL F 52 -10.99 15.58 24.83
C VAL F 52 -9.54 15.16 24.60
N ASN F 53 -8.77 15.00 25.67
CA ASN F 53 -7.40 14.53 25.54
C ASN F 53 -7.37 13.12 24.97
N SER F 54 -8.31 12.27 25.38
CA SER F 54 -8.40 10.92 24.84
C SER F 54 -8.81 10.93 23.38
N ILE F 55 -9.70 11.85 23.00
CA ILE F 55 -10.09 11.95 21.59
C ILE F 55 -8.87 12.31 20.73
N ILE F 56 -8.09 13.29 21.17
CA ILE F 56 -6.97 13.74 20.34
C ILE F 56 -5.75 12.83 20.45
N ASP F 57 -5.68 11.96 21.47
CA ASP F 57 -4.55 11.06 21.64
C ASP F 57 -4.78 9.69 20.99
N LYS F 58 -6.01 9.17 21.05
CA LYS F 58 -6.32 7.90 20.41
C LYS F 58 -6.60 8.03 18.92
N MET F 59 -6.72 9.26 18.39
CA MET F 59 -6.73 9.55 16.97
C MET F 59 -5.44 10.24 16.54
N ASN F 60 -4.32 9.94 17.21
CA ASN F 60 -3.04 10.52 16.83
C ASN F 60 -2.49 9.88 15.56
N THR F 61 -2.66 8.57 15.43
CA THR F 61 -2.14 7.79 14.29
C THR F 61 -3.35 7.27 13.50
N GLN F 62 -3.84 8.10 12.58
CA GLN F 62 -4.89 7.74 11.66
C GLN F 62 -4.25 7.21 10.38
N PHE F 63 -5.04 7.07 9.31
CA PHE F 63 -4.51 6.70 8.00
C PHE F 63 -4.02 7.96 7.29
N GLU F 64 -2.70 8.08 7.14
CA GLU F 64 -2.09 9.15 6.36
C GLU F 64 -2.24 8.79 4.88
N ALA F 65 -3.21 9.40 4.21
CA ALA F 65 -3.53 9.09 2.83
C ALA F 65 -2.49 9.73 1.92
N VAL F 66 -1.40 9.01 1.70
CA VAL F 66 -0.33 9.47 0.81
C VAL F 66 -0.81 9.28 -0.62
N GLY F 67 -0.83 10.36 -1.40
CA GLY F 67 -1.32 10.29 -2.77
C GLY F 67 -0.33 9.56 -3.66
N ARG F 68 -0.74 8.42 -4.21
CA ARG F 68 0.04 7.64 -5.16
C ARG F 68 -0.67 7.64 -6.50
N GLU F 69 0.11 7.55 -7.57
CA GLU F 69 -0.39 7.66 -8.94
C GLU F 69 -0.19 6.33 -9.67
N PHE F 70 -1.13 6.02 -10.56
CA PHE F 70 -1.05 4.85 -11.42
C PHE F 70 -1.50 5.24 -12.82
N ASN F 71 -0.86 4.64 -13.82
CA ASN F 71 -1.11 4.99 -15.21
C ASN F 71 -2.27 4.15 -15.76
N ASN F 72 -2.49 4.23 -17.06
CA ASN F 72 -3.42 3.35 -17.74
C ASN F 72 -2.85 1.94 -17.78
N LEU F 73 -3.74 0.95 -17.84
CA LEU F 73 -3.45 -0.49 -17.74
C LEU F 73 -2.97 -0.90 -16.36
N GLU F 74 -3.08 -0.03 -15.36
CA GLU F 74 -2.91 -0.37 -13.96
C GLU F 74 -4.20 -0.06 -13.19
N ARG F 75 -5.34 -0.13 -13.87
CA ARG F 75 -6.59 0.26 -13.24
C ARG F 75 -7.03 -0.72 -12.17
N ARG F 76 -6.55 -1.95 -12.18
CA ARG F 76 -6.82 -2.86 -11.08
C ARG F 76 -6.17 -2.34 -9.80
N ILE F 77 -4.89 -1.97 -9.87
CA ILE F 77 -4.20 -1.50 -8.69
C ILE F 77 -4.63 -0.07 -8.37
N GLU F 78 -5.04 0.71 -9.37
CA GLU F 78 -5.54 2.05 -9.07
C GLU F 78 -6.89 1.97 -8.37
N ASN F 79 -7.74 1.02 -8.77
CA ASN F 79 -8.97 0.81 -8.02
C ASN F 79 -8.68 0.26 -6.64
N LEU F 80 -7.64 -0.57 -6.52
CA LEU F 80 -7.24 -1.08 -5.21
C LEU F 80 -6.82 0.06 -4.29
N ASN F 81 -6.03 1.00 -4.81
CA ASN F 81 -5.59 2.13 -4.00
C ASN F 81 -6.75 3.06 -3.69
N LYS F 82 -7.60 3.35 -4.67
CA LYS F 82 -8.71 4.28 -4.45
C LYS F 82 -9.71 3.70 -3.47
N LYS F 83 -10.03 2.41 -3.59
CA LYS F 83 -10.94 1.79 -2.66
C LYS F 83 -10.29 1.58 -1.30
N MET F 84 -8.97 1.40 -1.23
CA MET F 84 -8.30 1.27 0.05
C MET F 84 -8.32 2.60 0.80
N GLU F 85 -7.97 3.68 0.11
CA GLU F 85 -7.95 4.99 0.77
C GLU F 85 -9.37 5.44 1.11
N ASP F 86 -10.33 5.20 0.22
CA ASP F 86 -11.71 5.55 0.53
C ASP F 86 -12.29 4.65 1.63
N GLY F 87 -11.85 3.39 1.69
CA GLY F 87 -12.32 2.52 2.76
C GLY F 87 -11.75 2.91 4.10
N PHE F 88 -10.46 3.25 4.15
CA PHE F 88 -9.89 3.70 5.41
C PHE F 88 -10.48 5.05 5.80
N LEU F 89 -10.77 5.91 4.82
CA LEU F 89 -11.42 7.17 5.13
C LEU F 89 -12.83 6.95 5.65
N ASP F 90 -13.55 5.99 5.09
CA ASP F 90 -14.93 5.75 5.53
C ASP F 90 -14.94 5.05 6.88
N VAL F 91 -13.97 4.18 7.13
CA VAL F 91 -13.86 3.55 8.45
C VAL F 91 -13.51 4.60 9.50
N TRP F 92 -12.56 5.50 9.20
CA TRP F 92 -12.19 6.50 10.20
C TRP F 92 -13.26 7.58 10.34
N THR F 93 -13.99 7.89 9.26
CA THR F 93 -15.12 8.78 9.36
C THR F 93 -16.22 8.18 10.21
N TYR F 94 -16.53 6.90 10.01
CA TYR F 94 -17.51 6.23 10.84
C TYR F 94 -17.04 6.16 12.29
N ASN F 95 -15.74 5.95 12.49
CA ASN F 95 -15.20 5.86 13.84
C ASN F 95 -15.30 7.21 14.54
N ALA F 96 -14.95 8.29 13.84
CA ALA F 96 -15.03 9.61 14.44
C ALA F 96 -16.48 10.05 14.63
N GLU F 97 -17.34 9.77 13.65
CA GLU F 97 -18.75 10.12 13.78
C GLU F 97 -19.39 9.40 14.94
N LEU F 98 -19.22 8.08 15.00
CA LEU F 98 -19.79 7.32 16.10
C LEU F 98 -19.14 7.69 17.43
N LEU F 99 -17.86 8.06 17.43
CA LEU F 99 -17.22 8.42 18.68
C LEU F 99 -17.74 9.75 19.20
N VAL F 100 -17.94 10.74 18.32
CA VAL F 100 -18.48 12.00 18.82
C VAL F 100 -19.96 11.83 19.15
N LEU F 101 -20.67 10.93 18.48
CA LEU F 101 -22.07 10.71 18.83
C LEU F 101 -22.19 10.02 20.19
N MET F 102 -21.40 8.96 20.40
CA MET F 102 -21.40 8.27 21.67
C MET F 102 -20.91 9.15 22.79
N GLU F 103 -19.89 9.97 22.53
CA GLU F 103 -19.38 10.85 23.57
C GLU F 103 -20.30 12.03 23.80
N ASN F 104 -21.07 12.47 22.81
CA ASN F 104 -22.07 13.50 23.07
C ASN F 104 -23.16 12.94 23.96
N GLU F 105 -23.61 11.71 23.68
CA GLU F 105 -24.60 11.08 24.55
C GLU F 105 -24.02 10.84 25.95
N ARG F 106 -22.78 10.38 26.03
CA ARG F 106 -22.18 10.10 27.33
C ARG F 106 -21.88 11.37 28.10
N THR F 107 -21.60 12.48 27.43
CA THR F 107 -21.32 13.72 28.13
C THR F 107 -22.60 14.42 28.55
N LEU F 108 -23.65 14.33 27.74
CA LEU F 108 -24.94 14.84 28.19
C LEU F 108 -25.47 14.02 29.36
N ASP F 109 -25.34 12.69 29.27
CA ASP F 109 -25.76 11.83 30.38
C ASP F 109 -24.84 11.95 31.59
N PHE F 110 -23.57 12.31 31.38
CA PHE F 110 -22.64 12.48 32.48
C PHE F 110 -22.88 13.80 33.19
N HIS F 111 -23.23 14.84 32.45
CA HIS F 111 -23.67 16.07 33.08
C HIS F 111 -24.98 15.83 33.83
N ASP F 112 -25.87 15.03 33.25
CA ASP F 112 -27.10 14.68 33.94
C ASP F 112 -26.81 13.88 35.21
N SER F 113 -25.80 13.01 35.15
CA SER F 113 -25.42 12.25 36.33
C SER F 113 -24.77 13.15 37.37
N ASN F 114 -24.03 14.18 36.95
CA ASN F 114 -23.48 15.11 37.93
C ASN F 114 -24.60 15.91 38.60
N VAL F 115 -25.62 16.30 37.83
CA VAL F 115 -26.77 16.97 38.45
C VAL F 115 -27.46 16.03 39.43
N LYS F 116 -27.66 14.77 39.03
CA LYS F 116 -28.39 13.86 39.90
C LYS F 116 -27.56 13.44 41.12
N ASN F 117 -26.23 13.35 40.98
CA ASN F 117 -25.39 13.03 42.11
C ASN F 117 -25.22 14.21 43.05
N LEU F 118 -25.22 15.44 42.53
CA LEU F 118 -25.27 16.60 43.40
C LEU F 118 -26.59 16.64 44.15
N TYR F 119 -27.68 16.30 43.46
CA TYR F 119 -28.99 16.24 44.10
C TYR F 119 -29.02 15.16 45.17
N ASP F 120 -28.40 14.02 44.90
CA ASP F 120 -28.37 12.94 45.88
C ASP F 120 -27.42 13.26 47.03
N LYS F 121 -26.35 14.01 46.77
CA LYS F 121 -25.45 14.42 47.83
C LYS F 121 -26.14 15.39 48.78
N VAL F 122 -26.95 16.30 48.23
CA VAL F 122 -27.72 17.22 49.08
C VAL F 122 -28.96 16.54 49.66
N ARG F 123 -29.35 15.38 49.13
CA ARG F 123 -30.45 14.62 49.72
C ARG F 123 -29.97 13.75 50.88
N LEU F 124 -28.74 13.23 50.80
CA LEU F 124 -28.19 12.45 51.89
C LEU F 124 -27.99 13.31 53.13
N GLN F 125 -27.34 14.45 52.97
CA GLN F 125 -27.37 15.46 54.00
C GLN F 125 -28.78 16.02 54.12
N LEU F 126 -29.13 16.45 55.33
CA LEU F 126 -30.45 16.99 55.64
C LEU F 126 -31.53 15.96 55.27
N ARG F 127 -31.31 14.72 55.70
CA ARG F 127 -32.05 13.59 55.14
C ARG F 127 -33.52 13.60 55.52
N ASP F 128 -33.87 14.22 56.65
CA ASP F 128 -35.25 14.37 57.10
C ASP F 128 -35.66 15.81 57.33
N ASN F 129 -34.70 16.71 57.62
CA ASN F 129 -35.04 18.10 57.89
C ASN F 129 -35.41 18.87 56.63
N ALA F 130 -34.99 18.39 55.45
CA ALA F 130 -35.17 19.10 54.19
C ALA F 130 -36.20 18.37 53.35
N LYS F 131 -37.42 18.91 53.30
CA LYS F 131 -38.41 18.37 52.38
C LYS F 131 -37.86 18.51 50.96
N GLU F 132 -38.12 17.49 50.14
CA GLU F 132 -37.56 17.38 48.79
C GLU F 132 -38.65 17.77 47.79
N LEU F 133 -38.66 19.04 47.38
CA LEU F 133 -39.56 19.44 46.32
C LEU F 133 -39.13 18.85 44.98
N GLY F 134 -40.13 18.60 44.12
CA GLY F 134 -39.87 17.89 42.88
C GLY F 134 -38.98 18.63 41.92
N ASN F 135 -39.14 19.96 41.82
CA ASN F 135 -38.43 20.75 40.82
C ASN F 135 -37.04 21.14 41.35
N GLY F 136 -36.24 20.11 41.62
CA GLY F 136 -34.86 20.22 42.04
C GLY F 136 -34.62 21.22 43.15
N CYS F 137 -35.43 21.17 44.20
CA CYS F 137 -35.40 22.16 45.27
C CYS F 137 -35.56 21.45 46.60
N PHE F 138 -35.30 22.19 47.68
CA PHE F 138 -35.46 21.67 49.04
C PHE F 138 -35.91 22.80 49.94
N GLU F 139 -36.79 22.46 50.88
CA GLU F 139 -37.24 23.37 51.95
C GLU F 139 -36.75 22.82 53.29
N PHE F 140 -35.84 23.56 53.93
CA PHE F 140 -35.29 23.14 55.21
C PHE F 140 -36.33 23.40 56.29
N TYR F 141 -36.54 22.39 57.16
CA TYR F 141 -37.43 22.59 58.30
C TYR F 141 -36.81 23.56 59.29
N HIS F 142 -35.53 23.42 59.57
CA HIS F 142 -34.82 24.32 60.47
C HIS F 142 -34.50 25.63 59.77
N LYS F 143 -34.38 26.70 60.56
CA LYS F 143 -34.04 28.02 60.05
C LYS F 143 -32.54 28.03 59.77
N CYS F 144 -32.17 28.05 58.50
CA CYS F 144 -30.78 27.97 58.05
C CYS F 144 -30.31 29.36 57.62
N ASP F 145 -29.20 29.81 58.19
CA ASP F 145 -28.59 31.07 57.81
C ASP F 145 -27.66 30.84 56.61
N ASN F 146 -26.79 31.79 56.31
CA ASN F 146 -25.92 31.61 55.16
C ASN F 146 -24.86 30.55 55.43
N GLU F 147 -24.32 30.51 56.64
CA GLU F 147 -23.14 29.69 56.92
C GLU F 147 -23.46 28.20 56.81
N CYS F 148 -24.69 27.81 57.14
CA CYS F 148 -25.07 26.42 56.90
C CYS F 148 -25.23 26.12 55.41
N MET F 149 -25.53 27.13 54.59
CA MET F 149 -25.50 26.90 53.14
C MET F 149 -24.06 26.74 52.65
N GLU F 150 -23.12 27.51 53.20
CA GLU F 150 -21.72 27.26 52.86
C GLU F 150 -21.24 25.92 53.37
N SER F 151 -21.79 25.42 54.49
CA SER F 151 -21.37 24.11 54.98
C SER F 151 -21.94 22.99 54.12
N VAL F 152 -23.17 23.15 53.65
CA VAL F 152 -23.75 22.17 52.73
C VAL F 152 -23.00 22.15 51.42
N ARG F 153 -22.67 23.32 50.88
CA ARG F 153 -21.99 23.36 49.59
C ARG F 153 -20.52 22.94 49.71
N ASN F 154 -19.92 23.11 50.89
CA ASN F 154 -18.55 22.63 51.09
C ASN F 154 -18.52 21.10 51.21
N GLY F 155 -19.56 20.50 51.77
CA GLY F 155 -19.66 19.07 51.95
C GLY F 155 -19.58 18.60 53.39
N THR F 156 -19.19 19.48 54.32
CA THR F 156 -19.08 19.13 55.74
C THR F 156 -20.32 19.70 56.43
N TYR F 157 -21.34 18.86 56.55
CA TYR F 157 -22.55 19.16 57.33
C TYR F 157 -22.70 18.08 58.39
N TYR F 158 -23.05 18.50 59.60
CA TYR F 158 -23.26 17.61 60.74
C TYR F 158 -24.75 17.60 61.07
N TYR F 159 -25.38 16.44 60.91
CA TYR F 159 -26.75 16.28 61.36
C TYR F 159 -26.92 16.40 62.87
N PRO F 160 -25.96 16.05 63.73
CA PRO F 160 -26.10 16.38 65.15
C PRO F 160 -26.20 17.88 65.43
N GLN F 161 -25.75 18.73 64.53
CA GLN F 161 -26.09 20.15 64.55
C GLN F 161 -27.36 20.38 63.74
N TYR F 162 -28.19 21.31 64.21
CA TYR F 162 -29.49 21.59 63.60
C TYR F 162 -30.36 20.33 63.57
N SER F 163 -30.44 19.64 64.71
CA SER F 163 -31.14 18.37 64.81
C SER F 163 -32.65 18.53 65.03
N GLU F 164 -33.15 19.76 65.18
CA GLU F 164 -34.57 19.94 65.40
C GLU F 164 -35.36 19.65 64.13
N GLU F 165 -36.57 19.11 64.30
CA GLU F 165 -37.46 18.74 63.20
C GLU F 165 -38.63 19.69 63.06
N ALA F 166 -39.39 19.90 64.12
CA ALA F 166 -40.56 20.78 64.09
C ALA F 166 -40.75 21.46 65.44
N ILE G 19 -51.75 3.60 41.73
CA ILE G 19 -51.16 3.59 40.39
C ILE G 19 -49.89 2.76 40.43
N CYS G 20 -49.53 2.17 39.29
CA CYS G 20 -48.31 1.38 39.19
C CYS G 20 -47.72 1.55 37.80
N ILE G 21 -46.46 1.94 37.73
CA ILE G 21 -45.74 2.09 36.47
C ILE G 21 -45.19 0.73 36.09
N GLY G 22 -45.43 0.31 34.84
CA GLY G 22 -44.91 -0.94 34.34
C GLY G 22 -44.58 -0.89 32.86
N TYR G 23 -44.40 -2.06 32.25
CA TYR G 23 -44.11 -2.18 30.83
C TYR G 23 -44.83 -3.40 30.27
N HIS G 24 -45.00 -3.42 28.95
CA HIS G 24 -45.76 -4.48 28.29
C HIS G 24 -44.85 -5.66 28.00
N ALA G 25 -45.43 -6.86 28.07
CA ALA G 25 -44.74 -8.10 27.71
C ALA G 25 -45.59 -8.88 26.71
N ASN G 26 -45.07 -9.08 25.51
CA ASN G 26 -45.76 -9.84 24.49
C ASN G 26 -45.49 -11.34 24.67
N ASN G 27 -46.01 -12.14 23.74
CA ASN G 27 -45.78 -13.58 23.69
C ASN G 27 -44.67 -13.98 22.72
N SER G 28 -43.91 -13.00 22.20
CA SER G 28 -42.91 -13.29 21.19
C SER G 28 -41.76 -14.10 21.79
N THR G 29 -40.92 -14.63 20.89
CA THR G 29 -39.74 -15.41 21.26
C THR G 29 -38.44 -14.84 20.70
N GLU G 30 -38.46 -13.66 20.06
CA GLU G 30 -37.25 -13.10 19.49
C GLU G 30 -36.22 -12.85 20.60
N GLN G 31 -34.96 -13.17 20.31
CA GLN G 31 -33.88 -13.07 21.27
C GLN G 31 -32.71 -12.30 20.66
N VAL G 32 -32.21 -11.32 21.41
CA VAL G 32 -31.04 -10.52 21.05
C VAL G 32 -29.92 -10.87 22.01
N ASP G 33 -28.68 -10.76 21.53
CA ASP G 33 -27.49 -11.09 22.30
C ASP G 33 -26.69 -9.81 22.53
N THR G 34 -26.73 -9.31 23.76
CA THR G 34 -26.04 -8.08 24.13
C THR G 34 -24.56 -8.37 24.37
N ILE G 35 -23.83 -7.35 24.79
CA ILE G 35 -22.42 -7.55 25.13
C ILE G 35 -22.27 -8.34 26.43
N MET G 36 -23.14 -8.10 27.42
CA MET G 36 -22.95 -8.70 28.74
C MET G 36 -23.69 -10.01 28.93
N GLU G 37 -24.97 -10.09 28.57
CA GLU G 37 -25.73 -11.34 28.67
C GLU G 37 -26.25 -11.69 27.28
N LYS G 38 -25.93 -12.89 26.81
CA LYS G 38 -26.34 -13.33 25.48
C LYS G 38 -27.71 -13.98 25.51
N ASN G 39 -28.36 -14.02 24.35
CA ASN G 39 -29.69 -14.59 24.17
C ASN G 39 -30.71 -13.86 25.06
N VAL G 40 -30.64 -12.53 25.09
CA VAL G 40 -31.64 -11.76 25.81
C VAL G 40 -32.94 -11.79 25.02
N THR G 41 -34.03 -12.16 25.70
CA THR G 41 -35.34 -12.11 25.08
C THR G 41 -35.87 -10.68 25.11
N VAL G 42 -36.56 -10.29 24.03
CA VAL G 42 -36.94 -8.91 23.76
C VAL G 42 -38.43 -8.84 23.43
N THR G 43 -38.89 -7.64 23.07
CA THR G 43 -40.30 -7.35 22.84
C THR G 43 -40.42 -6.55 21.56
N HIS G 44 -40.99 -7.15 20.51
CA HIS G 44 -41.25 -6.46 19.25
C HIS G 44 -39.98 -5.87 18.64
N ALA G 45 -38.88 -6.62 18.71
CA ALA G 45 -37.63 -6.15 18.13
C ALA G 45 -37.65 -6.30 16.61
N GLN G 46 -36.76 -5.56 15.96
CA GLN G 46 -36.66 -5.50 14.51
C GLN G 46 -35.36 -6.15 14.06
N ASP G 47 -35.48 -7.09 13.11
CA ASP G 47 -34.32 -7.77 12.54
C ASP G 47 -33.80 -6.97 11.36
N ILE G 48 -32.50 -6.71 11.35
CA ILE G 48 -31.82 -5.97 10.29
C ILE G 48 -31.00 -6.88 9.39
N LEU G 49 -31.22 -8.19 9.45
CA LEU G 49 -30.48 -9.18 8.66
C LEU G 49 -31.47 -10.01 7.87
N GLU G 50 -31.23 -10.13 6.56
CA GLU G 50 -32.20 -10.77 5.68
C GLU G 50 -32.08 -12.29 5.73
N LYS G 51 -30.87 -12.81 5.48
CA LYS G 51 -30.55 -14.25 5.44
C LYS G 51 -31.58 -15.05 4.65
N THR G 52 -31.88 -14.55 3.46
CA THR G 52 -32.78 -15.21 2.50
C THR G 52 -32.47 -14.64 1.12
N HIS G 53 -32.82 -15.42 0.10
CA HIS G 53 -32.57 -15.00 -1.28
C HIS G 53 -33.47 -15.81 -2.19
N ASN G 54 -33.69 -15.26 -3.39
CA ASN G 54 -34.48 -15.98 -4.39
C ASN G 54 -33.81 -17.28 -4.82
N GLY G 55 -32.48 -17.35 -4.73
CA GLY G 55 -31.76 -18.51 -5.21
C GLY G 55 -31.56 -18.57 -6.70
N LYS G 56 -31.88 -17.50 -7.42
CA LYS G 56 -31.83 -17.46 -8.87
C LYS G 56 -31.36 -16.09 -9.30
N LEU G 57 -31.09 -15.94 -10.60
CA LEU G 57 -30.71 -14.67 -11.19
C LEU G 57 -31.94 -13.97 -11.73
N CYS G 58 -32.14 -12.73 -11.30
CA CYS G 58 -33.27 -11.89 -11.70
C CYS G 58 -32.76 -10.70 -12.50
N ASP G 59 -33.68 -10.04 -13.17
CA ASP G 59 -33.35 -8.80 -13.87
C ASP G 59 -33.17 -7.67 -12.87
N LEU G 60 -32.39 -6.66 -13.26
CA LEU G 60 -32.23 -5.41 -12.52
C LEU G 60 -32.89 -4.30 -13.31
N ASN G 61 -34.04 -3.84 -12.81
CA ASN G 61 -34.79 -2.73 -13.41
C ASN G 61 -35.17 -3.03 -14.86
N GLY G 62 -35.51 -4.28 -15.14
CA GLY G 62 -35.99 -4.68 -16.45
C GLY G 62 -34.93 -5.05 -17.47
N VAL G 63 -33.65 -4.83 -17.16
CA VAL G 63 -32.58 -5.12 -18.10
C VAL G 63 -32.20 -6.59 -17.95
N LYS G 64 -32.23 -7.33 -19.05
CA LYS G 64 -31.89 -8.75 -19.00
C LYS G 64 -30.37 -8.89 -18.95
N PRO G 65 -29.79 -9.60 -17.98
CA PRO G 65 -28.33 -9.72 -17.93
C PRO G 65 -27.79 -10.65 -19.01
N LEU G 66 -26.47 -10.63 -19.13
CA LEU G 66 -25.76 -11.55 -20.00
C LEU G 66 -25.48 -12.84 -19.25
N ILE G 67 -25.88 -13.97 -19.83
CA ILE G 67 -25.91 -15.24 -19.11
C ILE G 67 -24.57 -15.95 -19.16
N LEU G 68 -24.04 -16.18 -20.36
CA LEU G 68 -22.77 -16.88 -20.58
C LEU G 68 -22.76 -18.25 -19.90
N LYS G 69 -23.66 -19.13 -20.37
CA LYS G 69 -23.70 -20.49 -19.85
C LYS G 69 -22.51 -21.26 -20.41
N ASP G 70 -21.60 -21.67 -19.53
CA ASP G 70 -20.33 -22.29 -19.91
C ASP G 70 -19.57 -21.40 -20.89
N CYS G 71 -19.54 -20.09 -20.59
CA CYS G 71 -18.84 -19.12 -21.42
C CYS G 71 -18.19 -18.08 -20.51
N SER G 72 -17.09 -17.51 -20.98
CA SER G 72 -16.29 -16.54 -20.23
C SER G 72 -16.20 -15.23 -21.01
N VAL G 73 -15.43 -14.30 -20.47
CA VAL G 73 -15.16 -13.05 -21.17
C VAL G 73 -14.31 -13.31 -22.41
N ALA G 74 -13.29 -14.16 -22.28
CA ALA G 74 -12.47 -14.48 -23.44
C ALA G 74 -13.23 -15.37 -24.42
N GLY G 75 -14.24 -16.10 -23.97
CA GLY G 75 -15.12 -16.83 -24.87
C GLY G 75 -16.21 -16.00 -25.51
N TRP G 76 -16.42 -14.76 -25.04
CA TRP G 76 -17.46 -13.86 -25.53
C TRP G 76 -16.90 -12.72 -26.36
N LEU G 77 -15.88 -12.02 -25.86
CA LEU G 77 -15.29 -10.94 -26.64
C LEU G 77 -14.62 -11.48 -27.89
N LEU G 78 -13.77 -12.48 -27.72
CA LEU G 78 -13.35 -13.34 -28.82
C LEU G 78 -14.39 -14.45 -28.94
N GLY G 79 -14.98 -14.59 -30.12
CA GLY G 79 -16.20 -15.35 -30.22
C GLY G 79 -16.00 -16.85 -30.26
N ASN G 80 -16.24 -17.50 -29.11
CA ASN G 80 -16.05 -18.94 -29.03
C ASN G 80 -17.11 -19.63 -29.88
N PRO G 81 -16.76 -20.59 -30.74
CA PRO G 81 -17.81 -21.30 -31.48
C PRO G 81 -18.77 -22.07 -30.59
N MET G 82 -18.36 -22.42 -29.37
CA MET G 82 -19.31 -22.95 -28.41
C MET G 82 -20.28 -21.86 -27.94
N CYS G 83 -19.81 -20.62 -27.84
CA CYS G 83 -20.63 -19.49 -27.40
C CYS G 83 -21.20 -18.73 -28.59
N ASP G 84 -21.96 -19.44 -29.42
CA ASP G 84 -22.69 -18.85 -30.53
C ASP G 84 -24.13 -18.48 -30.14
N GLU G 85 -24.51 -18.65 -28.88
CA GLU G 85 -25.81 -18.20 -28.40
C GLU G 85 -25.86 -16.69 -28.18
N PHE G 86 -24.70 -16.02 -28.15
CA PHE G 86 -24.61 -14.59 -27.87
C PHE G 86 -24.03 -13.90 -29.09
N ILE G 87 -24.54 -14.26 -30.27
CA ILE G 87 -24.06 -13.67 -31.51
C ILE G 87 -24.54 -12.23 -31.65
N ARG G 88 -25.64 -11.87 -31.01
CA ARG G 88 -26.09 -10.48 -30.93
C ARG G 88 -26.62 -10.25 -29.52
N VAL G 89 -25.91 -9.43 -28.76
CA VAL G 89 -26.16 -9.25 -27.34
C VAL G 89 -26.92 -7.94 -27.15
N PRO G 90 -28.12 -7.94 -26.50
CA PRO G 90 -28.78 -6.65 -26.23
C PRO G 90 -28.12 -5.91 -25.08
N GLU G 91 -28.71 -4.80 -24.64
CA GLU G 91 -28.14 -4.07 -23.51
C GLU G 91 -28.31 -4.91 -22.24
N TRP G 92 -27.19 -5.17 -21.57
CA TRP G 92 -27.14 -5.98 -20.36
C TRP G 92 -26.86 -5.07 -19.18
N SER G 93 -27.21 -5.56 -17.99
CA SER G 93 -26.92 -4.87 -16.74
C SER G 93 -25.67 -5.42 -16.04
N TYR G 94 -25.43 -6.72 -16.15
CA TYR G 94 -24.29 -7.33 -15.47
C TYR G 94 -23.93 -8.65 -16.13
N ILE G 95 -22.63 -8.93 -16.20
CA ILE G 95 -22.12 -10.12 -16.86
C ILE G 95 -22.01 -11.22 -15.83
N VAL G 96 -22.62 -12.37 -16.11
CA VAL G 96 -22.59 -13.54 -15.24
C VAL G 96 -21.64 -14.54 -15.88
N GLU G 97 -20.43 -14.65 -15.37
CA GLU G 97 -19.54 -15.75 -15.73
C GLU G 97 -19.77 -16.88 -14.73
N ARG G 98 -19.27 -18.07 -15.05
CA ARG G 98 -19.21 -19.17 -14.10
C ARG G 98 -17.83 -19.26 -13.45
N ASP G 99 -17.77 -19.96 -12.32
CA ASP G 99 -16.55 -19.96 -11.54
C ASP G 99 -15.44 -20.72 -12.24
N ASN G 100 -15.77 -21.85 -12.87
CA ASN G 100 -14.85 -22.63 -13.70
C ASN G 100 -15.50 -22.79 -15.07
N PRO G 101 -15.34 -21.84 -15.99
CA PRO G 101 -15.90 -22.03 -17.33
C PRO G 101 -15.13 -23.10 -18.09
N ALA G 102 -15.86 -23.88 -18.88
CA ALA G 102 -15.28 -24.97 -19.65
C ALA G 102 -14.90 -24.59 -21.08
N ASN G 103 -15.49 -23.52 -21.61
CA ASN G 103 -15.24 -23.07 -22.99
C ASN G 103 -14.73 -21.64 -22.93
N ASP G 104 -13.42 -21.49 -22.77
CA ASP G 104 -12.78 -20.18 -22.77
C ASP G 104 -11.34 -20.34 -23.22
N LEU G 105 -10.96 -19.57 -24.25
CA LEU G 105 -9.69 -19.75 -24.94
C LEU G 105 -9.52 -21.21 -25.37
N CYS G 106 -10.41 -21.59 -26.30
CA CYS G 106 -10.44 -22.96 -26.80
C CYS G 106 -9.11 -23.32 -27.47
N TYR G 107 -8.54 -22.40 -28.24
CA TYR G 107 -7.14 -22.51 -28.58
C TYR G 107 -6.31 -22.10 -27.37
N PRO G 108 -5.24 -22.82 -27.00
CA PRO G 108 -4.48 -22.42 -25.81
C PRO G 108 -3.81 -21.08 -26.00
N GLY G 109 -3.61 -20.38 -24.89
CA GLY G 109 -2.98 -19.08 -24.89
C GLY G 109 -3.42 -18.28 -23.69
N SER G 110 -3.14 -16.99 -23.75
CA SER G 110 -3.52 -16.06 -22.68
C SER G 110 -3.66 -14.68 -23.29
N LEU G 111 -4.86 -14.10 -23.17
CA LEU G 111 -5.07 -12.72 -23.60
C LEU G 111 -4.41 -11.78 -22.59
N ASN G 112 -3.58 -10.87 -23.10
CA ASN G 112 -2.79 -10.01 -22.22
C ASN G 112 -3.68 -8.95 -21.56
N ASP G 113 -3.45 -8.75 -20.27
CA ASP G 113 -4.29 -7.87 -19.44
C ASP G 113 -5.75 -8.29 -19.55
N TYR G 114 -5.98 -9.61 -19.50
CA TYR G 114 -7.34 -10.12 -19.45
C TYR G 114 -8.05 -9.68 -18.18
N GLU G 115 -7.31 -9.63 -17.06
CA GLU G 115 -7.90 -9.18 -15.81
C GLU G 115 -8.19 -7.68 -15.86
N GLU G 116 -7.28 -6.90 -16.43
CA GLU G 116 -7.54 -5.47 -16.55
C GLU G 116 -8.62 -5.20 -17.59
N LEU G 117 -8.75 -6.09 -18.58
CA LEU G 117 -9.88 -5.97 -19.51
C LEU G 117 -11.19 -6.27 -18.80
N LYS G 118 -11.18 -7.22 -17.85
CA LYS G 118 -12.37 -7.44 -17.04
C LYS G 118 -12.65 -6.24 -16.12
N HIS G 119 -11.60 -5.52 -15.75
CA HIS G 119 -11.80 -4.28 -14.99
C HIS G 119 -12.54 -3.26 -15.83
N LEU G 120 -12.04 -2.96 -17.03
CA LEU G 120 -12.74 -2.01 -17.90
C LEU G 120 -14.14 -2.52 -18.22
N LEU G 121 -14.28 -3.84 -18.38
CA LEU G 121 -15.57 -4.46 -18.65
C LEU G 121 -16.51 -4.43 -17.44
N SER G 122 -16.05 -3.97 -16.28
CA SER G 122 -16.92 -3.75 -15.13
C SER G 122 -17.55 -2.36 -15.11
N ARG G 123 -17.26 -1.50 -16.10
CA ARG G 123 -17.93 -0.22 -16.25
C ARG G 123 -18.69 -0.06 -17.57
N ILE G 124 -18.58 -1.03 -18.48
CA ILE G 124 -19.23 -0.97 -19.79
C ILE G 124 -20.52 -1.77 -19.75
N ASN G 125 -21.67 -1.08 -19.77
CA ASN G 125 -22.97 -1.74 -19.67
C ASN G 125 -23.61 -1.98 -21.04
N HIS G 126 -22.89 -1.74 -22.15
CA HIS G 126 -23.43 -2.05 -23.50
C HIS G 126 -22.35 -2.11 -24.57
N PHE G 127 -22.43 -3.09 -25.50
CA PHE G 127 -21.49 -3.23 -26.65
C PHE G 127 -22.29 -3.37 -27.94
N GLU G 128 -21.90 -2.69 -29.01
CA GLU G 128 -22.55 -2.82 -30.35
C GLU G 128 -21.47 -3.23 -31.35
N LYS G 129 -21.44 -4.48 -31.80
CA LYS G 129 -20.35 -4.94 -32.62
C LYS G 129 -20.41 -4.21 -33.95
N ILE G 130 -19.25 -4.00 -34.56
CA ILE G 130 -19.16 -3.41 -35.89
C ILE G 130 -18.06 -4.13 -36.65
N LEU G 131 -18.26 -4.23 -37.96
CA LEU G 131 -17.29 -4.82 -38.87
C LEU G 131 -16.32 -3.72 -39.30
N ILE G 132 -15.30 -3.49 -38.45
CA ILE G 132 -14.32 -2.46 -38.80
C ILE G 132 -13.44 -2.94 -39.93
N ILE G 133 -13.19 -4.25 -40.00
CA ILE G 133 -12.39 -4.85 -41.05
C ILE G 133 -13.29 -5.83 -41.79
N PRO G 134 -13.72 -5.55 -43.03
CA PRO G 134 -14.58 -6.50 -43.74
C PRO G 134 -13.76 -7.62 -44.38
N LYS G 135 -14.46 -8.64 -44.85
CA LYS G 135 -13.78 -9.78 -45.45
C LYS G 135 -13.01 -9.39 -46.71
N SER G 136 -13.50 -8.40 -47.46
CA SER G 136 -12.78 -7.91 -48.63
C SER G 136 -11.54 -7.11 -48.26
N SER G 137 -11.35 -6.79 -46.97
CA SER G 137 -10.24 -5.96 -46.55
C SER G 137 -8.91 -6.63 -46.84
N TRP G 138 -8.85 -7.96 -46.68
CA TRP G 138 -7.65 -8.75 -46.89
C TRP G 138 -7.58 -9.43 -48.26
N PRO G 139 -6.93 -8.84 -49.27
CA PRO G 139 -6.62 -9.61 -50.47
C PRO G 139 -5.21 -10.15 -50.31
N ASN G 140 -4.92 -11.21 -51.06
CA ASN G 140 -3.62 -11.89 -51.05
C ASN G 140 -3.41 -12.66 -49.75
N HIS G 141 -4.47 -12.88 -48.96
CA HIS G 141 -4.42 -13.69 -47.75
C HIS G 141 -5.66 -14.58 -47.73
N GLU G 142 -5.62 -15.59 -46.87
CA GLU G 142 -6.68 -16.60 -46.78
C GLU G 142 -7.56 -16.31 -45.57
N THR G 143 -8.78 -15.86 -45.83
CA THR G 143 -9.75 -15.53 -44.78
C THR G 143 -10.66 -16.71 -44.46
N SER G 144 -10.83 -16.99 -43.17
CA SER G 144 -11.80 -17.97 -42.64
C SER G 144 -11.58 -19.38 -43.15
N LEU G 145 -10.33 -19.76 -43.43
CA LEU G 145 -9.96 -21.14 -43.76
C LEU G 145 -8.74 -21.57 -42.94
N GLY G 146 -8.55 -20.97 -41.75
CA GLY G 146 -7.54 -21.38 -40.81
C GLY G 146 -8.24 -21.74 -39.51
N VAL G 147 -8.37 -23.04 -39.26
CA VAL G 147 -9.16 -23.57 -38.14
C VAL G 147 -8.33 -24.57 -37.37
N SER G 148 -8.66 -24.71 -36.08
CA SER G 148 -7.96 -25.58 -35.15
C SER G 148 -8.95 -26.53 -34.49
N ALA G 149 -8.59 -27.81 -34.42
CA ALA G 149 -9.47 -28.81 -33.82
C ALA G 149 -9.64 -28.63 -32.32
N ALA G 150 -8.82 -27.79 -31.67
CA ALA G 150 -9.03 -27.47 -30.26
C ALA G 150 -10.38 -26.81 -30.03
N CYS G 151 -10.88 -26.07 -31.02
CA CYS G 151 -12.17 -25.41 -30.96
C CYS G 151 -13.15 -26.12 -31.90
N PRO G 152 -14.19 -26.83 -31.39
CA PRO G 152 -15.09 -27.56 -32.30
C PRO G 152 -16.39 -26.83 -32.54
N TYR G 153 -16.92 -26.94 -33.76
CA TYR G 153 -18.24 -26.42 -34.12
C TYR G 153 -18.90 -27.47 -35.00
N GLN G 154 -19.90 -28.16 -34.45
CA GLN G 154 -20.66 -29.22 -35.12
C GLN G 154 -19.81 -30.46 -35.39
N GLY G 155 -18.62 -30.55 -34.78
CA GLY G 155 -17.67 -31.61 -35.04
C GLY G 155 -16.64 -31.28 -36.11
N ALA G 156 -16.92 -30.31 -36.97
CA ALA G 156 -15.95 -29.76 -37.90
C ALA G 156 -15.14 -28.65 -37.23
N PRO G 157 -13.83 -28.51 -37.48
CA PRO G 157 -13.06 -27.52 -36.73
C PRO G 157 -13.38 -26.10 -37.19
N SER G 158 -13.41 -25.18 -36.23
CA SER G 158 -13.72 -23.78 -36.51
C SER G 158 -13.13 -22.91 -35.42
N PHE G 159 -12.43 -21.85 -35.82
CA PHE G 159 -11.72 -20.97 -34.90
C PHE G 159 -12.71 -19.90 -34.41
N PHE G 160 -12.26 -18.90 -33.67
CA PHE G 160 -13.12 -17.79 -33.26
C PHE G 160 -13.62 -17.03 -34.48
N ARG G 161 -14.78 -16.38 -34.29
CA ARG G 161 -15.52 -15.73 -35.36
C ARG G 161 -15.53 -14.21 -35.24
N ASN G 162 -14.82 -13.64 -34.27
CA ASN G 162 -14.58 -12.20 -34.18
C ASN G 162 -13.17 -11.80 -34.63
N VAL G 163 -12.28 -12.77 -34.86
CA VAL G 163 -10.96 -12.53 -35.42
C VAL G 163 -10.72 -13.53 -36.55
N VAL G 164 -9.77 -13.21 -37.41
CA VAL G 164 -9.41 -14.05 -38.56
C VAL G 164 -7.93 -14.38 -38.46
N TRP G 165 -7.62 -15.67 -38.44
CA TRP G 165 -6.24 -16.18 -38.40
C TRP G 165 -5.77 -16.38 -39.83
N LEU G 166 -4.96 -15.44 -40.33
CA LEU G 166 -4.58 -15.40 -41.75
C LEU G 166 -3.39 -16.30 -42.01
N ILE G 167 -3.64 -17.47 -42.61
CA ILE G 167 -2.58 -18.36 -43.06
C ILE G 167 -2.07 -17.86 -44.41
N LYS G 168 -0.92 -18.37 -44.86
CA LYS G 168 -0.38 -18.00 -46.17
C LYS G 168 -1.29 -18.52 -47.28
N LYS G 169 -1.81 -17.61 -48.10
CA LYS G 169 -2.78 -17.97 -49.12
C LYS G 169 -2.14 -18.71 -50.28
N ASP G 170 -1.07 -18.15 -50.85
CA ASP G 170 -0.50 -18.62 -52.12
C ASP G 170 1.02 -18.71 -52.00
N ASP G 171 1.47 -19.51 -51.04
CA ASP G 171 2.90 -19.79 -50.82
C ASP G 171 3.69 -18.50 -50.57
N ALA G 172 3.06 -17.51 -49.94
CA ALA G 172 3.73 -16.26 -49.58
C ALA G 172 2.83 -15.51 -48.60
N TYR G 173 3.32 -14.35 -48.18
CA TYR G 173 2.65 -13.54 -47.15
C TYR G 173 3.04 -12.09 -47.41
N PRO G 174 2.18 -11.30 -48.07
CA PRO G 174 2.46 -9.87 -48.18
C PRO G 174 2.28 -9.17 -46.84
N THR G 175 2.91 -8.01 -46.73
CA THR G 175 2.92 -7.29 -45.46
C THR G 175 1.53 -6.71 -45.20
N ILE G 176 0.92 -7.13 -44.10
CA ILE G 176 -0.29 -6.49 -43.61
C ILE G 176 0.09 -5.07 -43.21
N LYS G 177 -0.58 -4.08 -43.82
CA LYS G 177 -0.48 -2.68 -43.39
C LYS G 177 -1.89 -2.09 -43.44
N ILE G 178 -2.62 -2.18 -42.32
CA ILE G 178 -3.98 -1.63 -42.23
C ILE G 178 -3.97 -0.56 -41.15
N SER G 179 -4.77 0.49 -41.36
CA SER G 179 -4.82 1.64 -40.46
C SER G 179 -6.26 2.11 -40.39
N TYR G 180 -7.00 1.62 -39.39
CA TYR G 180 -8.40 1.99 -39.21
C TYR G 180 -8.47 3.32 -38.46
N ASN G 181 -8.91 4.36 -39.16
CA ASN G 181 -9.15 5.67 -38.54
C ASN G 181 -10.53 5.64 -37.91
N ASN G 182 -10.59 5.89 -36.60
CA ASN G 182 -11.86 5.82 -35.88
C ASN G 182 -12.66 7.08 -36.15
N THR G 183 -13.47 7.03 -37.22
CA THR G 183 -14.39 8.12 -37.52
C THR G 183 -15.67 8.06 -36.69
N ASN G 184 -15.91 6.96 -35.98
CA ASN G 184 -17.02 6.91 -35.04
C ASN G 184 -16.70 7.77 -33.83
N ARG G 185 -17.75 8.26 -33.18
CA ARG G 185 -17.62 9.16 -32.04
C ARG G 185 -17.52 8.43 -30.70
N GLU G 186 -17.51 7.09 -30.71
CA GLU G 186 -17.42 6.29 -29.49
C GLU G 186 -16.12 5.49 -29.50
N ASP G 187 -15.76 4.99 -28.33
CA ASP G 187 -14.56 4.18 -28.18
C ASP G 187 -14.82 2.77 -28.72
N LEU G 188 -13.83 2.23 -29.43
CA LEU G 188 -13.88 0.88 -29.99
C LEU G 188 -12.84 0.00 -29.32
N LEU G 189 -13.30 -1.13 -28.78
CA LEU G 189 -12.41 -2.16 -28.27
C LEU G 189 -11.97 -3.05 -29.42
N ILE G 190 -10.67 -3.05 -29.71
CA ILE G 190 -10.10 -3.76 -30.85
C ILE G 190 -9.21 -4.86 -30.31
N LEU G 191 -9.46 -6.09 -30.77
CA LEU G 191 -8.78 -7.29 -30.30
C LEU G 191 -8.00 -7.91 -31.44
N TRP G 192 -6.73 -8.24 -31.20
CA TRP G 192 -5.91 -8.98 -32.15
C TRP G 192 -5.10 -9.99 -31.37
N GLY G 193 -4.10 -10.60 -32.03
CA GLY G 193 -3.27 -11.56 -31.32
C GLY G 193 -2.05 -11.93 -32.13
N ILE G 194 -1.17 -12.69 -31.47
CA ILE G 194 0.03 -13.26 -32.09
C ILE G 194 0.02 -14.76 -31.83
N HIS G 195 0.34 -15.53 -32.86
CA HIS G 195 0.38 -16.98 -32.78
C HIS G 195 1.81 -17.44 -32.51
N HIS G 196 1.97 -18.32 -31.53
CA HIS G 196 3.26 -18.91 -31.16
C HIS G 196 3.24 -20.33 -31.72
N SER G 197 3.94 -20.52 -32.83
CA SER G 197 4.01 -21.83 -33.45
C SER G 197 4.92 -22.75 -32.65
N ASN G 198 4.70 -24.06 -32.81
CA ASN G 198 5.41 -25.01 -31.96
C ASN G 198 6.87 -25.17 -32.38
N ASN G 199 7.17 -25.03 -33.67
CA ASN G 199 8.53 -25.17 -34.16
C ASN G 199 8.69 -24.32 -35.42
N ALA G 200 9.91 -24.28 -35.95
CA ALA G 200 10.16 -23.53 -37.17
C ALA G 200 9.57 -24.21 -38.40
N GLU G 201 9.37 -25.53 -38.36
CA GLU G 201 8.75 -26.20 -39.48
C GLU G 201 7.28 -25.78 -39.62
N GLU G 202 6.56 -25.74 -38.50
CA GLU G 202 5.18 -25.26 -38.55
C GLU G 202 5.13 -23.77 -38.86
N GLN G 203 6.14 -23.01 -38.40
CA GLN G 203 6.21 -21.59 -38.72
C GLN G 203 6.36 -21.37 -40.21
N THR G 204 7.17 -22.20 -40.87
CA THR G 204 7.35 -22.08 -42.32
C THR G 204 6.15 -22.66 -43.08
N ASN G 205 5.48 -23.66 -42.50
CA ASN G 205 4.33 -24.27 -43.18
C ASN G 205 3.12 -23.36 -43.17
N LEU G 206 2.88 -22.68 -42.04
CA LEU G 206 1.72 -21.79 -41.92
C LEU G 206 2.00 -20.39 -42.45
N TYR G 207 3.25 -19.94 -42.41
CA TYR G 207 3.63 -18.58 -42.79
C TYR G 207 4.93 -18.63 -43.57
N LYS G 208 5.03 -17.84 -44.64
CA LYS G 208 6.25 -17.87 -45.44
C LYS G 208 7.42 -17.19 -44.75
N ASN G 209 7.15 -16.19 -43.91
CA ASN G 209 8.19 -15.41 -43.26
C ASN G 209 8.56 -16.05 -41.92
N PRO G 210 9.83 -16.48 -41.69
CA PRO G 210 10.13 -17.08 -40.37
C PRO G 210 10.08 -16.07 -39.24
N THR G 211 10.74 -14.93 -39.40
CA THR G 211 10.81 -13.91 -38.37
C THR G 211 9.70 -12.88 -38.61
N THR G 212 8.85 -12.69 -37.60
CA THR G 212 7.65 -11.89 -37.70
C THR G 212 7.66 -10.80 -36.63
N TYR G 213 7.20 -9.60 -37.00
CA TYR G 213 7.45 -8.37 -36.25
C TYR G 213 6.17 -7.56 -36.08
N ILE G 214 5.12 -8.19 -35.54
CA ILE G 214 3.78 -7.61 -35.53
C ILE G 214 3.80 -6.33 -34.71
N SER G 215 3.66 -5.19 -35.39
CA SER G 215 3.79 -3.87 -34.81
C SER G 215 2.42 -3.20 -34.78
N VAL G 216 2.05 -2.71 -33.61
CA VAL G 216 0.77 -2.03 -33.40
C VAL G 216 1.08 -0.63 -32.86
N GLY G 217 0.52 0.37 -33.52
CA GLY G 217 0.70 1.76 -33.13
C GLY G 217 -0.63 2.44 -32.85
N THR G 218 -0.65 3.27 -31.80
CA THR G 218 -1.81 4.04 -31.42
C THR G 218 -1.31 5.42 -31.01
N SER G 219 -2.22 6.32 -30.64
CA SER G 219 -1.78 7.59 -30.07
C SER G 219 -1.10 7.39 -28.72
N THR G 220 -1.62 6.48 -27.89
CA THR G 220 -1.16 6.26 -26.52
C THR G 220 -0.65 4.85 -26.29
N LEU G 221 -0.27 4.12 -27.35
CA LEU G 221 0.18 2.75 -27.21
C LEU G 221 1.08 2.39 -28.38
N ASN G 222 2.13 1.63 -28.10
CA ASN G 222 2.94 0.99 -29.13
C ASN G 222 3.41 -0.37 -28.65
N GLN G 223 3.32 -1.37 -29.53
CA GLN G 223 3.76 -2.72 -29.23
C GLN G 223 4.46 -3.30 -30.44
N ARG G 224 5.57 -4.00 -30.20
CA ARG G 224 6.20 -4.87 -31.17
C ARG G 224 6.19 -6.28 -30.59
N LEU G 225 5.69 -7.23 -31.38
CA LEU G 225 5.46 -8.60 -30.93
C LEU G 225 6.23 -9.55 -31.85
N VAL G 226 7.04 -10.40 -31.24
CA VAL G 226 7.82 -11.43 -31.93
C VAL G 226 7.41 -12.75 -31.32
N PRO G 227 7.09 -13.79 -32.09
CA PRO G 227 6.61 -15.04 -31.48
C PRO G 227 7.70 -15.75 -30.71
N LYS G 228 7.27 -16.54 -29.73
CA LYS G 228 8.16 -17.37 -28.92
C LYS G 228 8.04 -18.80 -29.44
N ILE G 229 8.76 -19.09 -30.50
CA ILE G 229 8.72 -20.40 -31.15
C ILE G 229 9.54 -21.35 -30.29
N ALA G 230 8.87 -22.28 -29.62
CA ALA G 230 9.52 -23.19 -28.70
C ALA G 230 8.73 -24.49 -28.64
N THR G 231 9.41 -25.56 -28.26
CA THR G 231 8.74 -26.82 -28.01
C THR G 231 7.95 -26.72 -26.72
N ARG G 232 6.66 -27.05 -26.79
CA ARG G 232 5.74 -26.89 -25.68
C ARG G 232 4.89 -28.15 -25.54
N SER G 233 4.22 -28.27 -24.40
CA SER G 233 3.35 -29.40 -24.14
C SER G 233 1.98 -29.17 -24.80
N GLN G 234 1.09 -30.13 -24.60
CA GLN G 234 -0.24 -30.12 -25.22
C GLN G 234 -1.27 -29.62 -24.23
N VAL G 235 -2.00 -28.58 -24.62
CA VAL G 235 -3.22 -28.14 -23.95
C VAL G 235 -4.34 -28.23 -24.98
N ASN G 236 -5.42 -28.93 -24.64
CA ASN G 236 -6.56 -29.12 -25.53
C ASN G 236 -6.15 -29.78 -26.85
N GLY G 237 -5.12 -30.62 -26.80
CA GLY G 237 -4.63 -31.28 -28.00
C GLY G 237 -3.99 -30.34 -29.01
N GLN G 238 -3.28 -29.31 -28.56
CA GLN G 238 -2.59 -28.39 -29.45
C GLN G 238 -1.30 -27.93 -28.79
N ARG G 239 -0.31 -27.60 -29.64
CA ARG G 239 1.04 -27.28 -29.20
C ARG G 239 1.48 -25.87 -29.61
N GLY G 240 0.55 -25.04 -30.08
CA GLY G 240 0.81 -23.63 -30.32
C GLY G 240 0.02 -22.79 -29.35
N ARG G 241 0.42 -21.53 -29.13
CA ARG G 241 -0.24 -20.64 -28.18
C ARG G 241 -0.56 -19.32 -28.87
N MET G 242 -1.85 -19.02 -29.02
CA MET G 242 -2.28 -17.74 -29.56
C MET G 242 -2.50 -16.79 -28.38
N ASP G 243 -1.58 -15.85 -28.20
CA ASP G 243 -1.66 -14.86 -27.13
C ASP G 243 -2.29 -13.60 -27.72
N PHE G 244 -3.43 -13.21 -27.17
CA PHE G 244 -4.22 -12.11 -27.69
C PHE G 244 -3.93 -10.83 -26.94
N PHE G 245 -4.19 -9.71 -27.62
CA PHE G 245 -3.99 -8.38 -27.08
C PHE G 245 -5.20 -7.54 -27.45
N TRP G 246 -5.34 -6.40 -26.77
CA TRP G 246 -6.50 -5.53 -26.94
C TRP G 246 -6.07 -4.09 -26.79
N THR G 247 -6.89 -3.20 -27.35
CA THR G 247 -6.75 -1.77 -27.08
C THR G 247 -8.13 -1.13 -27.14
N ILE G 248 -8.24 0.04 -26.51
CA ILE G 248 -9.44 0.87 -26.58
C ILE G 248 -9.06 2.14 -27.32
N LEU G 249 -9.65 2.32 -28.50
CA LEU G 249 -9.34 3.46 -29.35
C LEU G 249 -10.18 4.67 -28.93
N LYS G 250 -9.69 5.86 -29.30
CA LYS G 250 -10.29 7.13 -28.96
C LYS G 250 -10.98 7.75 -30.18
N PRO G 251 -11.88 8.72 -30.00
CA PRO G 251 -12.47 9.39 -31.18
C PRO G 251 -11.43 10.12 -32.00
N ASP G 252 -11.55 10.00 -33.32
CA ASP G 252 -10.59 10.56 -34.27
C ASP G 252 -9.17 10.10 -33.98
N ASP G 253 -9.04 8.85 -33.54
CA ASP G 253 -7.75 8.21 -33.26
C ASP G 253 -7.63 6.97 -34.13
N ALA G 254 -6.49 6.83 -34.79
CA ALA G 254 -6.27 5.76 -35.76
C ALA G 254 -5.42 4.68 -35.13
N ILE G 255 -5.97 3.47 -35.03
CA ILE G 255 -5.16 2.30 -34.77
C ILE G 255 -4.41 1.96 -36.04
N HIS G 256 -3.19 1.44 -35.87
CA HIS G 256 -2.34 1.07 -37.00
C HIS G 256 -1.78 -0.30 -36.73
N PHE G 257 -1.98 -1.22 -37.67
CA PHE G 257 -1.48 -2.58 -37.59
C PHE G 257 -0.51 -2.79 -38.75
N GLU G 258 0.61 -3.44 -38.45
CA GLU G 258 1.62 -3.80 -39.42
C GLU G 258 2.10 -5.20 -39.06
N SER G 259 2.18 -6.09 -40.04
CA SER G 259 2.60 -7.46 -39.75
C SER G 259 3.13 -8.12 -41.01
N ASN G 260 3.93 -9.19 -40.82
CA ASN G 260 4.30 -10.08 -41.91
C ASN G 260 4.16 -11.54 -41.49
N GLY G 261 3.18 -11.86 -40.66
CA GLY G 261 2.91 -13.21 -40.23
C GLY G 261 2.50 -13.33 -38.78
N ASN G 262 1.96 -14.50 -38.43
CA ASN G 262 1.49 -14.82 -37.09
C ASN G 262 0.40 -13.87 -36.60
N PHE G 263 -0.35 -13.25 -37.50
CA PHE G 263 -1.29 -12.19 -37.16
C PHE G 263 -2.70 -12.76 -37.06
N ILE G 264 -3.28 -12.68 -35.86
CA ILE G 264 -4.71 -12.92 -35.68
C ILE G 264 -5.37 -11.56 -35.86
N ALA G 265 -5.79 -11.27 -37.09
CA ALA G 265 -6.24 -9.94 -37.40
C ALA G 265 -7.65 -9.71 -36.86
N PRO G 266 -8.00 -8.47 -36.48
CA PRO G 266 -9.37 -8.23 -36.01
C PRO G 266 -10.36 -8.28 -37.18
N GLU G 267 -11.56 -8.74 -36.86
CA GLU G 267 -12.70 -8.67 -37.76
C GLU G 267 -13.83 -7.83 -37.19
N TYR G 268 -14.12 -7.97 -35.91
CA TYR G 268 -15.21 -7.26 -35.24
C TYR G 268 -14.63 -6.45 -34.10
N ALA G 269 -15.17 -5.24 -33.89
CA ALA G 269 -14.83 -4.41 -32.74
C ALA G 269 -16.10 -4.03 -32.01
N TYR G 270 -16.00 -3.97 -30.68
CA TYR G 270 -17.16 -3.80 -29.81
C TYR G 270 -17.25 -2.32 -29.43
N LYS G 271 -18.06 -1.57 -30.17
CA LYS G 271 -18.20 -0.15 -29.90
C LYS G 271 -18.92 0.06 -28.57
N ILE G 272 -18.34 0.90 -27.73
CA ILE G 272 -18.82 1.18 -26.38
C ILE G 272 -19.90 2.24 -26.50
N VAL G 273 -21.16 1.84 -26.29
CA VAL G 273 -22.28 2.79 -26.30
C VAL G 273 -22.57 3.31 -24.89
N LYS G 274 -22.80 2.41 -23.93
CA LYS G 274 -23.12 2.77 -22.55
C LYS G 274 -21.96 2.40 -21.63
N LYS G 275 -21.63 3.32 -20.73
CA LYS G 275 -20.54 3.16 -19.76
C LYS G 275 -21.11 3.42 -18.38
N GLY G 276 -21.32 2.36 -17.60
CA GLY G 276 -21.94 2.46 -16.27
C GLY G 276 -21.28 1.64 -15.19
N ASP G 277 -22.04 0.74 -14.58
CA ASP G 277 -21.60 -0.12 -13.48
C ASP G 277 -21.92 -1.56 -13.83
N SER G 278 -20.91 -2.43 -13.78
CA SER G 278 -21.11 -3.86 -13.98
C SER G 278 -20.08 -4.65 -13.20
N THR G 279 -20.41 -5.90 -12.91
CA THR G 279 -19.51 -6.81 -12.20
C THR G 279 -19.63 -8.19 -12.81
N ILE G 280 -18.52 -8.93 -12.76
CA ILE G 280 -18.44 -10.29 -13.27
C ILE G 280 -18.68 -11.18 -12.05
N MET G 281 -19.92 -11.69 -11.95
CA MET G 281 -20.35 -12.42 -10.76
C MET G 281 -19.64 -13.76 -10.59
N LYS G 282 -19.19 -14.38 -11.68
CA LYS G 282 -18.46 -15.67 -11.64
C LYS G 282 -19.26 -16.73 -10.88
N SER G 283 -20.57 -16.78 -11.14
CA SER G 283 -21.49 -17.70 -10.48
C SER G 283 -22.15 -18.63 -11.50
N GLY G 284 -22.37 -19.87 -11.07
CA GLY G 284 -22.93 -20.91 -11.92
C GLY G 284 -24.36 -21.29 -11.62
N VAL G 285 -25.15 -20.37 -11.06
CA VAL G 285 -26.53 -20.64 -10.70
C VAL G 285 -27.41 -20.38 -11.92
N GLU G 286 -28.55 -21.07 -11.97
CA GLU G 286 -29.41 -21.02 -13.14
C GLU G 286 -30.13 -19.69 -13.25
N TYR G 287 -30.29 -19.22 -14.49
CA TYR G 287 -30.99 -17.97 -14.74
C TYR G 287 -32.49 -18.13 -14.51
N GLY G 288 -33.08 -17.16 -13.81
CA GLY G 288 -34.51 -17.14 -13.54
C GLY G 288 -35.21 -15.98 -14.21
N HIS G 289 -36.53 -16.11 -14.40
CA HIS G 289 -37.35 -15.08 -15.03
C HIS G 289 -38.04 -14.27 -13.92
N CYS G 290 -37.35 -13.23 -13.46
CA CYS G 290 -37.80 -12.46 -12.31
C CYS G 290 -37.10 -11.11 -12.34
N ASN G 291 -37.62 -10.17 -11.54
CA ASN G 291 -37.14 -8.80 -11.47
C ASN G 291 -36.87 -8.42 -10.02
N THR G 292 -35.81 -7.64 -9.82
CA THR G 292 -35.40 -7.22 -8.49
C THR G 292 -34.59 -5.93 -8.63
N LYS G 293 -34.19 -5.37 -7.50
CA LYS G 293 -33.35 -4.18 -7.45
C LYS G 293 -31.88 -4.49 -7.13
N CYS G 294 -31.61 -5.63 -6.51
CA CYS G 294 -30.25 -6.02 -6.14
C CYS G 294 -30.01 -7.49 -6.48
N GLN G 295 -28.76 -7.80 -6.85
CA GLN G 295 -28.37 -9.12 -7.33
C GLN G 295 -27.09 -9.58 -6.64
N THR G 296 -27.04 -10.87 -6.34
CA THR G 296 -25.98 -11.54 -5.59
C THR G 296 -25.53 -12.76 -6.38
N PRO G 297 -24.30 -13.24 -6.18
CA PRO G 297 -23.87 -14.46 -6.92
C PRO G 297 -24.72 -15.70 -6.71
N VAL G 298 -25.21 -15.95 -5.49
CA VAL G 298 -25.97 -17.16 -5.20
C VAL G 298 -27.48 -16.93 -5.24
N GLY G 299 -27.93 -15.68 -5.24
CA GLY G 299 -29.35 -15.42 -5.28
C GLY G 299 -29.65 -13.97 -5.62
N ALA G 300 -30.85 -13.55 -5.22
CA ALA G 300 -31.31 -12.18 -5.41
C ALA G 300 -31.91 -11.68 -4.09
N ILE G 301 -31.53 -10.47 -3.69
CA ILE G 301 -32.07 -9.83 -2.51
C ILE G 301 -33.26 -9.00 -2.93
N ASN G 302 -34.40 -9.22 -2.27
CA ASN G 302 -35.67 -8.58 -2.59
C ASN G 302 -36.26 -7.97 -1.33
N SER G 303 -35.42 -7.24 -0.59
CA SER G 303 -35.82 -6.61 0.65
C SER G 303 -34.92 -5.39 0.88
N SER G 304 -35.36 -4.54 1.80
CA SER G 304 -34.69 -3.27 2.12
C SER G 304 -34.03 -3.35 3.51
N MET G 305 -33.45 -4.49 3.83
CA MET G 305 -32.78 -4.63 5.11
C MET G 305 -31.48 -3.82 5.13
N PRO G 306 -31.00 -3.42 6.32
CA PRO G 306 -29.69 -2.72 6.36
C PRO G 306 -28.52 -3.60 5.97
N PHE G 307 -28.52 -4.89 6.35
CA PHE G 307 -27.39 -5.79 6.14
C PHE G 307 -27.84 -7.15 5.64
N HIS G 308 -27.03 -7.73 4.74
CA HIS G 308 -27.28 -9.04 4.15
C HIS G 308 -26.02 -9.87 4.34
N ASN G 309 -26.19 -11.13 4.74
CA ASN G 309 -25.07 -12.05 4.93
C ASN G 309 -24.81 -12.97 3.72
N ILE G 310 -25.55 -12.80 2.62
CA ILE G 310 -25.54 -13.80 1.55
C ILE G 310 -24.18 -13.92 0.87
N HIS G 311 -23.56 -12.81 0.44
CA HIS G 311 -22.28 -12.90 -0.23
C HIS G 311 -21.63 -11.50 -0.26
N PRO G 312 -20.29 -11.40 -0.40
CA PRO G 312 -19.69 -10.06 -0.52
C PRO G 312 -20.08 -9.24 -1.73
N LEU G 313 -20.13 -9.83 -2.92
CA LEU G 313 -20.29 -9.08 -4.15
C LEU G 313 -21.75 -8.83 -4.46
N THR G 314 -22.10 -7.56 -4.66
CA THR G 314 -23.47 -7.17 -5.01
C THR G 314 -23.41 -6.00 -5.98
N ILE G 315 -24.48 -5.82 -6.74
CA ILE G 315 -24.57 -4.76 -7.76
C ILE G 315 -25.93 -4.08 -7.72
N GLY G 316 -26.06 -3.07 -6.88
CA GLY G 316 -27.27 -2.25 -6.88
C GLY G 316 -27.45 -1.59 -5.53
N GLU G 317 -28.68 -1.10 -5.33
CA GLU G 317 -29.07 -0.58 -4.02
C GLU G 317 -29.33 -1.80 -3.16
N CYS G 318 -28.32 -2.21 -2.40
CA CYS G 318 -28.30 -3.47 -1.67
C CYS G 318 -27.89 -3.25 -0.22
N PRO G 319 -28.21 -4.20 0.67
CA PRO G 319 -27.67 -4.12 2.02
C PRO G 319 -26.17 -4.34 1.98
N LYS G 320 -25.49 -3.84 3.01
CA LYS G 320 -24.06 -4.05 3.14
C LYS G 320 -23.78 -5.46 3.67
N TYR G 321 -22.60 -6.00 3.33
CA TYR G 321 -22.25 -7.34 3.78
C TYR G 321 -21.72 -7.25 5.20
N VAL G 322 -22.07 -8.25 6.03
CA VAL G 322 -21.73 -8.24 7.44
C VAL G 322 -21.16 -9.55 7.95
N LYS G 323 -21.05 -10.59 7.10
CA LYS G 323 -20.47 -11.90 7.44
C LYS G 323 -20.87 -12.45 8.81
N SER G 324 -22.11 -12.19 9.23
CA SER G 324 -22.63 -12.63 10.52
C SER G 324 -24.01 -13.24 10.33
N ASN G 325 -24.40 -14.06 11.30
CA ASN G 325 -25.63 -14.85 11.20
C ASN G 325 -26.82 -14.25 11.93
N LYS G 326 -26.63 -13.26 12.82
CA LYS G 326 -27.76 -12.74 13.61
C LYS G 326 -27.47 -11.31 14.05
N LEU G 327 -28.11 -10.34 13.38
CA LEU G 327 -28.12 -8.94 13.79
C LEU G 327 -29.56 -8.52 14.04
N VAL G 328 -29.86 -8.15 15.29
CA VAL G 328 -31.19 -7.66 15.67
C VAL G 328 -31.01 -6.46 16.58
N LEU G 329 -31.58 -5.33 16.19
CA LEU G 329 -31.52 -4.10 16.99
C LEU G 329 -32.73 -4.08 17.91
N ALA G 330 -32.52 -4.40 19.18
CA ALA G 330 -33.61 -4.46 20.15
C ALA G 330 -34.33 -3.13 20.22
N THR G 331 -35.65 -3.16 20.07
CA THR G 331 -36.51 -2.00 20.20
C THR G 331 -37.55 -2.19 21.30
N GLY G 332 -37.23 -3.03 22.29
CA GLY G 332 -38.20 -3.37 23.33
C GLY G 332 -37.55 -3.57 24.67
N LEU G 333 -38.41 -3.62 25.69
CA LEU G 333 -38.03 -3.72 27.09
C LEU G 333 -38.33 -5.12 27.58
N ARG G 334 -37.29 -5.86 27.94
CA ARG G 334 -37.43 -7.17 28.58
C ARG G 334 -36.07 -7.62 29.07
N LEU H 2 -29.89 -1.13 33.10
CA LEU H 2 -28.81 -0.91 34.06
C LEU H 2 -29.32 -0.33 35.37
N PHE H 3 -30.42 0.42 35.31
CA PHE H 3 -30.91 1.10 36.51
C PHE H 3 -31.64 0.13 37.44
N GLY H 4 -32.39 -0.83 36.88
CA GLY H 4 -33.18 -1.78 37.65
C GLY H 4 -34.65 -1.88 37.30
N ALA H 5 -34.99 -1.74 36.02
CA ALA H 5 -36.35 -2.00 35.58
C ALA H 5 -36.64 -3.50 35.57
N ILE H 6 -35.72 -4.30 35.03
CA ILE H 6 -35.92 -5.73 34.90
C ILE H 6 -35.33 -6.41 36.13
N ALA H 7 -36.19 -7.06 36.91
CA ALA H 7 -35.90 -7.79 38.14
C ALA H 7 -35.63 -6.86 39.32
N GLY H 8 -35.89 -5.56 39.18
CA GLY H 8 -35.78 -4.63 40.29
C GLY H 8 -37.11 -4.37 40.96
N PHE H 9 -37.45 -3.10 41.14
CA PHE H 9 -38.76 -2.74 41.68
C PHE H 9 -39.90 -3.28 40.82
N ILE H 10 -39.77 -3.21 39.49
CA ILE H 10 -40.77 -3.80 38.60
C ILE H 10 -40.43 -5.28 38.45
N GLU H 11 -41.29 -6.14 39.00
CA GLU H 11 -41.01 -7.57 38.97
C GLU H 11 -41.05 -8.12 37.55
N GLY H 12 -42.03 -7.71 36.76
CA GLY H 12 -42.16 -8.22 35.41
C GLY H 12 -43.04 -7.33 34.55
N GLY H 13 -43.45 -7.89 33.42
CA GLY H 13 -44.23 -7.19 32.42
C GLY H 13 -45.69 -7.61 32.37
N TRP H 14 -46.55 -6.74 31.85
CA TRP H 14 -47.98 -7.00 31.68
C TRP H 14 -48.27 -7.39 30.23
N GLN H 15 -49.20 -8.34 30.07
CA GLN H 15 -49.54 -8.87 28.75
C GLN H 15 -50.80 -8.27 28.13
N GLY H 16 -51.73 -7.78 28.94
CA GLY H 16 -52.98 -7.29 28.38
C GLY H 16 -52.81 -6.04 27.54
N MET H 17 -51.98 -5.11 28.01
CA MET H 17 -51.84 -3.80 27.36
C MET H 17 -50.88 -3.91 26.18
N VAL H 18 -51.39 -3.58 24.99
CA VAL H 18 -50.60 -3.64 23.76
C VAL H 18 -50.37 -2.26 23.15
N ASP H 19 -51.14 -1.23 23.55
CA ASP H 19 -50.95 0.14 23.08
C ASP H 19 -50.04 0.87 24.06
N GLY H 20 -48.84 1.22 23.60
CA GLY H 20 -47.88 1.93 24.43
C GLY H 20 -46.95 1.03 25.22
N TRP H 21 -45.65 1.10 24.91
CA TRP H 21 -44.63 0.36 25.65
C TRP H 21 -44.72 0.57 27.16
N TYR H 22 -44.89 1.83 27.57
CA TYR H 22 -44.75 2.24 28.96
C TYR H 22 -46.13 2.66 29.45
N GLY H 23 -46.61 2.03 30.54
CA GLY H 23 -47.99 2.14 30.92
C GLY H 23 -48.22 2.18 32.41
N TYR H 24 -49.46 2.48 32.75
CA TYR H 24 -49.94 2.63 34.13
C TYR H 24 -51.10 1.67 34.37
N HIS H 25 -51.14 1.10 35.57
CA HIS H 25 -52.28 0.34 36.07
C HIS H 25 -52.74 0.90 37.40
N HIS H 26 -54.05 1.04 37.55
CA HIS H 26 -54.67 1.57 38.76
C HIS H 26 -55.82 0.65 39.19
N SER H 27 -56.04 0.60 40.50
CA SER H 27 -57.13 -0.16 41.11
C SER H 27 -58.21 0.77 41.68
N ASN H 28 -58.35 1.96 41.11
CA ASN H 28 -59.31 2.94 41.62
C ASN H 28 -60.74 2.42 41.45
N GLU H 29 -61.64 2.92 42.30
CA GLU H 29 -63.01 2.42 42.32
C GLU H 29 -63.71 2.66 40.98
N GLN H 30 -63.52 3.84 40.39
CA GLN H 30 -64.20 4.21 39.16
C GLN H 30 -63.45 3.63 37.96
N GLY H 31 -63.39 2.30 37.92
CA GLY H 31 -62.77 1.56 36.83
C GLY H 31 -61.36 1.14 37.15
N SER H 32 -60.99 -0.07 36.71
CA SER H 32 -59.61 -0.57 36.83
C SER H 32 -59.18 -1.08 35.46
N GLY H 33 -58.14 -0.46 34.91
CA GLY H 33 -57.67 -0.81 33.59
C GLY H 33 -56.22 -0.45 33.41
N TYR H 34 -55.69 -0.84 32.25
CA TYR H 34 -54.34 -0.51 31.83
C TYR H 34 -54.41 0.65 30.85
N ALA H 35 -53.58 1.66 31.07
CA ALA H 35 -53.46 2.83 30.19
C ALA H 35 -52.00 3.04 29.84
N ALA H 36 -51.75 3.98 28.93
CA ALA H 36 -50.41 4.28 28.44
C ALA H 36 -50.11 5.76 28.61
N ASP H 37 -48.91 6.05 29.11
CA ASP H 37 -48.39 7.40 29.16
C ASP H 37 -47.73 7.65 27.81
N LYS H 38 -48.47 8.26 26.89
CA LYS H 38 -48.03 8.30 25.51
C LYS H 38 -46.99 9.39 25.26
N GLU H 39 -46.82 10.35 26.16
CA GLU H 39 -45.78 11.36 25.95
C GLU H 39 -44.40 10.75 26.10
N SER H 40 -44.16 10.02 27.19
CA SER H 40 -42.86 9.39 27.37
C SER H 40 -42.67 8.21 26.42
N THR H 41 -43.75 7.49 26.11
CA THR H 41 -43.65 6.42 25.13
C THR H 41 -43.33 6.97 23.75
N GLN H 42 -43.92 8.11 23.37
CA GLN H 42 -43.62 8.71 22.09
C GLN H 42 -42.20 9.25 22.06
N LYS H 43 -41.72 9.77 23.19
CA LYS H 43 -40.32 10.17 23.27
C LYS H 43 -39.40 8.97 23.09
N ALA H 44 -39.76 7.84 23.69
CA ALA H 44 -38.94 6.63 23.55
C ALA H 44 -38.97 6.11 22.11
N ILE H 45 -40.15 6.13 21.48
CA ILE H 45 -40.27 5.64 20.12
C ILE H 45 -39.50 6.55 19.16
N ASP H 46 -39.56 7.86 19.38
CA ASP H 46 -38.80 8.78 18.54
C ASP H 46 -37.30 8.58 18.76
N GLY H 47 -36.89 8.30 20.00
CA GLY H 47 -35.48 8.04 20.24
C GLY H 47 -34.99 6.76 19.58
N VAL H 48 -35.80 5.71 19.63
CA VAL H 48 -35.43 4.45 18.98
C VAL H 48 -35.42 4.62 17.47
N THR H 49 -36.37 5.39 16.94
CA THR H 49 -36.40 5.64 15.50
C THR H 49 -35.18 6.43 15.07
N ASN H 50 -34.78 7.42 15.88
CA ASN H 50 -33.58 8.17 15.57
C ASN H 50 -32.34 7.31 15.69
N LYS H 51 -32.34 6.34 16.61
CA LYS H 51 -31.23 5.41 16.72
C LYS H 51 -31.10 4.56 15.46
N VAL H 52 -32.23 4.02 14.98
CA VAL H 52 -32.20 3.18 13.79
C VAL H 52 -31.82 4.01 12.58
N ASN H 53 -32.35 5.23 12.48
CA ASN H 53 -32.03 6.10 11.35
C ASN H 53 -30.55 6.49 11.38
N SER H 54 -29.99 6.70 12.57
CA SER H 54 -28.58 7.03 12.67
C SER H 54 -27.72 5.83 12.26
N ILE H 55 -28.10 4.63 12.69
CA ILE H 55 -27.31 3.45 12.35
C ILE H 55 -27.29 3.24 10.84
N ILE H 56 -28.46 3.36 10.19
CA ILE H 56 -28.49 3.20 8.74
C ILE H 56 -27.98 4.43 7.99
N ASP H 57 -27.79 5.57 8.67
CA ASP H 57 -27.18 6.74 8.05
C ASP H 57 -25.66 6.76 8.10
N LYS H 58 -25.05 6.17 9.14
CA LYS H 58 -23.59 6.04 9.15
C LYS H 58 -23.12 4.85 8.33
N MET H 59 -23.97 3.84 8.16
CA MET H 59 -23.63 2.64 7.40
C MET H 59 -23.91 2.77 5.90
N ASN H 60 -24.32 3.94 5.42
CA ASN H 60 -24.54 4.10 3.99
C ASN H 60 -23.22 4.22 3.23
N THR H 61 -22.16 4.72 3.87
CA THR H 61 -20.84 4.85 3.27
C THR H 61 -19.96 3.63 3.57
N GLN H 62 -20.56 2.48 3.86
CA GLN H 62 -19.79 1.29 4.17
C GLN H 62 -19.12 0.72 2.93
N PHE H 63 -17.90 0.23 3.11
CA PHE H 63 -17.09 -0.23 1.99
C PHE H 63 -17.68 -1.49 1.37
N GLU H 64 -17.70 -1.52 0.03
CA GLU H 64 -18.17 -2.66 -0.74
C GLU H 64 -17.01 -3.28 -1.51
N ALA H 65 -17.15 -4.58 -1.79
CA ALA H 65 -16.10 -5.36 -2.43
C ALA H 65 -16.35 -5.38 -3.94
N VAL H 66 -15.58 -4.58 -4.68
CA VAL H 66 -15.61 -4.64 -6.14
C VAL H 66 -14.68 -5.78 -6.58
N GLY H 67 -15.24 -6.74 -7.30
CA GLY H 67 -14.54 -7.97 -7.59
C GLY H 67 -13.40 -7.80 -8.57
N ARG H 68 -12.17 -7.91 -8.09
CA ARG H 68 -10.96 -7.84 -8.91
C ARG H 68 -10.34 -9.22 -9.01
N GLU H 69 -10.05 -9.66 -10.24
CA GLU H 69 -9.38 -10.92 -10.51
C GLU H 69 -7.93 -10.65 -10.86
N PHE H 70 -7.04 -11.55 -10.43
CA PHE H 70 -5.62 -11.45 -10.68
C PHE H 70 -5.08 -12.78 -11.16
N ASN H 71 -4.03 -12.73 -11.98
CA ASN H 71 -3.49 -13.92 -12.61
C ASN H 71 -2.60 -14.68 -11.62
N ASN H 72 -2.13 -15.85 -12.07
CA ASN H 72 -1.38 -16.74 -11.19
C ASN H 72 -0.08 -16.12 -10.69
N LEU H 73 0.56 -15.27 -11.50
CA LEU H 73 1.84 -14.67 -11.14
C LEU H 73 1.69 -13.33 -10.42
N GLU H 74 0.51 -13.06 -9.84
CA GLU H 74 0.26 -11.86 -9.05
C GLU H 74 -0.31 -12.20 -7.67
N ARG H 75 0.02 -13.39 -7.15
CA ARG H 75 -0.59 -13.87 -5.90
C ARG H 75 -0.40 -12.91 -4.75
N ARG H 76 0.76 -12.23 -4.68
CA ARG H 76 0.99 -11.30 -3.57
C ARG H 76 -0.07 -10.21 -3.59
N ILE H 77 -0.33 -9.66 -4.79
CA ILE H 77 -1.36 -8.64 -4.94
C ILE H 77 -2.71 -9.24 -4.58
N GLU H 78 -2.94 -10.49 -5.01
CA GLU H 78 -4.19 -11.14 -4.69
C GLU H 78 -4.30 -11.33 -3.19
N ASN H 79 -3.21 -11.81 -2.56
CA ASN H 79 -3.23 -11.98 -1.11
C ASN H 79 -3.32 -10.65 -0.39
N LEU H 80 -3.06 -9.54 -1.08
CA LEU H 80 -3.29 -8.23 -0.48
C LEU H 80 -4.76 -7.89 -0.60
N ASN H 81 -5.35 -8.06 -1.79
CA ASN H 81 -6.76 -7.75 -1.95
C ASN H 81 -7.62 -8.78 -1.22
N LYS H 82 -7.14 -10.02 -1.12
CA LYS H 82 -7.86 -11.02 -0.37
C LYS H 82 -7.83 -10.72 1.12
N LYS H 83 -6.83 -9.96 1.57
CA LYS H 83 -6.74 -9.52 2.94
C LYS H 83 -7.28 -8.11 3.13
N MET H 84 -7.64 -7.42 2.03
CA MET H 84 -8.22 -6.09 2.10
C MET H 84 -9.74 -6.15 2.03
N GLU H 85 -10.28 -6.87 1.05
CA GLU H 85 -11.74 -6.98 0.93
C GLU H 85 -12.32 -7.75 2.11
N ASP H 86 -11.61 -8.77 2.58
CA ASP H 86 -11.98 -9.38 3.86
C ASP H 86 -11.64 -8.44 5.01
N GLY H 87 -10.54 -7.69 4.90
CA GLY H 87 -10.02 -6.99 6.04
C GLY H 87 -10.95 -5.89 6.51
N PHE H 88 -11.28 -4.96 5.60
CA PHE H 88 -12.34 -4.00 5.88
C PHE H 88 -13.63 -4.69 6.27
N LEU H 89 -13.96 -5.79 5.58
CA LEU H 89 -15.19 -6.52 5.91
C LEU H 89 -15.15 -6.98 7.36
N ASP H 90 -14.00 -7.51 7.79
CA ASP H 90 -13.88 -7.93 9.19
C ASP H 90 -14.05 -6.73 10.11
N VAL H 91 -13.43 -5.61 9.75
CA VAL H 91 -13.59 -4.38 10.52
C VAL H 91 -15.07 -4.00 10.54
N TRP H 92 -15.69 -4.01 9.35
CA TRP H 92 -17.09 -3.60 9.31
C TRP H 92 -17.95 -4.63 10.02
N THR H 93 -17.56 -5.91 9.96
CA THR H 93 -18.29 -6.93 10.69
C THR H 93 -18.22 -6.63 12.17
N TYR H 94 -17.02 -6.34 12.65
CA TYR H 94 -16.87 -6.01 14.06
C TYR H 94 -17.65 -4.74 14.38
N ASN H 95 -17.58 -3.76 13.46
CA ASN H 95 -18.32 -2.53 13.68
C ASN H 95 -19.80 -2.80 13.69
N ALA H 96 -20.25 -3.68 12.79
CA ALA H 96 -21.65 -4.04 12.78
C ALA H 96 -22.03 -4.88 13.97
N GLU H 97 -21.10 -5.71 14.47
CA GLU H 97 -21.42 -6.52 15.65
C GLU H 97 -21.44 -5.64 16.90
N LEU H 98 -20.40 -4.82 17.07
CA LEU H 98 -20.31 -3.99 18.26
C LEU H 98 -21.49 -3.04 18.35
N LEU H 99 -21.91 -2.49 17.19
CA LEU H 99 -23.04 -1.57 17.18
C LEU H 99 -24.30 -2.26 17.66
N VAL H 100 -24.47 -3.55 17.34
CA VAL H 100 -25.64 -4.29 17.80
C VAL H 100 -25.38 -4.97 19.14
N LEU H 101 -24.18 -4.82 19.72
CA LEU H 101 -23.86 -5.30 21.05
C LEU H 101 -23.80 -4.19 22.07
N MET H 102 -23.67 -2.94 21.64
CA MET H 102 -23.68 -1.80 22.55
C MET H 102 -25.03 -1.11 22.60
N GLU H 103 -25.57 -0.72 21.43
CA GLU H 103 -26.83 -0.01 21.39
C GLU H 103 -27.95 -0.83 21.99
N ASN H 104 -27.94 -2.14 21.74
CA ASN H 104 -28.98 -2.99 22.30
C ASN H 104 -28.95 -2.92 23.83
N GLU H 105 -27.74 -2.99 24.41
CA GLU H 105 -27.63 -2.82 25.85
C GLU H 105 -28.07 -1.42 26.24
N ARG H 106 -27.65 -0.42 25.46
CA ARG H 106 -28.06 0.95 25.75
C ARG H 106 -29.56 1.08 25.61
N THR H 107 -30.14 0.37 24.63
CA THR H 107 -31.57 0.48 24.43
C THR H 107 -32.30 -0.12 25.61
N LEU H 108 -31.78 -1.24 26.14
CA LEU H 108 -32.37 -1.78 27.35
C LEU H 108 -32.19 -0.80 28.48
N ASP H 109 -30.99 -0.22 28.59
CA ASP H 109 -30.76 0.78 29.61
C ASP H 109 -31.61 2.01 29.32
N PHE H 110 -31.83 2.31 28.04
CA PHE H 110 -32.64 3.46 27.70
C PHE H 110 -34.07 3.19 28.11
N HIS H 111 -34.54 1.97 27.88
CA HIS H 111 -35.89 1.66 28.29
C HIS H 111 -35.93 1.57 29.81
N ASP H 112 -34.84 1.06 30.39
CA ASP H 112 -34.73 1.03 31.84
C ASP H 112 -34.77 2.45 32.38
N SER H 113 -34.07 3.38 31.71
CA SER H 113 -34.06 4.74 32.20
C SER H 113 -35.45 5.34 32.05
N ASN H 114 -36.12 5.01 30.95
CA ASN H 114 -37.46 5.55 30.74
C ASN H 114 -38.41 4.99 31.78
N VAL H 115 -38.19 3.77 32.27
CA VAL H 115 -39.03 3.31 33.36
C VAL H 115 -38.72 4.10 34.63
N LYS H 116 -37.43 4.23 34.97
CA LYS H 116 -37.11 4.85 36.25
C LYS H 116 -37.37 6.35 36.18
N ASN H 117 -37.10 6.96 35.03
CA ASN H 117 -37.41 8.36 34.84
C ASN H 117 -38.92 8.57 34.92
N LEU H 118 -39.70 7.62 34.41
CA LEU H 118 -41.13 7.70 34.62
C LEU H 118 -41.46 7.46 36.08
N TYR H 119 -40.79 6.46 36.69
CA TYR H 119 -41.13 6.04 38.03
C TYR H 119 -40.92 7.16 39.04
N ASP H 120 -39.71 7.72 39.04
CA ASP H 120 -39.46 8.76 40.00
C ASP H 120 -40.10 10.08 39.59
N LYS H 121 -40.50 10.21 38.32
CA LYS H 121 -41.30 11.37 37.95
C LYS H 121 -42.62 11.31 38.69
N VAL H 122 -43.29 10.15 38.62
CA VAL H 122 -44.52 9.96 39.39
C VAL H 122 -44.22 10.13 40.87
N ARG H 123 -43.03 9.71 41.31
CA ARG H 123 -42.71 9.87 42.71
C ARG H 123 -42.55 11.34 43.06
N LEU H 124 -41.85 12.09 42.20
CA LEU H 124 -41.61 13.50 42.50
C LEU H 124 -42.88 14.33 42.36
N GLN H 125 -43.68 14.07 41.33
CA GLN H 125 -44.94 14.78 41.20
C GLN H 125 -45.87 14.46 42.36
N LEU H 126 -46.11 13.17 42.61
CA LEU H 126 -47.01 12.79 43.70
C LEU H 126 -46.40 13.12 45.05
N ARG H 127 -45.13 12.77 45.24
CA ARG H 127 -44.35 13.11 46.44
C ARG H 127 -45.01 12.50 47.68
N ASP H 128 -45.14 13.24 48.79
CA ASP H 128 -45.46 12.66 50.09
C ASP H 128 -46.79 11.89 50.09
N ASN H 129 -47.82 12.42 49.43
CA ASN H 129 -49.14 11.80 49.51
C ASN H 129 -49.21 10.41 48.91
N ALA H 130 -48.21 10.01 48.11
CA ALA H 130 -48.14 8.68 47.52
C ALA H 130 -47.10 7.84 48.26
N LYS H 131 -47.57 6.76 48.88
CA LYS H 131 -46.68 5.79 49.49
C LYS H 131 -46.07 4.95 48.36
N GLU H 132 -44.96 4.26 48.67
CA GLU H 132 -44.18 3.57 47.64
C GLU H 132 -43.94 2.10 48.02
N LEU H 133 -44.86 1.22 47.65
CA LEU H 133 -44.65 -0.20 47.82
C LEU H 133 -43.53 -0.64 46.87
N GLY H 134 -42.58 -1.41 47.36
CA GLY H 134 -41.37 -1.66 46.61
C GLY H 134 -41.57 -2.50 45.34
N ASN H 135 -42.72 -3.15 45.19
CA ASN H 135 -43.06 -3.78 43.91
C ASN H 135 -43.44 -2.78 42.83
N GLY H 136 -43.70 -1.53 43.19
CA GLY H 136 -43.90 -0.45 42.25
C GLY H 136 -45.31 0.12 42.21
N CYS H 137 -46.08 -0.01 43.29
CA CYS H 137 -47.49 0.33 43.35
C CYS H 137 -47.66 1.41 44.39
N PHE H 138 -48.19 2.57 43.99
CA PHE H 138 -48.45 3.66 44.94
C PHE H 138 -49.89 3.55 45.42
N GLU H 139 -50.06 3.07 46.65
CA GLU H 139 -51.36 3.03 47.33
C GLU H 139 -51.57 4.40 47.97
N PHE H 140 -52.27 5.26 47.24
CA PHE H 140 -52.42 6.66 47.61
C PHE H 140 -53.05 6.80 48.99
N TYR H 141 -52.49 7.71 49.81
CA TYR H 141 -53.14 8.05 51.06
C TYR H 141 -54.49 8.71 50.80
N HIS H 142 -54.54 9.58 49.79
CA HIS H 142 -55.75 10.32 49.46
C HIS H 142 -56.54 9.59 48.38
N LYS H 143 -57.86 9.52 48.58
CA LYS H 143 -58.74 8.97 47.55
C LYS H 143 -58.61 9.82 46.29
N CYS H 144 -58.36 9.15 45.16
CA CYS H 144 -58.20 9.81 43.86
C CYS H 144 -59.30 9.32 42.93
N ASP H 145 -60.00 10.26 42.28
CA ASP H 145 -60.99 9.96 41.26
C ASP H 145 -60.32 9.75 39.91
N ASN H 146 -61.11 9.37 38.90
CA ASN H 146 -60.55 9.09 37.58
C ASN H 146 -59.83 10.31 37.02
N GLU H 147 -60.37 11.51 37.25
CA GLU H 147 -59.81 12.72 36.64
C GLU H 147 -58.41 13.04 37.16
N CYS H 148 -58.22 13.00 38.48
CA CYS H 148 -56.88 13.25 39.05
C CYS H 148 -55.85 12.24 38.52
N MET H 149 -56.18 10.95 38.52
CA MET H 149 -55.32 9.96 37.86
C MET H 149 -55.03 10.35 36.41
N GLU H 150 -56.04 10.82 35.69
CA GLU H 150 -55.83 11.22 34.30
C GLU H 150 -54.88 12.41 34.20
N SER H 151 -54.93 13.32 35.17
CA SER H 151 -54.00 14.44 35.18
C SER H 151 -52.60 13.99 35.57
N VAL H 152 -52.50 12.91 36.35
CA VAL H 152 -51.20 12.33 36.64
C VAL H 152 -50.59 11.75 35.36
N ARG H 153 -51.43 11.11 34.53
CA ARG H 153 -50.95 10.71 33.21
C ARG H 153 -50.57 11.93 32.37
N ASN H 154 -51.36 13.01 32.49
CA ASN H 154 -51.07 14.23 31.74
C ASN H 154 -49.89 15.01 32.32
N GLY H 155 -49.51 14.73 33.57
CA GLY H 155 -48.43 15.45 34.19
C GLY H 155 -48.80 16.79 34.79
N THR H 156 -50.09 17.13 34.81
CA THR H 156 -50.57 18.40 35.35
C THR H 156 -51.00 18.29 36.82
N TYR H 157 -50.77 17.15 37.47
CA TYR H 157 -51.15 16.99 38.87
C TYR H 157 -50.11 17.70 39.73
N TYR H 158 -50.59 18.58 40.62
CA TYR H 158 -49.74 19.39 41.49
C TYR H 158 -50.14 19.17 42.93
N TYR H 159 -49.13 18.96 43.78
CA TYR H 159 -49.36 18.59 45.18
C TYR H 159 -50.23 19.56 45.98
N PRO H 160 -50.24 20.88 45.73
CA PRO H 160 -51.17 21.75 46.48
C PRO H 160 -52.63 21.35 46.36
N GLN H 161 -53.02 20.65 45.29
CA GLN H 161 -54.40 20.20 45.12
C GLN H 161 -54.63 18.96 45.99
N TYR H 162 -55.67 19.01 46.81
CA TYR H 162 -56.11 17.90 47.66
C TYR H 162 -54.95 17.35 48.51
N SER H 163 -54.34 18.25 49.28
CA SER H 163 -53.29 17.89 50.22
C SER H 163 -53.88 17.37 51.54
N GLU H 164 -54.31 16.10 51.53
CA GLU H 164 -54.64 15.36 52.75
C GLU H 164 -53.71 14.17 52.85
N GLU H 165 -52.93 14.12 53.94
CA GLU H 165 -52.05 13.00 54.24
C GLU H 165 -52.54 12.14 55.41
N ALA H 166 -53.63 12.53 56.08
CA ALA H 166 -54.25 11.91 57.28
C ALA H 166 -53.55 10.72 57.96
C1 NAG I . 4.12 -37.51 -19.83
C2 NAG I . 3.63 -37.21 -21.26
C3 NAG I . 2.18 -37.65 -21.43
C4 NAG I . 1.97 -39.09 -20.99
C5 NAG I . 2.50 -39.26 -19.56
C6 NAG I . 2.42 -40.69 -19.05
C7 NAG I . 4.39 -35.30 -22.64
C8 NAG I . 4.39 -33.79 -22.74
N2 NAG I . 3.76 -35.81 -21.56
O3 NAG I . 1.83 -37.45 -22.78
O4 NAG I . 0.58 -39.34 -21.06
O5 NAG I . 3.85 -38.86 -19.51
O6 NAG I . 3.07 -41.56 -19.95
O7 NAG I . 4.93 -35.98 -23.51
H2 NAG I . 4.19 -37.72 -21.88
H3 NAG I . 1.63 -37.09 -20.86
H4 NAG I . 2.46 -39.66 -21.58
H5 NAG I . 1.96 -38.72 -18.96
H61 NAG I . 1.49 -40.92 -18.94
H62 NAG I . 2.82 -40.71 -18.18
H81 NAG I . 5.31 -33.48 -22.81
H82 NAG I . 4.01 -33.41 -21.94
H83 NAG I . 3.89 -33.45 -23.50
HN2 NAG I . 3.41 -35.27 -21.00
HO3 NAG I . 1.01 -37.67 -22.87
HO4 NAG I . 0.46 -40.17 -21.18
HO6 NAG I . 3.90 -41.37 -19.95
C1 NAG J . 4.85 -23.21 27.79
C2 NAG J . 4.79 -23.05 29.32
C3 NAG J . 4.45 -24.39 29.97
C4 NAG J . 3.21 -25.02 29.35
C5 NAG J . 3.37 -25.08 27.83
C6 NAG J . 2.16 -25.61 27.11
C7 NAG J . 6.19 -21.42 30.55
C8 NAG J . 7.61 -21.11 30.99
N2 NAG J . 6.03 -22.55 29.84
O3 NAG J . 4.29 -24.17 31.35
O4 NAG J . 3.09 -26.31 29.92
O5 NAG J . 3.64 -23.78 27.34
O6 NAG J . 2.35 -25.51 25.72
O7 NAG J . 5.27 -20.65 30.85
H2 NAG J . 4.09 -22.41 29.53
H3 NAG J . 5.19 -24.99 29.82
H4 NAG J . 2.45 -24.47 29.57
H5 NAG J . 4.10 -25.68 27.62
H61 NAG J . 1.38 -25.10 27.39
H62 NAG J . 2.01 -26.53 27.39
H81 NAG J . 7.86 -20.23 30.66
H82 NAG J . 8.21 -21.75 30.59
H83 NAG J . 7.73 -21.13 31.95
HN2 NAG J . 6.73 -23.03 29.68
HO3 NAG J . 4.13 -24.91 31.72
HO4 NAG J . 2.27 -26.55 29.89
HO6 NAG J . 2.55 -24.71 25.53
C1 NAG K . -2.85 -3.52 53.47
C2 NAG K . -2.81 -4.48 54.67
C3 NAG K . -2.02 -3.84 55.81
C4 NAG K . -0.65 -3.42 55.33
C5 NAG K . -0.76 -2.57 54.06
C6 NAG K . 0.58 -2.20 53.45
C7 NAG K . -4.74 -6.02 54.84
C8 NAG K . -6.14 -6.18 55.39
N2 NAG K . -4.14 -4.85 55.10
O3 NAG K . -1.97 -4.77 56.87
O4 NAG K . -0.04 -2.71 56.39
O5 NAG K . -1.53 -3.25 53.09
O6 NAG K . 1.35 -1.48 54.39
O7 NAG K . -4.22 -6.93 54.21
H2 NAG K . -2.35 -5.28 54.40
H3 NAG K . -2.49 -3.04 56.09
H4 NAG K . -0.14 -4.23 55.12
H5 NAG K . -1.19 -1.74 54.30
H61 NAG K . 0.42 -1.69 52.65
H62 NAG K . 1.01 -3.02 53.18
H81 NAG K . -6.74 -6.40 54.68
H82 NAG K . -6.44 -5.34 55.77
H83 NAG K . -6.21 -6.86 56.08
HN2 NAG K . -4.57 -4.25 55.55
HO3 NAG K . -1.55 -4.41 57.51
HO4 NAG K . 0.80 -2.78 56.31
HO6 NAG K . 2.05 -1.21 54.01
C1 NAG L . -0.25 7.57 35.31
C2 NAG L . 0.25 9.01 35.21
C3 NAG L . 1.52 9.07 34.37
C4 NAG L . 2.55 8.07 34.86
C5 NAG L . 1.93 6.68 34.96
C6 NAG L . 2.87 5.63 35.53
C7 NAG L . -1.56 10.69 35.38
C8 NAG L . -2.56 11.50 34.59
N2 NAG L . -0.77 9.87 34.66
O3 NAG L . 1.99 10.39 34.38
O4 NAG L . 3.63 8.10 33.94
O5 NAG L . 0.77 6.73 35.77
O6 NAG L . 2.19 4.42 35.69
O7 NAG L . -1.49 10.80 36.60
H2 NAG L . 0.47 9.32 36.10
H3 NAG L . 1.28 8.81 33.46
H4 NAG L . 2.84 8.35 35.75
H5 NAG L . 1.70 6.38 34.07
H61 NAG L . 3.22 5.97 36.37
H62 NAG L . 3.62 5.55 34.93
H81 NAG L . -3.46 11.32 34.93
H82 NAG L . -2.55 11.20 33.66
H83 NAG L . -2.40 12.44 34.60
HN2 NAG L . -0.88 9.83 33.81
HO3 NAG L . 2.69 10.42 33.89
HO4 NAG L . 4.34 7.87 34.35
HO6 NAG L . 1.49 4.56 36.16
C1 NAG M . 34.72 4.73 -8.99
C2 NAG M . 35.17 3.28 -9.23
C3 NAG M . 35.58 2.69 -7.88
C4 NAG M . 36.66 3.55 -7.25
C5 NAG M . 36.13 4.98 -7.10
C6 NAG M . 37.19 5.91 -6.53
C7 NAG M . 33.00 2.01 -9.34
C8 NAG M . 32.16 1.19 -10.29
N2 NAG M . 34.13 2.52 -9.89
O3 NAG M . 36.03 1.39 -8.11
O4 NAG M . 36.97 3.01 -5.98
O5 NAG M . 35.74 5.47 -8.36
O6 NAG M . 38.32 5.92 -7.39
O7 NAG M . 32.59 2.25 -8.22
H2 NAG M . 35.94 3.29 -9.82
H3 NAG M . 34.81 2.69 -7.28
H4 NAG M . 37.43 3.54 -7.84
H5 NAG M . 35.39 4.99 -6.47
H61 NAG M . 37.42 5.61 -5.64
H62 NAG M . 36.80 6.79 -6.45
H81 NAG M . 31.30 1.61 -10.41
H82 NAG M . 32.01 0.31 -9.90
H83 NAG M . 32.57 1.06 -11.17
HN2 NAG M . 34.33 2.23 -10.66
HO3 NAG M . 36.23 1.05 -7.35
HO4 NAG M . 37.76 3.22 -5.78
HO6 NAG M . 38.09 6.27 -8.13
C1 NAG N . -29.89 35.80 26.37
C2 NAG N . -29.56 36.86 27.46
C3 NAG N . -30.84 37.48 27.99
C4 NAG N . -31.71 38.03 26.86
C5 NAG N . -31.94 36.92 25.83
C6 NAG N . -32.72 37.38 24.62
C7 NAG N . -27.78 36.76 29.31
C8 NAG N . -27.09 38.08 28.98
N2 NAG N . -28.86 36.31 28.60
O3 NAG N . -30.48 38.49 28.90
O4 NAG N . -32.92 38.46 27.45
O5 NAG N . -30.68 36.43 25.39
O6 NAG N . -32.78 36.34 23.67
O7 NAG N . -27.36 36.11 30.26
H2 NAG N . -29.02 37.53 27.05
H3 NAG N . -31.35 36.79 28.44
H4 NAG N . -31.24 38.75 26.44
H5 NAG N . -32.46 36.21 26.24
H61 NAG N . -32.29 38.17 24.26
H62 NAG N . -33.60 37.66 24.91
H81 NAG N . -26.89 38.53 29.81
H82 NAG N . -27.69 38.67 28.51
H83 NAG N . -26.28 37.98 28.46
HN2 NAG N . -29.17 35.55 28.88
HO3 NAG N . -31.20 38.82 29.22
HO4 NAG N . -33.25 39.07 26.97
HO6 NAG N . -31.98 36.08 23.51
C1 NAG O . -31.24 20.58 12.19
C2 NAG O . -32.48 20.48 11.29
C3 NAG O . -32.09 20.76 9.83
C4 NAG O . -31.32 22.06 9.71
C5 NAG O . -30.16 22.10 10.71
C6 NAG O . -29.42 23.42 10.74
C7 NAG O . -32.64 18.02 11.18
C8 NAG O . -33.55 16.84 11.42
N2 NAG O . -33.17 19.23 11.44
O3 NAG O . -33.26 20.77 9.06
O4 NAG O . -30.87 22.14 8.38
O5 NAG O . -30.64 21.84 12.01
O6 NAG O . -28.89 23.70 9.46
O7 NAG O . -31.49 17.85 10.78
H2 NAG O . -33.09 21.18 11.56
H3 NAG O . -31.50 20.05 9.54
H4 NAG O . -31.93 22.79 9.91
H5 NAG O . -29.52 21.42 10.45
H61 NAG O . -28.73 23.36 11.42
H62 NAG O . -30.05 24.10 11.03
H81 NAG O . -33.63 16.32 10.60
H82 NAG O . -34.45 17.16 11.63
H83 NAG O . -33.26 16.25 12.12
HN2 NAG O . -33.98 19.27 11.71
HO3 NAG O . -33.04 20.89 8.25
HO4 NAG O . -30.76 22.97 8.16
HO6 NAG O . -28.40 24.39 9.53
C1 NAG P . -0.94 31.37 11.87
C2 NAG P . -0.75 32.89 11.74
C3 NAG P . 0.36 33.35 12.67
C4 NAG P . 0.12 32.86 14.09
C5 NAG P . -0.17 31.36 14.09
C6 NAG P . -0.54 30.81 15.46
C7 NAG P . -1.29 33.94 9.55
C8 NAG P . -0.75 34.22 8.16
N2 NAG P . -0.47 33.26 10.37
O3 NAG P . 0.46 34.74 12.59
O4 NAG P . 1.28 33.18 14.83
O5 NAG P . -1.24 31.08 13.21
O6 NAG P . -1.66 31.50 15.96
O7 NAG P . -2.42 34.32 9.87
H2 NAG P . -1.58 33.33 12.01
H3 NAG P . 1.18 32.93 12.37
H4 NAG P . -0.65 33.33 14.44
H5 NAG P . 0.63 30.90 13.82
H61 NAG P . 0.23 30.89 16.04
H62 NAG P . -0.70 29.86 15.36
H81 NAG P . -1.37 33.85 7.51
H82 NAG P . 0.09 33.75 8.04
H83 NAG P . -0.63 35.15 7.98
HN2 NAG P . 0.30 33.03 10.07
HO3 NAG P . 1.11 34.99 13.09
HO4 NAG P . 1.07 33.27 15.65
HO6 NAG P . -1.80 31.23 16.76
C1 NAG Q . -8.43 10.47 -39.21
C2 NAG Q . -7.20 11.25 -39.67
C3 NAG Q . -7.30 12.71 -39.25
C4 NAG Q . -8.63 13.33 -39.65
C5 NAG Q . -9.77 12.44 -39.17
C6 NAG Q . -11.14 12.91 -39.59
C7 NAG Q . -5.61 10.47 -37.93
C8 NAG Q . -4.27 9.82 -37.72
N2 NAG Q . -5.96 10.65 -39.23
O3 NAG Q . -6.20 13.40 -39.80
O4 NAG Q . -8.69 14.61 -39.08
O5 NAG Q . -9.60 11.12 -39.66
O6 NAG Q . -11.17 13.09 -40.99
O7 NAG Q . -6.31 10.79 -36.99
H2 NAG Q . -7.19 11.22 -40.64
H3 NAG Q . -7.25 12.75 -38.28
H4 NAG Q . -8.65 13.37 -40.62
H5 NAG Q . -9.77 12.43 -38.20
H61 NAG Q . -11.34 13.73 -39.12
H62 NAG Q . -11.80 12.26 -39.30
H81 NAG Q . -3.71 10.40 -37.17
H82 NAG Q . -3.81 9.71 -38.56
H83 NAG Q . -4.31 8.95 -37.29
HN2 NAG Q . -5.42 10.40 -39.84
HO3 NAG Q . -6.25 14.21 -39.53
HO4 NAG Q . -9.20 15.10 -39.55
HO6 NAG Q . -11.92 13.44 -41.20
C1 NAG R . -29.14 -19.04 22.12
C2 NAG R . -28.36 -20.26 22.64
C3 NAG R . -27.90 -21.08 21.44
C4 NAG R . -29.13 -21.45 20.63
C5 NAG R . -29.88 -20.19 20.20
C6 NAG R . -31.11 -20.50 19.39
C7 NAG R . -27.28 -19.56 24.76
C8 NAG R . -25.96 -19.20 25.41
N2 NAG R . -27.22 -19.88 23.45
O3 NAG R . -27.22 -22.22 21.90
O4 NAG R . -28.70 -22.22 19.52
O5 NAG R . -30.25 -19.46 21.35
O6 NAG R . -32.01 -21.26 20.16
O7 NAG R . -28.32 -19.53 25.40
H2 NAG R . -28.95 -20.80 23.18
H3 NAG R . -27.32 -20.52 20.88
H4 NAG R . -29.71 -21.98 21.20
H5 NAG R . -29.29 -19.66 19.63
H61 NAG R . -30.84 -20.97 18.58
H62 NAG R . -31.50 -19.67 19.10
H81 NAG R . -26.02 -18.32 25.79
H82 NAG R . -25.26 -19.17 24.73
H83 NAG R . -25.68 -19.82 26.09
HN2 NAG R . -26.47 -19.88 23.06
HO3 NAG R . -26.95 -22.65 21.21
HO4 NAG R . -29.34 -22.72 19.27
HO6 NAG R . -32.29 -20.78 20.80
C1 NAG S . -50.33 -14.79 25.16
C2 NAG S . -51.53 -14.09 24.51
C3 NAG S . -52.72 -14.10 25.45
C4 NAG S . -53.00 -15.50 25.96
C5 NAG S . -51.74 -16.13 26.55
C6 NAG S . -51.97 -17.58 26.91
C7 NAG S . -50.59 -12.33 23.03
C8 NAG S . -50.35 -10.85 22.90
N2 NAG S . -51.21 -12.73 24.17
O3 NAG S . -53.81 -13.61 24.70
O4 NAG S . -54.00 -15.41 26.94
O5 NAG S . -50.66 -16.07 25.64
O6 NAG S . -50.85 -18.09 27.57
O7 NAG S . -50.24 -13.11 22.17
H2 NAG S . -51.76 -14.56 23.69
H3 NAG S . -52.53 -13.52 26.21
H4 NAG S . -53.30 -16.04 25.21
H5 NAG S . -51.52 -15.67 27.37
H61 NAG S . -52.17 -18.07 26.09
H62 NAG S . -52.78 -17.63 27.45
H81 NAG S . -49.40 -10.69 22.77
H82 NAG S . -50.60 -10.40 23.72
H83 NAG S . -50.83 -10.44 22.18
HN2 NAG S . -51.42 -12.12 24.75
HO3 NAG S . -54.49 -13.58 25.22
HO4 NAG S . -54.43 -16.14 26.98
HO6 NAG S . -50.16 -17.95 27.10
C1 NAG T . -40.18 -8.63 -4.13
C2 NAG T . -40.74 -9.51 -5.26
C3 NAG T . -41.90 -8.74 -5.89
C4 NAG T . -42.92 -8.40 -4.82
C5 NAG T . -42.26 -7.59 -3.70
C6 NAG T . -43.22 -7.27 -2.59
C7 NAG T . -39.00 -10.88 -6.52
C8 NAG T . -39.28 -12.21 -5.85
N2 NAG T . -39.73 -9.76 -6.26
O3 NAG T . -42.44 -9.56 -6.90
O4 NAG T . -43.97 -7.68 -5.43
O5 NAG T . -41.17 -8.32 -3.18
O6 NAG T . -43.45 -8.41 -1.80
O7 NAG T . -38.15 -10.85 -7.40
H2 NAG T . -41.09 -10.32 -4.89
H3 NAG T . -41.56 -7.92 -6.27
H4 NAG T . -43.25 -9.24 -4.46
H5 NAG T . -41.96 -6.75 -4.07
H61 NAG T . -44.03 -6.91 -2.96
H62 NAG T . -42.83 -6.54 -2.06
H81 NAG T . -39.17 -12.91 -6.51
H82 NAG T . -40.19 -12.28 -5.56
H83 NAG T . -38.70 -12.40 -5.09
HN2 NAG T . -39.47 -9.06 -6.66
HO3 NAG T . -43.07 -9.13 -7.28
HO4 NAG T . -44.68 -7.79 -4.98
HO6 NAG T . -42.72 -8.62 -1.41
#